data_4GTW
#
_entry.id   4GTW
#
_cell.length_a   105.283
_cell.length_b   105.283
_cell.length_c   173.685
_cell.angle_alpha   90.000
_cell.angle_beta   90.000
_cell.angle_gamma   120.000
#
_symmetry.space_group_name_H-M   'P 31'
#
loop_
_entity.id
_entity.type
_entity.pdbx_description
1 polymer 'Ectonucleotide pyrophosphatase/phosphodiesterase family member 2, Alkaline phosphodiesterase I'
2 branched alpha-D-mannopyranose-(1-3)-alpha-D-mannopyranose-(1-6)-[alpha-D-mannopyranose-(1-3)]beta-D-mannopyranose-(1-4)-2-acetamido-2-deoxy-beta-D-glucopyranose-(1-4)-2-acetamido-2-deoxy-beta-D-glucopyranose
3 branched 2-acetamido-2-deoxy-beta-D-glucopyranose-(1-4)-2-acetamido-2-deoxy-beta-D-glucopyranose
4 non-polymer 2-acetamido-2-deoxy-beta-D-glucopyranose
5 non-polymer 'ADENOSINE MONOPHOSPHATE'
6 non-polymer 'ZINC ION'
7 non-polymer 'CALCIUM ION'
8 water water
#
_entity_poly.entity_id   1
_entity_poly.type   'polypeptide(L)'
_entity_poly.pdbx_seq_one_letter_code
;WTNTSGSCRGRCFERTFSNCRCDAACVSLGNCCLDFQETCVEPTHIWTCNKFRCGEKRLSRFVCSCADDCKTHNDCCINY
SSVCQDKKSWVEETCESIDTPECPAEFESPPTLLFSLDGFRAEYLHTWGGLLPVISKLKNCGTYTKN(MSE)RP(MSE)Y
PTKTFPNHYSIVTGLYPESHGIIDNK(MSE)YDPK(MSE)NASFSLKSKEKFNPLWYKGQPIWVTANHQEVKSGTYFWPG
SDVEIDGILPDIYKVYNGSVPFEERILAVLEWLQLPSHERPHFYTLYLEEPDSSGHSHGPVSSEVIKALQKVDRLVG
(MSE)L(MSE)DGLKDLGLDKCLNLILISDHG(MSE)EQGSCKKYVYLNKYLGDVNNVKVVYGPAARLRPTDVPETYYSF
NYEALAKNLSCREPNQHFRPYLKPFLPKRLHFAKSDRIEPLTFYLDPQWQLALNPSERKYCGSGFHGSDNLFSN(MSE)Q
ALFIGYGPAFKHGAEVDSFENIEVYNL(MSE)CDLLGLIPAPNNGSHGSLNHLLKKPIYNPSHPKEEGFLSQCPIKSTSN
DLGCTCDPWIVPIKDFEKQLNLTTEDDDIYH(MSE)TVPYGRPRILLKQHRVCLLQQQQFLTGYSLDLL(MSE)PLWASY
TFLSNDQFSRDDFSNCLYQDLRIPLSPVHKCSYYKSNSKLSYGFLTPPRLNRVSNHIYSEALLTSNIVP(MSE)YQSFQV
IWHYLHDTLLQRYAHERNGINVVSGPVFDFDYDGRYDSLEILKQNSRVIRSQEILIPTHFFIVLTSCKQLSETPLECSAL
ESSAYILPHRPDNIESCTHGKRESSWVEELLTLHRARVTDVELITGLSFYQDRQESVSELLRLKTHLPIFSQED
;
_entity_poly.pdbx_strand_id   A,B
#
loop_
_chem_comp.id
_chem_comp.type
_chem_comp.name
_chem_comp.formula
AMP non-polymer 'ADENOSINE MONOPHOSPHATE' 'C10 H14 N5 O7 P'
BMA D-saccharide, beta linking beta-D-mannopyranose 'C6 H12 O6'
CA non-polymer 'CALCIUM ION' 'Ca 2'
MAN D-saccharide, alpha linking alpha-D-mannopyranose 'C6 H12 O6'
NAG D-saccharide, beta linking 2-acetamido-2-deoxy-beta-D-glucopyranose 'C8 H15 N O6'
ZN non-polymer 'ZINC ION' 'Zn 2'
#
# COMPACT_ATOMS: atom_id res chain seq x y z
N LYS A 88 -1.46 23.24 32.75
CA LYS A 88 -2.39 22.78 31.73
C LYS A 88 -2.55 21.27 31.75
N SER A 89 -3.78 20.81 31.76
CA SER A 89 -4.09 19.37 31.76
C SER A 89 -3.75 18.78 30.39
N TRP A 90 -3.67 17.45 30.32
CA TRP A 90 -3.32 16.77 29.09
C TRP A 90 -4.34 17.03 27.98
N VAL A 91 -5.61 17.08 28.33
CA VAL A 91 -6.65 17.32 27.33
C VAL A 91 -6.57 18.76 26.79
N GLU A 92 -6.05 19.67 27.59
CA GLU A 92 -5.95 21.07 27.18
C GLU A 92 -4.77 21.33 26.25
N GLU A 93 -3.77 20.45 26.30
CA GLU A 93 -2.60 20.57 25.43
C GLU A 93 -2.88 20.04 24.03
N THR A 94 -2.14 20.55 23.06
CA THR A 94 -2.31 20.13 21.67
C THR A 94 -1.55 18.84 21.40
N CYS A 95 -1.59 18.40 20.15
CA CYS A 95 -0.91 17.18 19.72
C CYS A 95 0.60 17.35 19.68
N GLU A 96 1.32 16.33 20.11
CA GLU A 96 2.77 16.34 20.05
C GLU A 96 3.27 15.03 19.45
N SER A 97 4.10 15.15 18.42
CA SER A 97 4.63 13.98 17.73
C SER A 97 5.63 13.23 18.59
N ILE A 98 5.34 11.97 18.87
CA ILE A 98 6.24 11.15 19.66
C ILE A 98 6.94 10.16 18.73
N ASP A 99 7.85 10.68 17.91
CA ASP A 99 8.60 9.84 16.97
C ASP A 99 9.55 8.93 17.71
N THR A 100 10.16 9.47 18.76
CA THR A 100 11.05 8.71 19.62
C THR A 100 10.54 8.75 21.06
N PRO A 101 10.39 7.58 21.69
CA PRO A 101 9.87 7.48 23.06
C PRO A 101 10.73 8.23 24.07
N GLU A 102 10.11 9.15 24.80
CA GLU A 102 10.80 9.89 25.86
C GLU A 102 10.53 9.25 27.21
N CYS A 103 11.34 8.25 27.58
CA CYS A 103 11.08 7.56 28.84
C CYS A 103 12.02 8.02 29.95
N PRO A 104 11.47 8.17 31.17
CA PRO A 104 12.20 8.49 32.40
C PRO A 104 13.22 7.41 32.71
N ALA A 105 14.15 7.70 33.63
CA ALA A 105 15.14 6.70 34.00
C ALA A 105 14.42 5.50 34.62
N GLU A 106 15.10 4.36 34.67
CA GLU A 106 14.56 3.09 35.16
C GLU A 106 13.63 2.43 34.14
N PHE A 107 13.34 3.11 33.04
CA PHE A 107 12.52 2.55 31.98
C PHE A 107 13.39 2.30 30.76
N GLU A 108 13.38 1.08 30.26
CA GLU A 108 14.17 0.72 29.09
C GLU A 108 13.31 0.79 27.84
N SER A 109 12.03 0.47 28.01
CA SER A 109 11.07 0.50 26.91
C SER A 109 9.66 0.82 27.43
N PRO A 110 8.86 1.53 26.61
CA PRO A 110 7.50 1.94 26.96
C PRO A 110 6.58 0.76 27.24
N PRO A 111 5.89 0.77 28.39
CA PRO A 111 4.93 -0.28 28.75
C PRO A 111 3.67 -0.20 27.87
N THR A 112 2.82 -1.21 27.95
CA THR A 112 1.60 -1.25 27.16
C THR A 112 0.36 -1.46 28.03
N LEU A 113 -0.54 -0.46 28.03
CA LEU A 113 -1.77 -0.54 28.81
C LEU A 113 -3.00 -0.82 27.93
N LEU A 114 -3.78 -1.83 28.32
CA LEU A 114 -5.01 -2.17 27.63
C LEU A 114 -6.23 -1.68 28.41
N PHE A 115 -6.76 -0.54 27.96
CA PHE A 115 -7.90 0.10 28.62
C PHE A 115 -9.19 -0.29 27.89
N SER A 116 -10.09 -0.95 28.60
CA SER A 116 -11.34 -1.40 28.00
C SER A 116 -12.54 -0.63 28.53
N LEU A 117 -13.44 -0.28 27.61
CA LEU A 117 -14.68 0.39 27.96
C LEU A 117 -15.85 -0.46 27.47
N ASP A 118 -16.40 -1.27 28.36
CA ASP A 118 -17.43 -2.23 27.99
C ASP A 118 -18.65 -1.55 27.39
N GLY A 119 -19.15 -2.08 26.27
CA GLY A 119 -20.36 -1.57 25.67
C GLY A 119 -20.21 -0.25 24.93
N PHE A 120 -18.98 0.07 24.56
CA PHE A 120 -18.70 1.30 23.82
C PHE A 120 -18.93 1.07 22.32
N ARG A 121 -20.15 1.30 21.88
CA ARG A 121 -20.48 1.13 20.47
C ARG A 121 -19.73 2.14 19.61
N ALA A 122 -19.34 1.73 18.41
CA ALA A 122 -18.51 2.57 17.55
C ALA A 122 -19.20 3.85 17.13
N GLU A 123 -20.52 3.81 17.03
CA GLU A 123 -21.31 4.98 16.62
C GLU A 123 -21.23 6.11 17.65
N TYR A 124 -20.93 5.75 18.90
CA TYR A 124 -20.82 6.73 19.97
C TYR A 124 -19.80 7.83 19.68
N LEU A 125 -18.59 7.44 19.32
CA LEU A 125 -17.52 8.39 19.02
C LEU A 125 -17.77 9.13 17.71
N HIS A 126 -18.45 8.47 16.78
CA HIS A 126 -18.80 9.06 15.50
C HIS A 126 -19.72 10.26 15.72
N THR A 127 -20.72 10.05 16.58
CA THR A 127 -21.77 11.02 16.83
C THR A 127 -21.46 11.99 17.97
N TRP A 128 -20.97 11.46 19.09
CA TRP A 128 -20.76 12.27 20.28
C TRP A 128 -19.31 12.70 20.48
N GLY A 129 -18.63 13.01 19.38
CA GLY A 129 -17.25 13.45 19.45
C GLY A 129 -17.10 14.79 20.13
N GLY A 130 -18.08 15.67 19.93
CA GLY A 130 -18.02 17.00 20.51
C GLY A 130 -18.27 16.99 22.00
N LEU A 131 -18.78 15.87 22.51
CA LEU A 131 -19.04 15.73 23.95
C LEU A 131 -17.94 14.96 24.66
N LEU A 132 -17.01 14.40 23.88
CA LEU A 132 -15.92 13.61 24.44
C LEU A 132 -14.57 14.18 24.02
N PRO A 133 -14.10 15.22 24.73
CA PRO A 133 -12.86 15.92 24.36
C PRO A 133 -11.60 15.08 24.56
N VAL A 134 -11.59 14.24 25.60
CA VAL A 134 -10.43 13.41 25.90
C VAL A 134 -10.28 12.28 24.87
N ILE A 135 -11.36 11.55 24.63
CA ILE A 135 -11.35 10.45 23.70
C ILE A 135 -11.04 10.93 22.28
N SER A 136 -11.58 12.09 21.93
CA SER A 136 -11.34 12.67 20.60
C SER A 136 -9.89 13.04 20.36
N LYS A 137 -9.20 13.50 21.41
CA LYS A 137 -7.79 13.87 21.26
C LYS A 137 -6.92 12.63 21.06
N LEU A 138 -7.23 11.56 21.77
CA LEU A 138 -6.54 10.28 21.57
C LEU A 138 -6.74 9.79 20.15
N LYS A 139 -7.93 10.06 19.62
CA LYS A 139 -8.27 9.71 18.25
C LYS A 139 -7.47 10.58 17.27
N ASN A 140 -7.47 11.87 17.51
CA ASN A 140 -6.83 12.83 16.61
C ASN A 140 -5.31 12.80 16.64
N CYS A 141 -4.74 12.27 17.73
CA CYS A 141 -3.29 12.21 17.89
C CYS A 141 -2.77 10.77 17.85
N GLY A 142 -3.66 9.83 17.58
CA GLY A 142 -3.28 8.42 17.56
C GLY A 142 -3.79 7.70 16.33
N THR A 143 -3.80 6.38 16.39
CA THR A 143 -4.30 5.56 15.28
C THR A 143 -5.73 5.11 15.58
N TYR A 144 -6.66 5.53 14.72
CA TYR A 144 -8.07 5.27 14.95
C TYR A 144 -8.70 4.50 13.80
N THR A 145 -9.76 3.77 14.10
CA THR A 145 -10.53 3.06 13.09
C THR A 145 -12.02 3.26 13.37
N LYS A 146 -12.74 3.73 12.34
CA LYS A 146 -14.17 3.97 12.42
C LYS A 146 -14.93 2.82 13.08
N ASN A 147 -14.61 1.60 12.67
CA ASN A 147 -15.26 0.42 13.20
C ASN A 147 -14.29 -0.72 13.45
N MSE A 148 -14.33 -1.29 14.65
CA MSE A 148 -13.56 -2.49 14.92
C MSE A 148 -14.51 -3.66 15.08
O MSE A 148 -15.39 -3.65 15.94
CB MSE A 148 -12.72 -2.34 16.20
CG MSE A 148 -11.76 -3.48 16.41
SE MSE A 148 -11.08 -3.58 18.23
CE MSE A 148 -9.41 -4.48 17.85
N ARG A 149 -14.34 -4.69 14.25
CA ARG A 149 -15.25 -5.82 14.26
C ARG A 149 -14.92 -6.81 15.36
N PRO A 150 -15.89 -7.06 16.24
CA PRO A 150 -15.73 -7.99 17.38
C PRO A 150 -16.09 -9.41 16.97
N MSE A 151 -15.97 -10.36 17.89
CA MSE A 151 -16.27 -11.75 17.59
C MSE A 151 -17.74 -12.10 17.83
O MSE A 151 -18.50 -11.30 18.36
CB MSE A 151 -15.36 -12.70 18.37
CG MSE A 151 -13.91 -12.68 17.92
SE MSE A 151 -13.69 -12.75 15.98
CE MSE A 151 -14.86 -14.28 15.57
N TYR A 152 -18.11 -13.32 17.44
CA TYR A 152 -19.49 -13.78 17.61
C TYR A 152 -19.54 -14.89 18.65
N PRO A 153 -20.52 -14.82 19.57
CA PRO A 153 -21.49 -13.73 19.71
C PRO A 153 -20.88 -12.50 20.34
N THR A 154 -21.54 -11.37 20.21
CA THR A 154 -21.00 -10.11 20.68
C THR A 154 -21.23 -9.95 22.19
N LYS A 155 -20.46 -10.68 22.99
CA LYS A 155 -20.59 -10.68 24.44
C LYS A 155 -19.27 -10.29 25.08
N THR A 156 -19.33 -9.89 26.34
CA THR A 156 -18.17 -9.39 27.07
C THR A 156 -17.05 -10.41 27.15
N PHE A 157 -17.31 -11.52 27.82
CA PHE A 157 -16.29 -12.55 28.05
C PHE A 157 -15.64 -13.16 26.79
N PRO A 158 -16.45 -13.56 25.79
CA PRO A 158 -15.81 -14.13 24.61
C PRO A 158 -14.88 -13.14 23.90
N ASN A 159 -15.35 -11.91 23.74
CA ASN A 159 -14.58 -10.89 23.04
C ASN A 159 -13.35 -10.42 23.83
N HIS A 160 -13.55 -10.15 25.12
CA HIS A 160 -12.46 -9.73 25.99
C HIS A 160 -11.35 -10.78 26.03
N TYR A 161 -11.74 -12.05 25.93
CA TYR A 161 -10.78 -13.13 25.94
C TYR A 161 -10.20 -13.39 24.56
N SER A 162 -10.97 -13.05 23.53
CA SER A 162 -10.49 -13.18 22.15
C SER A 162 -9.46 -12.11 21.82
N ILE A 163 -9.59 -10.95 22.48
CA ILE A 163 -8.64 -9.86 22.31
C ILE A 163 -7.25 -10.28 22.79
N VAL A 164 -7.20 -10.86 23.99
CA VAL A 164 -5.93 -11.21 24.61
C VAL A 164 -5.39 -12.58 24.19
N THR A 165 -6.14 -13.30 23.37
CA THR A 165 -5.69 -14.59 22.88
C THR A 165 -5.54 -14.60 21.36
N GLY A 166 -6.23 -13.69 20.69
CA GLY A 166 -6.20 -13.61 19.25
C GLY A 166 -6.87 -14.82 18.62
N LEU A 167 -7.71 -15.48 19.40
CA LEU A 167 -8.38 -16.70 18.95
C LEU A 167 -9.88 -16.49 18.78
N TYR A 168 -10.46 -17.30 17.90
CA TYR A 168 -11.90 -17.35 17.73
C TYR A 168 -12.51 -17.95 19.00
N PRO A 169 -13.71 -17.49 19.39
CA PRO A 169 -14.39 -18.02 20.57
C PRO A 169 -14.55 -19.54 20.52
N GLU A 170 -14.69 -20.09 19.31
CA GLU A 170 -14.84 -21.53 19.14
C GLU A 170 -13.57 -22.27 19.51
N SER A 171 -12.47 -21.55 19.65
CA SER A 171 -11.17 -22.18 19.89
C SER A 171 -10.57 -21.88 21.26
N HIS A 172 -10.92 -20.75 21.85
CA HIS A 172 -10.36 -20.40 23.15
C HIS A 172 -11.27 -20.80 24.31
N GLY A 173 -12.42 -21.37 23.98
CA GLY A 173 -13.29 -21.96 24.98
C GLY A 173 -14.40 -21.08 25.52
N ILE A 174 -14.18 -19.78 25.58
CA ILE A 174 -15.20 -18.89 26.12
C ILE A 174 -16.17 -18.49 25.02
N ILE A 175 -17.19 -19.32 24.83
CA ILE A 175 -18.16 -19.14 23.75
C ILE A 175 -19.15 -18.02 24.06
N ASP A 176 -19.64 -17.98 25.29
CA ASP A 176 -20.62 -16.97 25.69
C ASP A 176 -20.44 -16.64 27.18
N ASN A 177 -21.12 -15.60 27.63
CA ASN A 177 -21.16 -15.29 29.05
C ASN A 177 -21.78 -16.44 29.84
N LYS A 178 -22.84 -17.01 29.28
CA LYS A 178 -23.48 -18.18 29.85
C LYS A 178 -23.45 -19.33 28.85
N MSE A 179 -22.88 -20.45 29.26
CA MSE A 179 -22.76 -21.62 28.38
C MSE A 179 -22.75 -22.92 29.17
O MSE A 179 -22.92 -22.93 30.39
CB MSE A 179 -21.49 -21.50 27.54
CG MSE A 179 -20.25 -21.17 28.34
SE MSE A 179 -18.60 -21.40 27.33
CE MSE A 179 -17.36 -20.61 28.61
N TYR A 180 -22.53 -24.02 28.47
CA TYR A 180 -22.50 -25.34 29.09
C TYR A 180 -21.62 -26.35 28.34
N ASP A 181 -20.85 -27.12 29.10
CA ASP A 181 -20.01 -28.16 28.53
C ASP A 181 -20.57 -29.55 28.84
N PRO A 182 -20.97 -30.29 27.80
CA PRO A 182 -21.55 -31.63 27.96
C PRO A 182 -20.55 -32.63 28.55
N LYS A 183 -19.31 -32.57 28.07
CA LYS A 183 -18.27 -33.50 28.48
C LYS A 183 -17.86 -33.29 29.93
N MSE A 184 -18.22 -32.14 30.49
CA MSE A 184 -17.93 -31.83 31.88
C MSE A 184 -19.20 -31.88 32.73
O MSE A 184 -19.12 -32.00 33.95
CB MSE A 184 -17.28 -30.45 32.00
CG MSE A 184 -15.88 -30.37 31.43
SE MSE A 184 -15.11 -28.61 31.74
CE MSE A 184 -15.40 -28.50 33.66
N ASN A 185 -20.35 -31.79 32.08
CA ASN A 185 -21.64 -31.72 32.76
C ASN A 185 -21.67 -30.57 33.75
N ALA A 186 -21.26 -29.39 33.29
CA ALA A 186 -21.20 -28.20 34.13
C ALA A 186 -21.54 -26.95 33.35
N SER A 187 -22.22 -26.02 34.00
CA SER A 187 -22.62 -24.77 33.36
C SER A 187 -21.61 -23.67 33.68
N PHE A 188 -21.68 -22.57 32.93
CA PHE A 188 -20.76 -21.46 33.12
C PHE A 188 -21.56 -20.17 33.28
N SER A 189 -21.09 -19.32 34.20
CA SER A 189 -21.73 -18.04 34.46
C SER A 189 -20.73 -17.06 35.06
N LEU A 190 -21.01 -15.77 34.91
CA LEU A 190 -20.13 -14.74 35.46
C LEU A 190 -20.16 -14.75 36.98
N LYS A 191 -21.36 -14.90 37.53
CA LYS A 191 -21.53 -15.03 38.98
C LYS A 191 -21.64 -16.50 39.35
N SER A 192 -20.54 -17.23 39.26
CA SER A 192 -20.54 -18.67 39.53
C SER A 192 -19.16 -19.17 39.91
N LYS A 193 -19.13 -20.33 40.58
CA LYS A 193 -17.87 -20.92 40.99
C LYS A 193 -17.15 -21.59 39.83
N GLU A 194 -17.91 -21.96 38.80
CA GLU A 194 -17.33 -22.61 37.63
C GLU A 194 -16.52 -21.62 36.80
N LYS A 195 -16.74 -20.34 37.02
CA LYS A 195 -16.00 -19.30 36.31
C LYS A 195 -14.50 -19.41 36.58
N PHE A 196 -14.15 -19.73 37.83
CA PHE A 196 -12.76 -19.79 38.25
C PHE A 196 -12.13 -21.14 37.95
N ASN A 197 -12.82 -21.95 37.15
CA ASN A 197 -12.30 -23.25 36.75
C ASN A 197 -11.42 -23.14 35.50
N PRO A 198 -10.13 -23.48 35.64
CA PRO A 198 -9.14 -23.38 34.56
C PRO A 198 -9.41 -24.29 33.36
N LEU A 199 -10.36 -25.20 33.51
CA LEU A 199 -10.68 -26.12 32.43
C LEU A 199 -11.50 -25.47 31.32
N TRP A 200 -12.00 -24.27 31.60
CA TRP A 200 -12.80 -23.54 30.61
C TRP A 200 -11.91 -22.75 29.65
N TYR A 201 -10.90 -22.10 30.21
CA TYR A 201 -10.03 -21.21 29.44
C TYR A 201 -8.97 -21.96 28.65
N LYS A 202 -9.11 -21.96 27.33
CA LYS A 202 -8.15 -22.56 26.45
C LYS A 202 -7.24 -21.50 25.84
N GLY A 203 -6.35 -21.92 24.96
CA GLY A 203 -5.44 -21.00 24.30
C GLY A 203 -4.40 -20.46 25.25
N GLN A 204 -3.83 -19.31 24.91
CA GLN A 204 -2.80 -18.70 25.73
C GLN A 204 -2.90 -17.17 25.69
N PRO A 205 -3.41 -16.57 26.78
CA PRO A 205 -3.52 -15.10 26.83
C PRO A 205 -2.16 -14.42 26.90
N ILE A 206 -2.14 -13.12 26.62
CA ILE A 206 -0.88 -12.36 26.50
C ILE A 206 -0.07 -12.36 27.80
N TRP A 207 -0.74 -12.29 28.94
CA TRP A 207 -0.03 -12.26 30.22
C TRP A 207 0.67 -13.58 30.51
N VAL A 208 0.11 -14.67 30.00
CA VAL A 208 0.75 -15.98 30.09
C VAL A 208 1.94 -16.04 29.15
N THR A 209 1.75 -15.48 27.95
CA THR A 209 2.80 -15.40 26.95
C THR A 209 3.97 -14.56 27.46
N ALA A 210 3.65 -13.43 28.08
CA ALA A 210 4.67 -12.54 28.64
C ALA A 210 5.45 -13.22 29.76
N ASN A 211 4.76 -14.05 30.53
CA ASN A 211 5.38 -14.76 31.65
C ASN A 211 6.42 -15.78 31.20
N HIS A 212 6.15 -16.47 30.09
CA HIS A 212 7.07 -17.46 29.55
C HIS A 212 8.33 -16.82 28.98
N GLN A 213 8.23 -15.54 28.63
CA GLN A 213 9.35 -14.83 28.06
C GLN A 213 9.87 -13.75 29.02
N GLU A 214 9.65 -14.00 30.31
CA GLU A 214 10.19 -13.16 31.39
C GLU A 214 9.75 -11.70 31.30
N VAL A 215 8.44 -11.50 31.15
CA VAL A 215 7.88 -10.16 31.15
C VAL A 215 6.74 -10.04 32.15
N LYS A 216 6.90 -9.16 33.13
CA LYS A 216 5.91 -9.00 34.18
C LYS A 216 4.64 -8.31 33.66
N SER A 217 3.50 -8.65 34.26
CA SER A 217 2.22 -8.10 33.81
C SER A 217 1.31 -7.82 35.01
N GLY A 218 0.72 -6.62 35.02
CA GLY A 218 -0.19 -6.23 36.08
C GLY A 218 -1.57 -5.88 35.54
N THR A 219 -2.54 -6.74 35.82
CA THR A 219 -3.89 -6.58 35.29
C THR A 219 -4.89 -6.12 36.33
N TYR A 220 -6.02 -5.58 35.87
CA TYR A 220 -7.09 -5.12 36.75
C TYR A 220 -8.47 -5.38 36.13
N PHE A 221 -9.12 -6.44 36.63
CA PHE A 221 -10.48 -6.80 36.22
C PHE A 221 -10.63 -7.18 34.75
N TRP A 222 -9.71 -8.00 34.24
CA TRP A 222 -9.84 -8.52 32.89
C TRP A 222 -10.25 -9.99 32.92
N PRO A 223 -11.24 -10.36 32.07
CA PRO A 223 -11.75 -11.73 31.97
C PRO A 223 -10.63 -12.75 31.72
N GLY A 224 -10.43 -13.64 32.68
CA GLY A 224 -9.39 -14.66 32.58
C GLY A 224 -8.20 -14.36 33.46
N SER A 225 -8.23 -13.19 34.11
CA SER A 225 -7.15 -12.79 35.00
C SER A 225 -7.31 -13.41 36.38
N ASP A 226 -8.56 -13.62 36.80
CA ASP A 226 -8.80 -14.24 38.09
C ASP A 226 -8.39 -15.71 38.07
N VAL A 227 -8.68 -16.38 36.96
CA VAL A 227 -8.34 -17.78 36.81
C VAL A 227 -6.90 -17.95 36.33
N GLU A 228 -6.24 -19.02 36.79
CA GLU A 228 -4.88 -19.31 36.35
C GLU A 228 -4.92 -20.23 35.14
N ILE A 229 -4.33 -19.78 34.04
CA ILE A 229 -4.26 -20.58 32.82
C ILE A 229 -2.84 -21.14 32.65
N ASP A 230 -2.75 -22.44 32.40
CA ASP A 230 -1.48 -23.15 32.29
C ASP A 230 -0.61 -22.96 33.55
N GLY A 231 -1.28 -22.83 34.69
CA GLY A 231 -0.62 -22.65 35.97
C GLY A 231 0.09 -21.33 36.12
N ILE A 232 -0.32 -20.36 35.31
CA ILE A 232 0.29 -19.04 35.30
C ILE A 232 -0.70 -17.95 35.70
N LEU A 233 -0.27 -17.04 36.57
CA LEU A 233 -1.08 -15.90 36.96
C LEU A 233 -0.27 -14.64 36.73
N PRO A 234 -0.95 -13.55 36.34
CA PRO A 234 -0.27 -12.25 36.18
C PRO A 234 0.39 -11.81 37.48
N ASP A 235 1.56 -11.18 37.37
CA ASP A 235 2.36 -10.81 38.54
C ASP A 235 1.56 -9.94 39.51
N ILE A 236 0.65 -9.14 38.97
CA ILE A 236 -0.29 -8.37 39.78
C ILE A 236 -1.69 -8.49 39.22
N TYR A 237 -2.59 -9.10 39.99
CA TYR A 237 -3.96 -9.29 39.55
C TYR A 237 -4.98 -8.90 40.62
N LYS A 238 -6.24 -8.85 40.22
CA LYS A 238 -7.33 -8.53 41.11
C LYS A 238 -8.59 -9.29 40.73
N VAL A 239 -9.08 -10.13 41.64
CA VAL A 239 -10.32 -10.86 41.42
C VAL A 239 -11.48 -9.89 41.19
N TYR A 240 -12.31 -10.17 40.19
CA TYR A 240 -13.32 -9.20 39.74
C TYR A 240 -14.30 -8.76 40.82
N ASN A 241 -14.40 -7.45 40.99
CA ASN A 241 -15.34 -6.85 41.94
C ASN A 241 -15.93 -5.58 41.31
N GLY A 242 -17.13 -5.68 40.77
CA GLY A 242 -17.76 -4.57 40.08
C GLY A 242 -18.11 -3.39 40.97
N SER A 243 -17.98 -3.58 42.29
CA SER A 243 -18.31 -2.54 43.24
C SER A 243 -17.18 -1.53 43.39
N VAL A 244 -15.99 -1.91 42.94
CA VAL A 244 -14.81 -1.04 43.03
C VAL A 244 -14.98 0.21 42.17
N PRO A 245 -14.88 1.39 42.79
CA PRO A 245 -15.04 2.67 42.07
C PRO A 245 -13.99 2.82 40.97
N PHE A 246 -14.37 3.42 39.86
CA PHE A 246 -13.51 3.55 38.69
C PHE A 246 -12.23 4.35 39.01
N GLU A 247 -12.40 5.44 39.74
CA GLU A 247 -11.28 6.33 40.08
C GLU A 247 -10.19 5.58 40.85
N GLU A 248 -10.60 4.57 41.62
CA GLU A 248 -9.66 3.79 42.41
C GLU A 248 -8.90 2.81 41.53
N ARG A 249 -9.53 2.41 40.42
CA ARG A 249 -8.92 1.49 39.46
C ARG A 249 -7.76 2.15 38.72
N ILE A 250 -7.95 3.42 38.36
CA ILE A 250 -6.94 4.17 37.64
C ILE A 250 -5.72 4.40 38.53
N LEU A 251 -5.97 4.81 39.76
CA LEU A 251 -4.89 5.07 40.72
C LEU A 251 -4.11 3.80 41.02
N ALA A 252 -4.81 2.67 41.00
CA ALA A 252 -4.18 1.37 41.25
C ALA A 252 -3.12 1.07 40.20
N VAL A 253 -3.45 1.36 38.95
CA VAL A 253 -2.51 1.15 37.84
C VAL A 253 -1.38 2.17 37.93
N LEU A 254 -1.73 3.39 38.29
CA LEU A 254 -0.76 4.46 38.46
C LEU A 254 0.25 4.13 39.57
N GLU A 255 -0.21 3.40 40.59
CA GLU A 255 0.68 3.00 41.67
C GLU A 255 1.67 1.91 41.24
N TRP A 256 1.21 1.04 40.35
CA TRP A 256 2.04 -0.05 39.83
C TRP A 256 3.14 0.46 38.91
N LEU A 257 2.85 1.55 38.21
CA LEU A 257 3.82 2.17 37.30
C LEU A 257 5.04 2.73 38.03
N GLN A 258 4.93 2.81 39.36
CA GLN A 258 5.99 3.39 40.18
C GLN A 258 6.85 2.33 40.88
N LEU A 259 6.50 1.06 40.68
CA LEU A 259 7.25 -0.05 41.25
C LEU A 259 8.68 -0.09 40.72
N PRO A 260 9.63 -0.62 41.50
CA PRO A 260 11.02 -0.76 41.08
C PRO A 260 11.16 -1.46 39.73
N SER A 261 12.23 -1.14 39.01
CA SER A 261 12.44 -1.63 37.64
C SER A 261 12.40 -3.15 37.51
N HIS A 262 12.71 -3.86 38.59
CA HIS A 262 12.73 -5.32 38.55
C HIS A 262 11.38 -5.93 38.92
N GLU A 263 10.56 -5.15 39.61
CA GLU A 263 9.26 -5.65 40.07
C GLU A 263 8.10 -4.90 39.44
N ARG A 264 8.40 -4.11 38.40
CA ARG A 264 7.38 -3.32 37.73
C ARG A 264 6.92 -4.04 36.45
N PRO A 265 5.61 -4.23 36.32
CA PRO A 265 5.03 -4.88 35.14
C PRO A 265 5.25 -4.06 33.86
N HIS A 266 5.25 -4.75 32.73
CA HIS A 266 5.48 -4.13 31.44
C HIS A 266 4.18 -4.10 30.64
N PHE A 267 3.23 -4.92 31.07
CA PHE A 267 1.90 -4.96 30.45
C PHE A 267 0.81 -4.70 31.49
N TYR A 268 -0.15 -3.85 31.14
CA TYR A 268 -1.20 -3.44 32.07
C TYR A 268 -2.57 -3.50 31.42
N THR A 269 -3.60 -3.78 32.22
CA THR A 269 -4.97 -3.76 31.74
C THR A 269 -5.87 -2.89 32.60
N LEU A 270 -6.92 -2.35 31.98
CA LEU A 270 -7.93 -1.57 32.69
C LEU A 270 -9.30 -1.86 32.12
N TYR A 271 -10.28 -2.05 33.01
CA TYR A 271 -11.64 -2.37 32.57
C TYR A 271 -12.70 -1.54 33.30
N LEU A 272 -13.65 -1.02 32.54
CA LEU A 272 -14.78 -0.27 33.09
C LEU A 272 -16.08 -0.85 32.56
N GLU A 273 -17.09 -0.93 33.43
CA GLU A 273 -18.39 -1.48 33.05
C GLU A 273 -19.22 -0.51 32.22
N GLU A 274 -18.77 0.73 32.14
CA GLU A 274 -19.46 1.75 31.36
C GLU A 274 -18.85 1.87 29.97
N PRO A 275 -19.66 2.26 28.97
CA PRO A 275 -21.09 2.56 29.07
C PRO A 275 -22.01 1.36 28.80
N ASP A 276 -21.56 0.14 29.08
CA ASP A 276 -22.41 -1.02 28.87
C ASP A 276 -23.59 -1.03 29.85
N SER A 277 -23.31 -0.74 31.12
CA SER A 277 -24.33 -0.75 32.17
C SER A 277 -25.44 0.25 31.88
N SER A 278 -25.06 1.50 31.58
CA SER A 278 -26.02 2.54 31.26
C SER A 278 -26.69 2.26 29.93
N GLY A 279 -25.98 1.53 29.06
CA GLY A 279 -26.47 1.17 27.75
C GLY A 279 -27.62 0.19 27.82
N HIS A 280 -27.50 -0.78 28.73
CA HIS A 280 -28.54 -1.79 28.91
C HIS A 280 -29.82 -1.19 29.51
N SER A 281 -29.69 -0.43 30.58
CA SER A 281 -30.85 0.01 31.36
C SER A 281 -31.67 1.12 30.70
N HIS A 282 -31.06 1.86 29.78
CA HIS A 282 -31.74 3.01 29.18
C HIS A 282 -31.67 3.07 27.66
N GLY A 283 -30.78 2.29 27.05
CA GLY A 283 -30.67 2.26 25.61
C GLY A 283 -29.51 3.06 25.07
N PRO A 284 -29.06 2.74 23.84
CA PRO A 284 -27.94 3.40 23.18
C PRO A 284 -28.19 4.90 23.01
N VAL A 285 -29.45 5.25 22.78
CA VAL A 285 -29.84 6.65 22.63
C VAL A 285 -30.60 7.11 23.89
N SER A 286 -29.84 7.60 24.86
CA SER A 286 -30.42 8.06 26.12
C SER A 286 -29.57 9.15 26.75
N SER A 287 -30.09 9.73 27.82
CA SER A 287 -29.35 10.75 28.55
C SER A 287 -28.33 10.07 29.44
N GLU A 288 -28.61 8.82 29.79
CA GLU A 288 -27.75 8.09 30.72
C GLU A 288 -26.45 7.64 30.06
N VAL A 289 -26.51 7.33 28.76
CA VAL A 289 -25.30 6.94 28.04
C VAL A 289 -24.40 8.14 27.78
N ILE A 290 -25.03 9.29 27.55
CA ILE A 290 -24.30 10.54 27.38
C ILE A 290 -23.57 10.87 28.67
N LYS A 291 -24.27 10.71 29.79
CA LYS A 291 -23.66 10.90 31.10
C LYS A 291 -22.58 9.87 31.37
N ALA A 292 -22.79 8.67 30.83
CA ALA A 292 -21.81 7.59 30.97
C ALA A 292 -20.59 7.82 30.09
N LEU A 293 -20.83 8.26 28.85
CA LEU A 293 -19.75 8.55 27.92
C LEU A 293 -18.87 9.68 28.44
N GLN A 294 -19.51 10.71 28.99
CA GLN A 294 -18.80 11.84 29.56
C GLN A 294 -18.04 11.40 30.81
N LYS A 295 -18.63 10.49 31.57
CA LYS A 295 -17.98 9.96 32.77
C LYS A 295 -16.74 9.16 32.39
N VAL A 296 -16.86 8.31 31.38
CA VAL A 296 -15.72 7.52 30.95
C VAL A 296 -14.65 8.41 30.31
N ASP A 297 -15.10 9.47 29.64
CA ASP A 297 -14.19 10.40 28.99
C ASP A 297 -13.33 11.16 30.00
N ARG A 298 -13.95 11.59 31.09
CA ARG A 298 -13.23 12.35 32.11
C ARG A 298 -12.27 11.42 32.86
N LEU A 299 -12.66 10.15 32.97
CA LEU A 299 -11.87 9.13 33.65
C LEU A 299 -10.59 8.80 32.88
N VAL A 300 -10.68 8.83 31.56
CA VAL A 300 -9.51 8.64 30.70
C VAL A 300 -8.61 9.85 30.81
N GLY A 301 -9.22 11.03 30.91
CA GLY A 301 -8.49 12.27 31.08
C GLY A 301 -7.72 12.29 32.39
N MSE A 302 -8.27 11.62 33.40
CA MSE A 302 -7.59 11.51 34.69
C MSE A 302 -6.36 10.64 34.56
O MSE A 302 -5.32 10.93 35.16
CB MSE A 302 -8.54 10.91 35.74
CG MSE A 302 -7.89 10.67 37.10
SE MSE A 302 -9.09 9.82 38.36
CE MSE A 302 -10.55 11.12 38.32
N LEU A 303 -6.47 9.58 33.78
CA LEU A 303 -5.35 8.68 33.53
C LEU A 303 -4.23 9.41 32.81
N MSE A 304 -4.60 10.19 31.80
CA MSE A 304 -3.61 10.93 31.01
C MSE A 304 -2.94 12.02 31.83
O MSE A 304 -1.75 12.29 31.65
CB MSE A 304 -4.26 11.52 29.75
CG MSE A 304 -4.88 10.48 28.82
SE MSE A 304 -3.64 9.05 28.33
CE MSE A 304 -2.29 10.12 27.43
N ASP A 305 -3.69 12.64 32.73
CA ASP A 305 -3.12 13.61 33.65
C ASP A 305 -2.22 12.90 34.66
N GLY A 306 -2.61 11.69 35.03
CA GLY A 306 -1.81 10.88 35.95
C GLY A 306 -0.52 10.42 35.30
N LEU A 307 -0.58 10.09 34.01
CA LEU A 307 0.61 9.70 33.26
C LEU A 307 1.54 10.89 33.08
N LYS A 308 0.95 12.08 32.93
CA LYS A 308 1.72 13.30 32.74
C LYS A 308 2.46 13.71 34.01
N ASP A 309 1.80 13.54 35.15
CA ASP A 309 2.40 13.89 36.44
C ASP A 309 3.51 12.90 36.81
N LEU A 310 3.52 11.76 36.13
CA LEU A 310 4.56 10.75 36.34
C LEU A 310 5.61 10.86 35.24
N GLY A 311 5.40 11.79 34.31
CA GLY A 311 6.32 12.00 33.21
C GLY A 311 6.34 10.84 32.25
N LEU A 312 5.17 10.25 32.00
CA LEU A 312 5.06 9.07 31.15
C LEU A 312 4.05 9.27 30.02
N ASP A 313 3.58 10.51 29.84
CA ASP A 313 2.59 10.81 28.80
C ASP A 313 3.14 10.60 27.39
N LYS A 314 4.46 10.63 27.25
CA LYS A 314 5.09 10.33 25.97
C LYS A 314 5.99 9.10 26.08
N CYS A 315 5.63 8.20 26.99
CA CYS A 315 6.41 6.98 27.23
C CYS A 315 5.52 5.77 27.47
N LEU A 316 4.25 5.86 27.05
CA LEU A 316 3.31 4.76 27.24
C LEU A 316 2.50 4.48 25.97
N ASN A 317 2.36 3.20 25.65
CA ASN A 317 1.49 2.78 24.56
C ASN A 317 0.10 2.47 25.08
N LEU A 318 -0.89 3.27 24.67
CA LEU A 318 -2.26 3.09 25.11
C LEU A 318 -3.14 2.50 24.01
N ILE A 319 -3.88 1.46 24.36
CA ILE A 319 -4.86 0.88 23.46
C ILE A 319 -6.25 0.94 24.08
N LEU A 320 -7.01 1.96 23.69
CA LEU A 320 -8.37 2.15 24.19
C LEU A 320 -9.37 1.36 23.36
N ILE A 321 -9.87 0.27 23.91
CA ILE A 321 -10.67 -0.69 23.15
C ILE A 321 -12.00 -0.97 23.83
N SER A 322 -12.89 -1.65 23.12
CA SER A 322 -14.14 -2.14 23.69
C SER A 322 -14.48 -3.53 23.17
N ASP A 323 -15.39 -4.21 23.84
CA ASP A 323 -15.72 -5.59 23.51
C ASP A 323 -16.78 -5.71 22.42
N HIS A 324 -17.76 -4.83 22.46
CA HIS A 324 -18.89 -4.90 21.53
C HIS A 324 -19.66 -3.58 21.47
N GLY A 325 -20.79 -3.62 20.76
CA GLY A 325 -21.65 -2.46 20.64
C GLY A 325 -22.91 -2.57 21.47
N MSE A 326 -23.96 -1.87 21.06
CA MSE A 326 -25.21 -1.86 21.81
C MSE A 326 -26.40 -1.61 20.87
O MSE A 326 -26.36 -0.71 20.04
CB MSE A 326 -25.18 -0.80 22.90
CG MSE A 326 -26.39 -0.82 23.82
SE MSE A 326 -26.45 -2.41 24.95
CE MSE A 326 -24.82 -2.13 25.97
N GLU A 327 -27.44 -2.42 21.02
CA GLU A 327 -28.64 -2.29 20.20
C GLU A 327 -29.89 -2.13 21.06
N GLN A 328 -30.84 -1.33 20.59
CA GLN A 328 -32.09 -1.10 21.31
C GLN A 328 -33.08 -2.25 21.14
N GLY A 329 -33.36 -2.96 22.23
CA GLY A 329 -34.32 -4.04 22.21
C GLY A 329 -35.74 -3.55 22.31
N SER A 330 -36.69 -4.39 21.90
CA SER A 330 -38.11 -4.03 21.92
C SER A 330 -38.98 -5.23 22.31
N CYS A 331 -40.10 -4.94 22.97
CA CYS A 331 -41.05 -5.98 23.35
C CYS A 331 -41.75 -6.53 22.11
N LYS A 332 -41.99 -5.66 21.14
CA LYS A 332 -42.66 -6.06 19.92
C LYS A 332 -41.74 -6.90 19.05
N LYS A 333 -40.44 -6.70 19.21
CA LYS A 333 -39.45 -7.42 18.42
C LYS A 333 -38.74 -8.50 19.24
N TYR A 334 -39.51 -9.49 19.69
CA TYR A 334 -38.96 -10.62 20.45
C TYR A 334 -39.62 -11.92 20.01
N VAL A 335 -38.82 -12.98 19.96
CA VAL A 335 -39.30 -14.28 19.49
C VAL A 335 -39.38 -15.30 20.64
N TYR A 336 -40.55 -15.89 20.80
CA TYR A 336 -40.76 -16.89 21.84
C TYR A 336 -41.02 -18.25 21.19
N LEU A 337 -40.17 -19.23 21.50
CA LEU A 337 -40.22 -20.56 20.88
C LEU A 337 -41.50 -21.34 21.20
N ASN A 338 -42.12 -21.02 22.34
CA ASN A 338 -43.31 -21.73 22.79
C ASN A 338 -44.47 -21.64 21.80
N LYS A 339 -44.50 -20.56 21.03
CA LYS A 339 -45.56 -20.33 20.06
C LYS A 339 -45.56 -21.39 18.96
N TYR A 340 -44.42 -22.02 18.75
CA TYR A 340 -44.29 -23.07 17.74
C TYR A 340 -44.15 -24.44 18.41
N LEU A 341 -43.73 -24.44 19.67
CA LEU A 341 -43.48 -25.69 20.38
C LEU A 341 -44.47 -25.99 21.50
N GLY A 342 -44.92 -24.94 22.19
CA GLY A 342 -45.81 -25.13 23.33
C GLY A 342 -45.01 -25.05 24.61
N ASP A 343 -45.70 -25.01 25.75
CA ASP A 343 -45.02 -24.95 27.04
C ASP A 343 -44.30 -26.26 27.33
N VAL A 344 -43.27 -26.53 26.53
CA VAL A 344 -42.49 -27.75 26.65
C VAL A 344 -41.34 -27.59 27.63
N ASN A 345 -40.88 -28.70 28.20
CA ASN A 345 -39.80 -28.69 29.18
C ASN A 345 -38.65 -29.60 28.80
N ASN A 346 -38.66 -30.11 27.57
CA ASN A 346 -37.62 -31.00 27.09
C ASN A 346 -36.43 -30.26 26.48
N VAL A 347 -36.55 -28.95 26.31
CA VAL A 347 -35.48 -28.16 25.71
C VAL A 347 -35.07 -26.95 26.55
N LYS A 348 -33.79 -26.61 26.50
CA LYS A 348 -33.26 -25.45 27.19
C LYS A 348 -32.76 -24.42 26.19
N VAL A 349 -33.14 -23.16 26.38
CA VAL A 349 -32.77 -22.11 25.44
C VAL A 349 -31.95 -20.99 26.10
N VAL A 350 -30.73 -20.79 25.60
CA VAL A 350 -29.92 -19.68 26.07
C VAL A 350 -30.38 -18.43 25.34
N TYR A 351 -31.20 -17.62 26.01
CA TYR A 351 -31.86 -16.48 25.38
C TYR A 351 -30.88 -15.40 24.89
N GLY A 352 -31.36 -14.55 24.00
CA GLY A 352 -30.54 -13.51 23.41
C GLY A 352 -30.68 -13.48 21.90
N PRO A 353 -29.99 -12.55 21.24
CA PRO A 353 -30.00 -12.43 19.78
C PRO A 353 -29.19 -13.55 19.11
N ALA A 354 -28.40 -14.26 19.91
CA ALA A 354 -27.65 -15.41 19.42
C ALA A 354 -28.05 -16.64 20.21
N ALA A 355 -29.27 -17.12 19.99
CA ALA A 355 -29.82 -18.20 20.78
C ALA A 355 -29.27 -19.58 20.40
N ARG A 356 -29.14 -20.43 21.41
CA ARG A 356 -28.72 -21.81 21.22
C ARG A 356 -29.66 -22.73 21.98
N LEU A 357 -29.77 -23.98 21.54
CA LEU A 357 -30.74 -24.91 22.11
C LEU A 357 -30.14 -26.26 22.48
N ARG A 358 -30.40 -26.70 23.70
CA ARG A 358 -29.98 -28.03 24.15
C ARG A 358 -31.12 -28.71 24.87
N PRO A 359 -31.17 -30.06 24.83
CA PRO A 359 -32.23 -30.80 25.51
C PRO A 359 -32.09 -30.74 27.03
N THR A 360 -33.20 -30.94 27.74
CA THR A 360 -33.21 -30.92 29.19
C THR A 360 -32.47 -32.12 29.76
N ASP A 361 -32.72 -33.30 29.20
CA ASP A 361 -32.03 -34.50 29.64
C ASP A 361 -30.61 -34.48 29.11
N VAL A 362 -29.71 -33.90 29.89
CA VAL A 362 -28.34 -33.64 29.46
C VAL A 362 -27.37 -34.15 30.53
N PRO A 363 -26.27 -34.82 30.12
CA PRO A 363 -25.85 -35.14 28.75
C PRO A 363 -26.38 -36.49 28.27
N GLU A 364 -27.50 -36.94 28.83
CA GLU A 364 -28.09 -38.21 28.42
C GLU A 364 -28.55 -38.19 26.97
N THR A 365 -29.17 -37.08 26.58
CA THR A 365 -29.70 -36.94 25.23
C THR A 365 -29.10 -35.75 24.49
N TYR A 366 -27.89 -35.37 24.88
CA TYR A 366 -27.22 -34.22 24.27
C TYR A 366 -26.91 -34.50 22.80
N TYR A 367 -26.60 -35.75 22.50
CA TYR A 367 -26.29 -36.16 21.13
C TYR A 367 -27.42 -37.02 20.59
N SER A 368 -28.12 -37.71 21.50
CA SER A 368 -29.22 -38.58 21.11
C SER A 368 -30.39 -37.77 20.53
N PHE A 369 -30.57 -36.55 21.03
CA PHE A 369 -31.63 -35.67 20.54
C PHE A 369 -31.33 -35.31 19.10
N ASN A 370 -32.29 -35.53 18.20
CA ASN A 370 -32.10 -35.13 16.82
C ASN A 370 -32.56 -33.69 16.63
N TYR A 371 -31.59 -32.79 16.46
CA TYR A 371 -31.87 -31.37 16.33
C TYR A 371 -32.40 -31.04 14.94
N GLU A 372 -32.04 -31.87 13.97
CA GLU A 372 -32.40 -31.64 12.56
C GLU A 372 -33.90 -31.52 12.36
N ALA A 373 -34.66 -32.37 13.05
CA ALA A 373 -36.12 -32.35 12.95
C ALA A 373 -36.69 -31.07 13.55
N LEU A 374 -36.16 -30.69 14.70
CA LEU A 374 -36.60 -29.48 15.38
C LEU A 374 -36.27 -28.24 14.57
N ALA A 375 -35.10 -28.24 13.93
CA ALA A 375 -34.68 -27.12 13.10
C ALA A 375 -35.58 -26.95 11.88
N LYS A 376 -35.94 -28.07 11.26
CA LYS A 376 -36.81 -28.06 10.08
C LYS A 376 -38.25 -27.70 10.44
N ASN A 377 -38.63 -27.99 11.68
CA ASN A 377 -39.98 -27.71 12.17
C ASN A 377 -40.13 -26.25 12.58
N LEU A 378 -39.01 -25.55 12.65
CA LEU A 378 -38.99 -24.15 13.07
C LEU A 378 -38.69 -23.20 11.92
N SER A 379 -38.33 -23.75 10.76
CA SER A 379 -37.94 -22.92 9.63
C SER A 379 -39.14 -22.53 8.77
N CYS A 380 -39.16 -21.26 8.34
CA CYS A 380 -40.20 -20.74 7.44
C CYS A 380 -41.60 -20.90 8.00
N ARG A 381 -41.81 -20.40 9.22
CA ARG A 381 -43.11 -20.47 9.86
C ARG A 381 -43.85 -19.15 9.72
N GLU A 382 -43.08 -18.09 9.45
CA GLU A 382 -43.63 -16.76 9.31
C GLU A 382 -43.35 -16.24 7.91
N PRO A 383 -44.19 -15.32 7.40
CA PRO A 383 -43.98 -14.75 6.06
C PRO A 383 -42.65 -14.01 5.96
N ASN A 384 -42.34 -13.19 6.96
CA ASN A 384 -41.05 -12.51 7.02
C ASN A 384 -40.40 -12.77 8.36
N GLN A 385 -40.02 -14.02 8.58
CA GLN A 385 -39.47 -14.48 9.85
C GLN A 385 -38.18 -13.76 10.19
N HIS A 386 -38.06 -13.31 11.43
CA HIS A 386 -36.92 -12.53 11.88
C HIS A 386 -35.88 -13.38 12.62
N PHE A 387 -36.09 -14.68 12.60
CA PHE A 387 -35.11 -15.61 13.15
C PHE A 387 -34.97 -16.79 12.20
N ARG A 388 -33.90 -17.55 12.36
CA ARG A 388 -33.64 -18.67 11.47
C ARG A 388 -32.90 -19.80 12.17
N PRO A 389 -33.46 -21.01 12.13
CA PRO A 389 -32.83 -22.20 12.71
C PRO A 389 -31.59 -22.60 11.93
N TYR A 390 -30.47 -22.75 12.62
CA TYR A 390 -29.22 -23.15 11.99
C TYR A 390 -28.59 -24.31 12.74
N LEU A 391 -28.36 -25.40 12.02
CA LEU A 391 -27.49 -26.47 12.51
C LEU A 391 -26.10 -25.88 12.58
N LYS A 392 -25.32 -26.35 13.55
CA LYS A 392 -24.03 -25.75 13.85
C LYS A 392 -23.03 -25.66 12.67
N PRO A 393 -22.99 -26.68 11.80
CA PRO A 393 -22.11 -26.55 10.64
C PRO A 393 -22.71 -25.70 9.53
N PHE A 394 -24.01 -25.44 9.58
CA PHE A 394 -24.69 -24.68 8.53
C PHE A 394 -24.65 -23.17 8.71
N LEU A 395 -24.09 -22.71 9.81
CA LEU A 395 -23.89 -21.28 10.01
C LEU A 395 -22.87 -20.74 9.00
N PRO A 396 -23.00 -19.45 8.62
CA PRO A 396 -22.03 -18.78 7.75
C PRO A 396 -20.61 -18.90 8.32
N LYS A 397 -19.66 -19.27 7.45
CA LYS A 397 -18.30 -19.57 7.87
C LYS A 397 -17.57 -18.35 8.46
N ARG A 398 -18.00 -17.16 8.08
CA ARG A 398 -17.36 -15.93 8.55
C ARG A 398 -17.45 -15.78 10.07
N LEU A 399 -18.47 -16.40 10.66
CA LEU A 399 -18.68 -16.34 12.10
C LEU A 399 -17.70 -17.23 12.85
N HIS A 400 -17.26 -18.31 12.19
CA HIS A 400 -16.35 -19.27 12.79
C HIS A 400 -16.88 -19.80 14.12
N PHE A 401 -18.09 -20.37 14.09
CA PHE A 401 -18.82 -20.65 15.31
C PHE A 401 -19.44 -22.04 15.26
N ALA A 402 -18.61 -23.06 15.07
CA ALA A 402 -19.08 -24.42 14.93
C ALA A 402 -18.22 -25.42 15.71
N LYS A 403 -16.90 -25.29 15.55
CA LYS A 403 -15.97 -26.29 16.07
C LYS A 403 -15.66 -26.09 17.54
N SER A 404 -16.67 -26.25 18.38
CA SER A 404 -16.47 -26.28 19.83
C SER A 404 -17.45 -27.26 20.46
N ASP A 405 -17.02 -27.90 21.55
CA ASP A 405 -17.89 -28.82 22.26
C ASP A 405 -19.03 -28.10 22.98
N ARG A 406 -18.74 -26.89 23.46
CA ARG A 406 -19.69 -26.14 24.27
C ARG A 406 -20.84 -25.53 23.47
N ILE A 407 -20.61 -25.30 22.18
CA ILE A 407 -21.65 -24.77 21.30
C ILE A 407 -22.70 -25.82 20.96
N GLU A 408 -23.97 -25.45 21.17
CA GLU A 408 -25.08 -26.34 20.87
C GLU A 408 -25.20 -26.61 19.37
N PRO A 409 -25.55 -27.85 19.00
CA PRO A 409 -25.72 -28.25 17.60
C PRO A 409 -26.85 -27.50 16.89
N LEU A 410 -27.69 -26.81 17.64
CA LEU A 410 -28.74 -25.97 17.06
C LEU A 410 -28.62 -24.54 17.53
N THR A 411 -28.38 -23.62 16.59
CA THR A 411 -28.28 -22.20 16.89
C THR A 411 -29.35 -21.40 16.16
N PHE A 412 -29.45 -20.11 16.49
CA PHE A 412 -30.42 -19.23 15.84
C PHE A 412 -29.79 -17.93 15.39
N TYR A 413 -29.97 -17.58 14.12
CA TYR A 413 -29.52 -16.31 13.60
C TYR A 413 -30.70 -15.35 13.54
N LEU A 414 -30.56 -14.18 14.17
CA LEU A 414 -31.65 -13.22 14.23
C LEU A 414 -31.36 -11.89 13.52
N ASP A 415 -32.43 -11.27 13.04
CA ASP A 415 -32.38 -9.96 12.41
C ASP A 415 -31.96 -8.91 13.44
N PRO A 416 -31.45 -7.76 12.97
CA PRO A 416 -31.08 -6.69 13.90
C PRO A 416 -32.27 -6.26 14.75
N GLN A 417 -31.99 -5.88 16.00
CA GLN A 417 -33.02 -5.44 16.97
C GLN A 417 -33.96 -6.56 17.42
N TRP A 418 -33.57 -7.82 17.23
CA TRP A 418 -34.40 -8.95 17.59
C TRP A 418 -33.69 -9.96 18.50
N GLN A 419 -34.39 -10.43 19.52
CA GLN A 419 -33.86 -11.46 20.42
C GLN A 419 -34.79 -12.67 20.43
N LEU A 420 -34.28 -13.81 20.86
CA LEU A 420 -35.07 -15.04 20.91
C LEU A 420 -34.99 -15.71 22.27
N ALA A 421 -36.12 -16.25 22.72
CA ALA A 421 -36.17 -16.96 24.00
C ALA A 421 -37.24 -18.05 23.97
N LEU A 422 -37.20 -18.96 24.93
CA LEU A 422 -38.19 -20.02 25.01
C LEU A 422 -39.51 -19.49 25.55
N ASN A 423 -39.47 -18.95 26.76
CA ASN A 423 -40.64 -18.36 27.39
C ASN A 423 -40.36 -16.93 27.85
N PRO A 424 -41.40 -16.08 27.86
CA PRO A 424 -41.28 -14.68 28.29
C PRO A 424 -40.81 -14.52 29.74
N SER A 425 -40.73 -15.61 30.49
CA SER A 425 -40.30 -15.57 31.88
C SER A 425 -38.78 -15.70 32.02
N GLU A 426 -38.16 -16.45 31.10
CA GLU A 426 -36.73 -16.69 31.17
C GLU A 426 -35.93 -15.43 30.89
N ARG A 427 -36.38 -14.64 29.93
CA ARG A 427 -35.69 -13.41 29.55
C ARG A 427 -35.63 -12.40 30.69
N LYS A 428 -34.57 -11.59 30.68
CA LYS A 428 -34.42 -10.54 31.70
C LYS A 428 -35.42 -9.42 31.45
N TYR A 429 -35.32 -8.79 30.28
CA TYR A 429 -36.28 -7.76 29.88
C TYR A 429 -36.28 -7.62 28.36
N CYS A 430 -37.41 -7.18 27.80
CA CYS A 430 -37.55 -7.15 26.35
C CYS A 430 -37.22 -5.80 25.72
N GLY A 431 -37.50 -4.72 26.44
CA GLY A 431 -37.30 -3.38 25.89
C GLY A 431 -36.07 -2.67 26.42
N SER A 432 -35.01 -3.42 26.69
CA SER A 432 -33.75 -2.85 27.16
C SER A 432 -32.67 -2.95 26.10
N GLY A 433 -31.60 -2.17 26.28
CA GLY A 433 -30.47 -2.22 25.38
C GLY A 433 -29.77 -3.56 25.49
N PHE A 434 -29.51 -4.19 24.35
CA PHE A 434 -28.89 -5.50 24.32
C PHE A 434 -27.74 -5.57 23.32
N HIS A 435 -27.05 -6.71 23.32
CA HIS A 435 -25.99 -6.97 22.36
C HIS A 435 -25.80 -8.49 22.24
N GLY A 436 -25.05 -8.90 21.22
CA GLY A 436 -24.86 -10.32 20.96
C GLY A 436 -25.24 -10.67 19.53
N SER A 437 -25.75 -9.68 18.81
CA SER A 437 -26.13 -9.84 17.41
C SER A 437 -24.93 -10.09 16.50
N ASP A 438 -25.22 -10.29 15.21
CA ASP A 438 -24.19 -10.53 14.20
C ASP A 438 -23.08 -9.47 14.23
N ASN A 439 -21.83 -9.94 14.18
CA ASN A 439 -20.68 -9.06 14.30
C ASN A 439 -20.42 -8.16 13.10
N LEU A 440 -21.24 -8.30 12.06
CA LEU A 440 -21.16 -7.43 10.89
C LEU A 440 -22.20 -6.32 10.94
N PHE A 441 -23.03 -6.33 11.98
CA PHE A 441 -24.04 -5.30 12.13
C PHE A 441 -23.40 -3.97 12.53
N SER A 442 -24.01 -2.88 12.07
CA SER A 442 -23.46 -1.54 12.26
C SER A 442 -23.28 -1.14 13.72
N ASN A 443 -24.28 -1.44 14.56
CA ASN A 443 -24.24 -1.05 15.96
C ASN A 443 -23.53 -2.04 16.88
N MSE A 444 -23.08 -3.16 16.35
CA MSE A 444 -22.33 -4.13 17.14
C MSE A 444 -20.84 -3.81 17.11
O MSE A 444 -20.04 -4.47 17.80
CB MSE A 444 -22.57 -5.56 16.63
CG MSE A 444 -23.95 -6.11 16.93
SE MSE A 444 -24.30 -6.31 18.84
CE MSE A 444 -25.22 -4.62 19.18
N GLN A 445 -20.48 -2.81 16.33
CA GLN A 445 -19.07 -2.44 16.14
C GLN A 445 -18.44 -1.85 17.39
N ALA A 446 -17.16 -2.15 17.59
CA ALA A 446 -16.46 -1.75 18.81
C ALA A 446 -15.49 -0.59 18.58
N LEU A 447 -14.82 -0.19 19.66
CA LEU A 447 -13.92 0.96 19.64
C LEU A 447 -12.45 0.52 19.60
N PHE A 448 -11.63 1.29 18.90
CA PHE A 448 -10.19 1.10 18.93
C PHE A 448 -9.44 2.40 18.72
N ILE A 449 -8.62 2.76 19.70
CA ILE A 449 -7.72 3.91 19.57
C ILE A 449 -6.35 3.54 20.11
N GLY A 450 -5.35 3.62 19.24
CA GLY A 450 -3.98 3.35 19.64
C GLY A 450 -3.20 4.64 19.78
N TYR A 451 -2.74 4.92 20.98
CA TYR A 451 -1.98 6.14 21.23
C TYR A 451 -0.66 5.81 21.93
N GLY A 452 0.37 6.58 21.63
CA GLY A 452 1.68 6.40 22.21
C GLY A 452 2.78 6.59 21.20
N PRO A 453 4.03 6.37 21.61
CA PRO A 453 5.19 6.53 20.72
C PRO A 453 5.19 5.52 19.59
N ALA A 454 4.57 4.36 19.81
CA ALA A 454 4.57 3.29 18.82
C ALA A 454 3.50 3.49 17.75
N PHE A 455 2.49 4.29 18.05
CA PHE A 455 1.40 4.51 17.13
C PHE A 455 1.55 5.82 16.36
N LYS A 456 1.10 5.84 15.11
CA LYS A 456 1.13 7.03 14.29
C LYS A 456 0.17 8.08 14.84
N HIS A 457 0.33 9.32 14.41
CA HIS A 457 -0.47 10.42 14.95
C HIS A 457 -1.50 10.96 13.96
N GLY A 458 -2.78 10.76 14.27
CA GLY A 458 -3.85 11.24 13.43
C GLY A 458 -4.07 10.37 12.20
N ALA A 459 -3.76 9.09 12.33
CA ALA A 459 -3.92 8.15 11.22
C ALA A 459 -5.21 7.34 11.38
N GLU A 460 -6.07 7.40 10.36
CA GLU A 460 -7.30 6.62 10.37
C GLU A 460 -7.26 5.46 9.39
N VAL A 461 -7.36 4.25 9.92
CA VAL A 461 -7.27 3.05 9.10
C VAL A 461 -8.62 2.35 8.90
N ASP A 462 -8.65 1.36 8.02
CA ASP A 462 -9.86 0.61 7.71
C ASP A 462 -10.17 -0.37 8.84
N SER A 463 -11.37 -0.94 8.81
CA SER A 463 -11.83 -1.83 9.89
C SER A 463 -11.01 -3.12 10.01
N PHE A 464 -10.88 -3.62 11.22
CA PHE A 464 -10.21 -4.90 11.45
C PHE A 464 -10.77 -5.64 12.67
N GLU A 465 -10.56 -6.95 12.71
CA GLU A 465 -11.06 -7.80 13.79
C GLU A 465 -10.21 -7.68 15.06
N ASN A 466 -10.82 -8.02 16.19
CA ASN A 466 -10.16 -7.90 17.49
C ASN A 466 -9.12 -9.00 17.75
N ILE A 467 -9.15 -10.06 16.94
CA ILE A 467 -8.19 -11.14 17.08
C ILE A 467 -6.83 -10.74 16.53
N GLU A 468 -6.79 -9.59 15.84
CA GLU A 468 -5.55 -9.08 15.27
C GLU A 468 -4.72 -8.34 16.30
N VAL A 469 -5.37 -7.90 17.37
CA VAL A 469 -4.72 -7.12 18.42
C VAL A 469 -3.68 -7.91 19.22
N TYR A 470 -3.92 -9.21 19.38
CA TYR A 470 -2.98 -10.07 20.11
C TYR A 470 -1.55 -9.98 19.58
N ASN A 471 -1.40 -10.14 18.26
CA ASN A 471 -0.08 -10.03 17.65
C ASN A 471 0.49 -8.61 17.75
N LEU A 472 -0.40 -7.62 17.71
CA LEU A 472 -0.01 -6.23 17.83
C LEU A 472 0.65 -5.97 19.18
N MSE A 473 0.07 -6.53 20.23
CA MSE A 473 0.60 -6.37 21.58
C MSE A 473 1.91 -7.12 21.76
O MSE A 473 2.79 -6.68 22.51
CB MSE A 473 -0.42 -6.83 22.61
CG MSE A 473 -1.62 -5.91 22.69
SE MSE A 473 -2.95 -6.47 23.97
CE MSE A 473 -3.93 -4.80 24.00
N CYS A 474 2.03 -8.25 21.09
CA CYS A 474 3.26 -9.03 21.14
C CYS A 474 4.42 -8.22 20.58
N ASP A 475 4.15 -7.46 19.53
CA ASP A 475 5.16 -6.61 18.91
C ASP A 475 5.49 -5.42 19.82
N LEU A 476 4.51 -4.99 20.61
CA LEU A 476 4.71 -3.87 21.51
C LEU A 476 5.43 -4.30 22.79
N LEU A 477 5.36 -5.59 23.10
CA LEU A 477 6.00 -6.10 24.30
C LEU A 477 7.24 -6.93 23.96
N GLY A 478 7.53 -7.04 22.67
CA GLY A 478 8.66 -7.81 22.20
C GLY A 478 8.52 -9.30 22.49
N LEU A 479 7.34 -9.84 22.19
CA LEU A 479 7.06 -11.24 22.47
C LEU A 479 6.81 -12.06 21.22
N ILE A 480 7.22 -13.33 21.25
CA ILE A 480 6.86 -14.25 20.19
C ILE A 480 5.45 -14.74 20.46
N PRO A 481 4.51 -14.38 19.57
CA PRO A 481 3.09 -14.67 19.77
C PRO A 481 2.78 -16.16 19.74
N ALA A 482 1.84 -16.59 20.57
CA ALA A 482 1.35 -17.96 20.52
C ALA A 482 0.54 -18.12 19.24
N PRO A 483 0.41 -19.37 18.76
CA PRO A 483 -0.39 -19.63 17.55
C PRO A 483 -1.82 -19.13 17.68
N ASN A 484 -2.14 -18.05 16.97
CA ASN A 484 -3.49 -17.51 16.99
C ASN A 484 -4.14 -17.45 15.62
N ASN A 485 -5.31 -16.81 15.54
CA ASN A 485 -6.07 -16.74 14.30
C ASN A 485 -5.88 -15.44 13.54
N GLY A 486 -5.09 -14.52 14.09
CA GLY A 486 -4.85 -13.26 13.43
C GLY A 486 -3.70 -13.34 12.45
N SER A 487 -3.85 -12.68 11.32
CA SER A 487 -2.79 -12.62 10.31
C SER A 487 -1.68 -11.70 10.79
N HIS A 488 -0.58 -12.30 11.24
CA HIS A 488 0.51 -11.53 11.84
C HIS A 488 1.15 -10.57 10.84
N GLY A 489 1.09 -9.28 11.15
CA GLY A 489 1.69 -8.27 10.29
C GLY A 489 0.68 -7.43 9.52
N SER A 490 -0.59 -7.80 9.64
CA SER A 490 -1.65 -7.11 8.90
C SER A 490 -1.95 -5.72 9.46
N LEU A 491 -1.49 -5.47 10.68
CA LEU A 491 -1.69 -4.17 11.33
C LEU A 491 -0.44 -3.31 11.35
N ASN A 492 0.52 -3.64 10.48
CA ASN A 492 1.78 -2.90 10.41
C ASN A 492 1.59 -1.42 10.07
N HIS A 493 0.49 -1.09 9.41
CA HIS A 493 0.22 0.27 8.99
C HIS A 493 -0.15 1.19 10.17
N LEU A 494 -0.37 0.57 11.34
CA LEU A 494 -0.70 1.31 12.55
C LEU A 494 0.55 1.82 13.26
N LEU A 495 1.66 1.10 13.08
CA LEU A 495 2.88 1.39 13.81
C LEU A 495 3.79 2.34 13.05
N LYS A 496 4.55 3.15 13.78
CA LYS A 496 5.57 4.00 13.15
C LYS A 496 6.64 3.11 12.56
N LYS A 497 7.23 2.27 13.41
CA LYS A 497 8.25 1.34 12.98
C LYS A 497 7.77 -0.08 13.27
N PRO A 498 7.19 -0.75 12.25
CA PRO A 498 6.70 -2.12 12.38
C PRO A 498 7.80 -3.07 12.81
N ILE A 499 7.48 -3.99 13.71
CA ILE A 499 8.44 -4.92 14.26
C ILE A 499 8.55 -6.19 13.42
N TYR A 500 7.41 -6.75 13.02
CA TYR A 500 7.40 -7.98 12.26
C TYR A 500 7.05 -7.75 10.79
N ASN A 501 7.90 -8.26 9.90
CA ASN A 501 7.67 -8.16 8.46
C ASN A 501 7.24 -9.50 7.85
N PRO A 502 5.93 -9.63 7.57
CA PRO A 502 5.32 -10.89 7.09
C PRO A 502 5.76 -11.31 5.70
N SER A 503 5.60 -12.59 5.40
CA SER A 503 5.93 -13.14 4.09
C SER A 503 4.79 -14.02 3.58
N HIS A 504 4.77 -14.27 2.27
CA HIS A 504 3.77 -15.16 1.69
C HIS A 504 4.06 -16.63 2.02
N PRO A 505 2.99 -17.42 2.22
CA PRO A 505 3.14 -18.85 2.51
C PRO A 505 3.71 -19.62 1.33
N LYS A 506 4.75 -20.42 1.57
CA LYS A 506 5.36 -21.21 0.51
C LYS A 506 4.40 -22.25 -0.04
N GLU A 507 4.58 -22.61 -1.30
CA GLU A 507 3.71 -23.59 -1.95
C GLU A 507 4.16 -25.01 -1.59
N GLU A 508 3.32 -25.71 -0.85
CA GLU A 508 3.63 -27.07 -0.40
C GLU A 508 3.12 -28.11 -1.38
N GLY A 509 2.29 -27.69 -2.33
CA GLY A 509 1.70 -28.60 -3.30
C GLY A 509 2.68 -29.14 -4.31
N PHE A 510 2.50 -30.40 -4.68
CA PHE A 510 3.32 -31.04 -5.69
C PHE A 510 2.79 -30.73 -7.09
N LEU A 511 3.29 -29.65 -7.68
CA LEU A 511 2.79 -29.18 -8.96
C LEU A 511 3.30 -30.05 -10.11
N SER A 512 2.38 -30.72 -10.80
CA SER A 512 2.74 -31.56 -11.93
C SER A 512 1.98 -31.11 -13.17
N GLN A 513 2.29 -31.72 -14.31
CA GLN A 513 1.67 -31.35 -15.57
C GLN A 513 0.83 -32.47 -16.19
N CYS A 514 -0.25 -32.08 -16.85
CA CYS A 514 -1.17 -33.03 -17.45
C CYS A 514 -1.20 -32.87 -18.97
N PRO A 515 -0.44 -33.72 -19.69
CA PRO A 515 -0.39 -33.73 -21.15
C PRO A 515 -1.49 -34.62 -21.71
N ILE A 516 -1.63 -34.70 -23.03
CA ILE A 516 -2.61 -35.59 -23.68
C ILE A 516 -2.19 -37.07 -23.64
N LYS A 517 -2.95 -37.92 -22.94
CA LYS A 517 -2.56 -39.33 -22.79
C LYS A 517 -3.60 -40.44 -23.05
N SER A 518 -4.87 -40.10 -22.89
CA SER A 518 -5.93 -41.09 -23.02
C SER A 518 -7.03 -40.75 -24.03
N THR A 519 -6.92 -41.19 -25.27
CA THR A 519 -7.96 -40.92 -26.28
C THR A 519 -8.58 -42.22 -26.81
N SER A 520 -9.92 -42.29 -26.92
CA SER A 520 -10.86 -41.26 -26.49
C SER A 520 -12.18 -41.91 -26.12
N ASN A 521 -12.61 -41.76 -24.86
CA ASN A 521 -13.82 -42.42 -24.40
C ASN A 521 -15.11 -41.77 -24.89
N ASP A 522 -16.20 -42.52 -24.86
CA ASP A 522 -17.51 -42.01 -25.20
C ASP A 522 -18.20 -41.43 -23.97
N LEU A 523 -18.60 -40.17 -24.05
CA LEU A 523 -19.26 -39.51 -22.93
C LEU A 523 -20.76 -39.75 -22.94
N GLY A 524 -21.31 -40.12 -24.09
CA GLY A 524 -22.72 -40.38 -24.20
C GLY A 524 -23.48 -39.09 -24.00
N CYS A 525 -23.13 -38.07 -24.77
CA CYS A 525 -23.78 -36.78 -24.65
C CYS A 525 -24.37 -36.30 -25.97
N THR A 526 -25.51 -35.63 -25.89
CA THR A 526 -26.17 -35.07 -27.06
C THR A 526 -25.83 -33.60 -27.16
N CYS A 527 -25.22 -33.19 -28.27
CA CYS A 527 -24.83 -31.80 -28.41
C CYS A 527 -25.57 -31.13 -29.56
N ASP A 528 -26.39 -30.14 -29.25
CA ASP A 528 -27.14 -29.41 -30.25
C ASP A 528 -26.25 -28.36 -30.93
N PRO A 529 -26.33 -28.26 -32.26
CA PRO A 529 -25.53 -27.29 -33.02
C PRO A 529 -25.85 -25.85 -32.60
N GLU A 546 2.18 -16.04 -26.82
CA GLU A 546 1.11 -16.98 -27.16
C GLU A 546 0.33 -17.43 -25.92
N ASP A 547 0.80 -18.51 -25.33
CA ASP A 547 0.25 -19.08 -24.10
C ASP A 547 0.46 -18.18 -22.90
N ASP A 548 1.60 -17.49 -22.86
CA ASP A 548 1.89 -16.58 -21.76
C ASP A 548 1.02 -15.33 -21.79
N ASP A 549 0.54 -14.94 -22.96
CA ASP A 549 -0.32 -13.77 -23.04
C ASP A 549 -1.69 -14.10 -22.44
N ILE A 550 -2.16 -15.31 -22.71
CA ILE A 550 -3.48 -15.74 -22.23
C ILE A 550 -3.43 -16.16 -20.76
N TYR A 551 -2.24 -16.46 -20.27
CA TYR A 551 -2.04 -16.81 -18.86
C TYR A 551 -2.22 -15.59 -17.99
N HIS A 552 -1.43 -14.55 -18.27
CA HIS A 552 -1.46 -13.30 -17.52
C HIS A 552 -2.84 -12.65 -17.59
N MSE A 553 -3.62 -13.04 -18.58
CA MSE A 553 -4.96 -12.50 -18.78
C MSE A 553 -5.97 -13.19 -17.86
O MSE A 553 -6.97 -12.59 -17.47
CB MSE A 553 -5.37 -12.67 -20.24
CG MSE A 553 -6.40 -11.67 -20.74
SE MSE A 553 -6.53 -11.69 -22.68
CE MSE A 553 -4.65 -11.37 -23.12
N THR A 554 -5.70 -14.45 -17.52
CA THR A 554 -6.60 -15.23 -16.69
C THR A 554 -6.27 -15.12 -15.21
N VAL A 555 -4.98 -15.00 -14.90
CA VAL A 555 -4.53 -14.78 -13.52
C VAL A 555 -3.62 -13.56 -13.43
N PRO A 556 -4.23 -12.35 -13.53
CA PRO A 556 -3.49 -11.08 -13.58
C PRO A 556 -2.87 -10.68 -12.26
N TYR A 557 -3.27 -11.34 -11.17
CA TYR A 557 -2.75 -11.01 -9.85
C TYR A 557 -1.83 -12.14 -9.38
N GLY A 558 -1.63 -13.12 -10.25
CA GLY A 558 -0.85 -14.29 -9.94
C GLY A 558 -1.74 -15.48 -9.70
N ARG A 559 -1.31 -16.66 -10.13
CA ARG A 559 -2.08 -17.87 -9.92
C ARG A 559 -2.18 -18.18 -8.42
N PRO A 560 -3.29 -18.79 -8.01
CA PRO A 560 -3.43 -19.25 -6.62
C PRO A 560 -2.37 -20.29 -6.28
N ARG A 561 -1.71 -20.12 -5.14
CA ARG A 561 -0.68 -21.07 -4.72
C ARG A 561 -1.28 -22.21 -3.91
N ILE A 562 -0.74 -23.41 -4.11
CA ILE A 562 -1.27 -24.58 -3.42
C ILE A 562 -0.59 -24.76 -2.07
N LEU A 563 -1.34 -24.48 -1.01
CA LEU A 563 -0.84 -24.57 0.36
C LEU A 563 -1.07 -25.98 0.89
N LEU A 564 -1.67 -26.81 0.04
CA LEU A 564 -1.97 -28.19 0.37
C LEU A 564 -0.70 -29.04 0.40
N LYS A 565 -0.56 -29.86 1.44
CA LYS A 565 0.63 -30.70 1.59
C LYS A 565 0.28 -32.18 1.74
N GLN A 566 0.67 -33.00 0.77
CA GLN A 566 1.36 -32.53 -0.43
C GLN A 566 0.52 -32.94 -1.64
N HIS A 567 -0.52 -32.16 -1.90
CA HIS A 567 -1.50 -32.45 -2.94
C HIS A 567 -0.90 -32.39 -4.34
N ARG A 568 -1.39 -33.24 -5.23
CA ARG A 568 -0.96 -33.24 -6.62
C ARG A 568 -1.91 -32.39 -7.46
N VAL A 569 -1.39 -31.30 -8.01
CA VAL A 569 -2.21 -30.35 -8.76
C VAL A 569 -1.65 -30.09 -10.16
N CYS A 570 -2.51 -30.11 -11.16
CA CYS A 570 -2.13 -29.75 -12.52
C CYS A 570 -2.72 -28.41 -12.93
N LEU A 571 -1.99 -27.67 -13.76
CA LEU A 571 -2.46 -26.40 -14.28
C LEU A 571 -2.97 -26.55 -15.71
N LEU A 572 -4.29 -26.49 -15.88
CA LEU A 572 -4.90 -26.65 -17.19
C LEU A 572 -5.26 -25.31 -17.81
N GLN A 573 -4.57 -24.96 -18.89
CA GLN A 573 -4.76 -23.66 -19.53
C GLN A 573 -5.79 -23.72 -20.65
N GLN A 574 -6.70 -22.76 -20.63
CA GLN A 574 -7.71 -22.61 -21.68
C GLN A 574 -7.61 -21.21 -22.28
N GLN A 575 -8.50 -20.87 -23.20
CA GLN A 575 -8.42 -19.58 -23.87
C GLN A 575 -9.15 -18.49 -23.10
N GLN A 576 -9.99 -18.88 -22.14
CA GLN A 576 -10.75 -17.92 -21.35
C GLN A 576 -10.45 -18.04 -19.86
N PHE A 577 -9.97 -19.20 -19.45
CA PHE A 577 -9.71 -19.44 -18.02
C PHE A 577 -8.54 -20.38 -17.74
N LEU A 578 -8.03 -20.30 -16.52
CA LEU A 578 -7.00 -21.20 -16.03
C LEU A 578 -7.54 -21.96 -14.82
N THR A 579 -7.41 -23.27 -14.84
CA THR A 579 -7.97 -24.09 -13.78
C THR A 579 -6.92 -24.98 -13.12
N GLY A 580 -6.90 -24.99 -11.79
CA GLY A 580 -6.03 -25.87 -11.04
C GLY A 580 -6.73 -27.18 -10.76
N TYR A 581 -6.30 -28.23 -11.45
CA TYR A 581 -6.96 -29.53 -11.37
C TYR A 581 -6.26 -30.45 -10.38
N SER A 582 -7.05 -31.20 -9.62
CA SER A 582 -6.50 -32.14 -8.65
C SER A 582 -6.48 -33.55 -9.20
N LEU A 583 -5.33 -34.20 -9.09
CA LEU A 583 -5.17 -35.58 -9.55
C LEU A 583 -5.60 -36.56 -8.46
N ASP A 584 -5.51 -36.14 -7.21
CA ASP A 584 -5.86 -37.00 -6.09
C ASP A 584 -7.38 -37.06 -5.85
N LEU A 585 -8.08 -36.01 -6.26
CA LEU A 585 -9.53 -35.95 -6.08
C LEU A 585 -10.27 -36.04 -7.41
N LEU A 586 -9.52 -35.91 -8.50
CA LEU A 586 -10.06 -35.90 -9.86
C LEU A 586 -11.17 -34.87 -10.07
N MSE A 587 -10.88 -33.63 -9.71
CA MSE A 587 -11.80 -32.52 -9.93
C MSE A 587 -11.05 -31.19 -9.75
O MSE A 587 -10.03 -31.14 -9.08
CB MSE A 587 -13.00 -32.59 -8.97
CG MSE A 587 -12.65 -32.46 -7.50
SE MSE A 587 -14.27 -32.40 -6.43
CE MSE A 587 -15.13 -34.03 -7.08
N PRO A 588 -11.56 -30.11 -10.37
CA PRO A 588 -10.86 -28.82 -10.28
C PRO A 588 -10.90 -28.24 -8.87
N LEU A 589 -9.74 -27.77 -8.39
CA LEU A 589 -9.67 -27.11 -7.09
C LEU A 589 -10.10 -25.65 -7.21
N TRP A 590 -9.68 -25.00 -8.29
CA TRP A 590 -10.04 -23.61 -8.54
C TRP A 590 -10.04 -23.29 -10.02
N ALA A 591 -10.80 -22.27 -10.40
CA ALA A 591 -10.84 -21.81 -11.78
C ALA A 591 -10.87 -20.29 -11.83
N SER A 592 -9.86 -19.69 -12.44
CA SER A 592 -9.76 -18.25 -12.50
C SER A 592 -9.99 -17.71 -13.92
N TYR A 593 -10.78 -16.65 -14.02
CA TYR A 593 -11.06 -16.03 -15.30
C TYR A 593 -11.40 -14.55 -15.13
N THR A 594 -11.27 -13.78 -16.20
CA THR A 594 -11.58 -12.36 -16.15
C THR A 594 -12.82 -12.06 -16.98
N PHE A 595 -13.80 -11.43 -16.35
CA PHE A 595 -15.04 -11.08 -17.03
C PHE A 595 -15.17 -9.57 -17.18
N LEU A 596 -15.12 -9.09 -18.42
CA LEU A 596 -15.14 -7.65 -18.64
C LEU A 596 -16.54 -7.04 -18.61
N SER A 597 -16.58 -5.72 -18.81
CA SER A 597 -17.81 -4.95 -18.72
C SER A 597 -18.82 -5.38 -19.78
N ASN A 598 -18.33 -5.57 -21.00
CA ASN A 598 -19.16 -6.01 -22.11
C ASN A 598 -18.42 -6.94 -23.08
N ASP A 599 -18.60 -8.23 -22.88
CA ASP A 599 -18.00 -9.25 -23.73
C ASP A 599 -18.77 -10.57 -23.60
N SER A 607 -26.08 -27.74 -22.65
CA SER A 607 -27.08 -28.36 -21.78
C SER A 607 -27.16 -29.83 -22.15
N ASN A 608 -26.61 -30.71 -21.29
CA ASN A 608 -26.59 -32.17 -21.44
C ASN A 608 -25.50 -32.55 -22.49
N CYS A 609 -24.74 -31.55 -22.93
CA CYS A 609 -23.64 -31.78 -23.88
C CYS A 609 -22.32 -31.52 -23.14
N LEU A 610 -21.26 -32.29 -23.42
CA LEU A 610 -19.94 -32.08 -22.79
C LEU A 610 -18.81 -32.61 -23.64
N TYR A 611 -17.60 -32.06 -23.44
CA TYR A 611 -16.40 -32.48 -24.15
C TYR A 611 -15.34 -33.04 -23.20
N GLN A 612 -14.74 -34.15 -23.58
CA GLN A 612 -13.75 -34.84 -22.76
C GLN A 612 -12.39 -34.13 -22.74
N ASP A 613 -11.90 -33.80 -21.55
CA ASP A 613 -10.57 -33.20 -21.41
C ASP A 613 -9.52 -34.30 -21.46
N LEU A 614 -8.80 -34.38 -22.57
CA LEU A 614 -7.83 -35.45 -22.81
C LEU A 614 -6.60 -35.36 -21.91
N ARG A 615 -6.52 -34.26 -21.16
CA ARG A 615 -5.39 -34.03 -20.25
C ARG A 615 -5.61 -34.69 -18.89
N ILE A 616 -6.88 -34.98 -18.58
CA ILE A 616 -7.21 -35.61 -17.31
C ILE A 616 -7.71 -37.03 -17.47
N PRO A 617 -7.47 -37.89 -16.47
CA PRO A 617 -7.95 -39.27 -16.45
C PRO A 617 -9.47 -39.33 -16.41
N LEU A 618 -10.04 -40.30 -17.12
CA LEU A 618 -11.49 -40.42 -17.20
C LEU A 618 -12.13 -40.99 -15.94
N SER A 619 -13.22 -40.39 -15.52
CA SER A 619 -13.98 -40.89 -14.38
C SER A 619 -15.40 -41.18 -14.85
N PRO A 620 -16.03 -42.21 -14.27
CA PRO A 620 -17.41 -42.58 -14.63
C PRO A 620 -18.41 -41.45 -14.40
N VAL A 621 -18.05 -40.50 -13.55
CA VAL A 621 -18.89 -39.34 -13.24
C VAL A 621 -18.71 -38.19 -14.23
N HIS A 622 -17.86 -38.38 -15.23
CA HIS A 622 -17.66 -37.34 -16.24
C HIS A 622 -18.63 -37.50 -17.41
N LYS A 623 -19.14 -38.72 -17.57
CA LYS A 623 -20.08 -39.03 -18.64
C LYS A 623 -21.48 -38.51 -18.32
N CYS A 624 -22.17 -37.98 -19.32
CA CYS A 624 -23.51 -37.44 -19.14
C CYS A 624 -24.50 -38.57 -18.86
N SER A 625 -24.14 -39.78 -19.26
CA SER A 625 -25.00 -40.94 -19.02
C SER A 625 -25.11 -41.18 -17.52
N TYR A 626 -24.14 -40.65 -16.77
CA TYR A 626 -24.15 -40.76 -15.32
C TYR A 626 -25.24 -39.90 -14.71
N TYR A 627 -25.59 -38.81 -15.39
CA TYR A 627 -26.55 -37.88 -14.83
C TYR A 627 -27.94 -38.03 -15.43
N LYS A 628 -28.90 -38.32 -14.56
CA LYS A 628 -30.30 -38.46 -14.95
C LYS A 628 -31.07 -37.21 -14.55
N SER A 629 -32.26 -37.04 -15.12
CA SER A 629 -33.10 -35.88 -14.82
C SER A 629 -33.91 -36.09 -13.54
N ASN A 630 -33.80 -37.28 -12.97
CA ASN A 630 -34.55 -37.62 -11.76
C ASN A 630 -33.79 -37.33 -10.47
N SER A 631 -32.49 -37.62 -10.48
CA SER A 631 -31.66 -37.42 -9.30
C SER A 631 -31.39 -35.93 -9.03
N LYS A 632 -31.44 -35.54 -7.77
CA LYS A 632 -31.26 -34.14 -7.39
C LYS A 632 -29.80 -33.70 -7.54
N LEU A 633 -28.90 -34.66 -7.52
CA LEU A 633 -27.47 -34.38 -7.69
C LEU A 633 -27.10 -34.29 -9.18
N SER A 634 -26.44 -33.19 -9.55
CA SER A 634 -26.00 -33.04 -10.93
C SER A 634 -24.63 -32.39 -10.99
N TYR A 635 -24.26 -31.87 -12.15
CA TYR A 635 -22.99 -31.15 -12.28
C TYR A 635 -23.20 -29.68 -12.63
N GLY A 636 -22.33 -28.84 -12.09
CA GLY A 636 -22.34 -27.42 -12.40
C GLY A 636 -20.98 -27.01 -12.94
N PHE A 637 -20.92 -25.85 -13.58
CA PHE A 637 -19.66 -25.34 -14.11
C PHE A 637 -19.05 -24.30 -13.17
N LEU A 638 -17.73 -24.35 -13.02
CA LEU A 638 -17.02 -23.33 -12.26
C LEU A 638 -16.92 -22.08 -13.12
N THR A 639 -16.69 -22.29 -14.40
CA THR A 639 -16.64 -21.21 -15.38
C THR A 639 -17.89 -21.23 -16.25
N PRO A 640 -18.63 -20.11 -16.31
CA PRO A 640 -19.85 -19.98 -17.11
C PRO A 640 -19.59 -20.23 -18.59
N PRO A 641 -20.41 -21.07 -19.23
CA PRO A 641 -20.23 -21.42 -20.64
C PRO A 641 -20.68 -20.33 -21.61
N ARG A 642 -21.42 -19.35 -21.13
CA ARG A 642 -21.94 -18.28 -21.99
C ARG A 642 -20.92 -17.18 -22.26
N LEU A 643 -19.66 -17.47 -21.95
CA LEU A 643 -18.57 -16.52 -22.16
C LEU A 643 -18.23 -16.41 -23.64
N ASN A 644 -17.95 -15.19 -24.09
CA ASN A 644 -17.65 -14.87 -25.49
C ASN A 644 -18.64 -15.47 -26.49
N HIS A 649 -22.06 -16.96 -30.92
CA HIS A 649 -21.34 -18.19 -30.63
C HIS A 649 -21.23 -18.44 -29.13
N ILE A 650 -20.67 -19.58 -28.77
CA ILE A 650 -20.57 -19.98 -27.36
C ILE A 650 -19.25 -20.70 -27.09
N TYR A 651 -18.57 -20.30 -26.01
CA TYR A 651 -17.29 -20.89 -25.63
C TYR A 651 -17.46 -22.36 -25.29
N SER A 652 -16.75 -23.21 -26.03
CA SER A 652 -16.89 -24.66 -25.91
C SER A 652 -15.97 -25.29 -24.88
N GLU A 653 -14.83 -24.64 -24.61
CA GLU A 653 -13.87 -25.17 -23.65
C GLU A 653 -14.38 -25.11 -22.22
N ALA A 654 -15.46 -24.37 -22.01
CA ALA A 654 -16.11 -24.33 -20.70
C ALA A 654 -16.94 -25.59 -20.52
N LEU A 655 -17.15 -26.31 -21.62
CA LEU A 655 -17.89 -27.56 -21.58
C LEU A 655 -16.93 -28.74 -21.47
N LEU A 656 -15.68 -28.46 -21.10
CA LEU A 656 -14.70 -29.51 -20.88
C LEU A 656 -15.05 -30.27 -19.61
N THR A 657 -14.70 -31.54 -19.56
CA THR A 657 -14.99 -32.38 -18.40
C THR A 657 -14.30 -31.85 -17.14
N SER A 658 -13.19 -31.15 -17.33
CA SER A 658 -12.38 -30.68 -16.21
C SER A 658 -12.92 -29.39 -15.61
N ASN A 659 -14.10 -28.96 -16.07
CA ASN A 659 -14.71 -27.73 -15.58
C ASN A 659 -16.04 -27.99 -14.89
N ILE A 660 -16.33 -29.25 -14.59
CA ILE A 660 -17.57 -29.59 -13.93
C ILE A 660 -17.35 -30.06 -12.49
N VAL A 661 -18.31 -29.75 -11.62
CA VAL A 661 -18.26 -30.17 -10.23
C VAL A 661 -19.64 -30.66 -9.82
N PRO A 662 -19.70 -31.65 -8.92
CA PRO A 662 -20.98 -32.18 -8.43
C PRO A 662 -21.79 -31.09 -7.73
N MSE A 663 -23.02 -30.91 -8.18
CA MSE A 663 -23.84 -29.80 -7.70
C MSE A 663 -25.33 -30.16 -7.64
O MSE A 663 -25.90 -30.63 -8.64
CB MSE A 663 -23.63 -28.58 -8.58
CG MSE A 663 -24.41 -27.35 -8.16
SE MSE A 663 -24.02 -25.81 -9.30
CE MSE A 663 -22.12 -25.65 -8.94
N TYR A 664 -25.94 -29.93 -6.49
CA TYR A 664 -27.38 -30.11 -6.32
C TYR A 664 -28.17 -29.20 -7.25
N GLN A 665 -29.37 -29.65 -7.62
CA GLN A 665 -30.24 -28.88 -8.51
C GLN A 665 -30.72 -27.61 -7.81
N SER A 666 -30.87 -27.69 -6.49
CA SER A 666 -31.32 -26.56 -5.69
C SER A 666 -30.26 -25.46 -5.64
N PHE A 667 -28.99 -25.86 -5.66
CA PHE A 667 -27.90 -24.90 -5.65
C PHE A 667 -27.71 -24.27 -7.02
N GLN A 668 -28.09 -25.00 -8.06
CA GLN A 668 -28.01 -24.49 -9.43
C GLN A 668 -28.91 -23.28 -9.62
N VAL A 669 -29.95 -23.20 -8.80
CA VAL A 669 -30.85 -22.05 -8.82
C VAL A 669 -30.09 -20.80 -8.39
N ILE A 670 -29.22 -20.98 -7.41
CA ILE A 670 -28.42 -19.89 -6.88
C ILE A 670 -27.22 -19.61 -7.77
N TRP A 671 -26.64 -20.70 -8.29
CA TRP A 671 -25.41 -20.62 -9.07
C TRP A 671 -25.63 -19.98 -10.43
N HIS A 672 -26.78 -20.25 -11.03
CA HIS A 672 -27.10 -19.69 -12.34
C HIS A 672 -27.44 -18.21 -12.26
N TYR A 673 -28.24 -17.85 -11.26
CA TYR A 673 -28.61 -16.46 -11.05
C TYR A 673 -27.39 -15.63 -10.67
N LEU A 674 -26.41 -16.28 -10.03
CA LEU A 674 -25.19 -15.62 -9.62
C LEU A 674 -24.35 -15.19 -10.81
N HIS A 675 -24.39 -15.97 -11.89
CA HIS A 675 -23.57 -15.72 -13.06
C HIS A 675 -24.35 -15.04 -14.18
N ASP A 676 -25.63 -15.36 -14.30
CA ASP A 676 -26.45 -14.81 -15.37
C ASP A 676 -26.94 -13.40 -15.07
N THR A 677 -27.11 -13.07 -13.80
CA THR A 677 -27.66 -11.77 -13.44
C THR A 677 -26.69 -10.89 -12.64
N LEU A 678 -26.29 -11.35 -11.45
CA LEU A 678 -25.45 -10.54 -10.57
C LEU A 678 -24.07 -10.26 -11.13
N LEU A 679 -23.42 -11.30 -11.64
CA LEU A 679 -22.05 -11.20 -12.13
C LEU A 679 -21.92 -10.21 -13.28
N GLN A 680 -22.92 -10.18 -14.15
CA GLN A 680 -22.90 -9.26 -15.29
C GLN A 680 -23.14 -7.84 -14.82
N ARG A 681 -23.97 -7.69 -13.79
CA ARG A 681 -24.26 -6.38 -13.24
C ARG A 681 -23.03 -5.82 -12.56
N TYR A 682 -22.29 -6.69 -11.87
CA TYR A 682 -21.09 -6.27 -11.17
C TYR A 682 -19.98 -5.86 -12.13
N ALA A 683 -20.00 -6.43 -13.33
CA ALA A 683 -19.02 -6.10 -14.35
C ALA A 683 -19.24 -4.70 -14.93
N HIS A 684 -20.49 -4.24 -14.89
CA HIS A 684 -20.82 -2.91 -15.37
C HIS A 684 -20.53 -1.88 -14.28
N GLU A 685 -20.87 -2.23 -13.05
CA GLU A 685 -20.68 -1.34 -11.91
C GLU A 685 -19.21 -1.15 -11.56
N ARG A 686 -18.43 -2.22 -11.68
CA ARG A 686 -17.02 -2.19 -11.29
C ARG A 686 -16.09 -2.23 -12.50
N ASN A 687 -16.65 -2.00 -13.68
CA ASN A 687 -15.88 -2.03 -14.93
C ASN A 687 -15.13 -3.34 -15.14
N GLY A 688 -15.84 -4.45 -15.01
CA GLY A 688 -15.24 -5.76 -15.14
C GLY A 688 -14.84 -6.35 -13.80
N ILE A 689 -14.84 -7.68 -13.73
CA ILE A 689 -14.45 -8.39 -12.52
C ILE A 689 -13.60 -9.60 -12.85
N ASN A 690 -12.61 -9.86 -12.01
CA ASN A 690 -11.85 -11.11 -12.09
C ASN A 690 -12.42 -12.14 -11.12
N VAL A 691 -12.77 -13.31 -11.63
CA VAL A 691 -13.44 -14.30 -10.81
C VAL A 691 -12.58 -15.55 -10.59
N VAL A 692 -12.51 -15.99 -9.34
CA VAL A 692 -11.89 -17.26 -9.00
C VAL A 692 -12.90 -18.07 -8.20
N SER A 693 -13.24 -19.25 -8.71
CA SER A 693 -14.25 -20.09 -8.07
C SER A 693 -13.74 -21.51 -7.86
N GLY A 694 -14.37 -22.24 -6.96
CA GLY A 694 -14.01 -23.62 -6.70
C GLY A 694 -14.82 -24.26 -5.58
N PRO A 695 -14.71 -25.59 -5.45
CA PRO A 695 -15.42 -26.38 -4.45
C PRO A 695 -14.77 -26.27 -3.08
N VAL A 696 -15.56 -26.45 -2.02
CA VAL A 696 -15.05 -26.40 -0.65
C VAL A 696 -15.41 -27.67 0.10
N PHE A 697 -14.42 -28.28 0.74
CA PHE A 697 -14.63 -29.51 1.49
C PHE A 697 -14.22 -29.36 2.95
N ASP A 698 -15.19 -29.07 3.81
CA ASP A 698 -14.94 -28.99 5.24
C ASP A 698 -16.02 -29.74 6.01
N PHE A 699 -15.88 -31.05 6.07
CA PHE A 699 -16.88 -31.91 6.71
C PHE A 699 -16.77 -31.85 8.23
N ASP A 700 -15.60 -31.51 8.73
CA ASP A 700 -15.37 -31.42 10.18
C ASP A 700 -15.67 -30.03 10.72
N TYR A 701 -16.23 -29.18 9.84
CA TYR A 701 -16.65 -27.82 10.18
C TYR A 701 -15.70 -27.04 11.11
N ASP A 702 -14.40 -27.09 10.82
CA ASP A 702 -13.42 -26.39 11.63
C ASP A 702 -12.94 -25.10 10.97
N GLY A 703 -13.37 -24.88 9.73
CA GLY A 703 -13.00 -23.68 8.99
C GLY A 703 -11.73 -23.85 8.20
N ARG A 704 -11.12 -25.03 8.27
CA ARG A 704 -9.90 -25.32 7.54
C ARG A 704 -10.11 -26.50 6.61
N TYR A 705 -9.25 -26.65 5.61
CA TYR A 705 -9.39 -27.71 4.62
C TYR A 705 -9.18 -29.09 5.24
N ASP A 706 -9.90 -30.08 4.72
CA ASP A 706 -9.85 -31.43 5.26
C ASP A 706 -8.66 -32.21 4.72
N SER A 707 -8.14 -33.12 5.53
CA SER A 707 -7.04 -33.99 5.11
C SER A 707 -7.57 -35.11 4.22
N LEU A 708 -6.67 -35.84 3.58
CA LEU A 708 -7.05 -36.91 2.66
C LEU A 708 -7.79 -38.02 3.41
N GLU A 709 -7.45 -38.19 4.69
CA GLU A 709 -8.05 -39.22 5.53
C GLU A 709 -9.54 -39.00 5.75
N ILE A 710 -9.89 -37.79 6.17
CA ILE A 710 -11.29 -37.43 6.44
C ILE A 710 -12.09 -37.19 5.15
N LEU A 711 -11.40 -36.87 4.07
CA LEU A 711 -12.05 -36.69 2.77
C LEU A 711 -12.63 -38.01 2.28
N LYS A 712 -11.90 -39.10 2.53
CA LYS A 712 -12.32 -40.42 2.12
C LYS A 712 -13.45 -40.95 3.01
N GLN A 713 -13.55 -40.42 4.22
CA GLN A 713 -14.58 -40.86 5.14
C GLN A 713 -15.94 -40.25 4.78
N ASN A 714 -15.89 -39.09 4.13
CA ASN A 714 -17.13 -38.40 3.78
C ASN A 714 -17.48 -38.52 2.30
N SER A 715 -16.81 -39.44 1.61
CA SER A 715 -17.09 -39.65 0.19
C SER A 715 -18.27 -40.60 0.04
N ARG A 716 -19.44 -40.03 -0.21
CA ARG A 716 -20.66 -40.82 -0.41
C ARG A 716 -20.65 -41.59 -1.72
N VAL A 717 -21.56 -42.56 -1.82
CA VAL A 717 -21.73 -43.30 -3.06
C VAL A 717 -23.15 -43.04 -3.55
N ILE A 718 -23.27 -42.56 -4.77
CA ILE A 718 -24.56 -42.26 -5.35
C ILE A 718 -24.59 -42.66 -6.83
N ARG A 719 -25.71 -43.24 -7.25
CA ARG A 719 -25.90 -43.67 -8.63
C ARG A 719 -24.86 -44.71 -9.03
N SER A 720 -24.50 -45.56 -8.08
CA SER A 720 -23.57 -46.67 -8.28
C SER A 720 -22.13 -46.20 -8.48
N GLN A 721 -21.86 -44.95 -8.15
CA GLN A 721 -20.50 -44.41 -8.28
C GLN A 721 -20.08 -43.63 -7.04
N GLU A 722 -18.79 -43.65 -6.73
CA GLU A 722 -18.27 -42.94 -5.57
C GLU A 722 -18.05 -41.46 -5.92
N ILE A 723 -18.62 -40.58 -5.11
CA ILE A 723 -18.53 -39.14 -5.34
C ILE A 723 -18.19 -38.34 -4.09
N LEU A 724 -17.21 -37.45 -4.18
CA LEU A 724 -16.92 -36.54 -3.09
C LEU A 724 -17.63 -35.22 -3.39
N ILE A 725 -18.69 -34.96 -2.64
CA ILE A 725 -19.51 -33.78 -2.86
C ILE A 725 -19.13 -32.62 -1.94
N PRO A 726 -18.98 -31.41 -2.51
CA PRO A 726 -18.55 -30.21 -1.79
C PRO A 726 -19.55 -29.74 -0.73
N THR A 727 -19.04 -29.30 0.42
CA THR A 727 -19.86 -28.76 1.48
C THR A 727 -20.24 -27.32 1.14
N HIS A 728 -19.32 -26.62 0.48
CA HIS A 728 -19.54 -25.24 0.06
C HIS A 728 -18.93 -24.98 -1.32
N PHE A 729 -19.21 -23.80 -1.85
CA PHE A 729 -18.56 -23.33 -3.07
C PHE A 729 -18.08 -21.91 -2.84
N PHE A 730 -16.79 -21.67 -3.07
CA PHE A 730 -16.24 -20.34 -2.88
C PHE A 730 -16.18 -19.56 -4.20
N ILE A 731 -16.29 -18.24 -4.09
CA ILE A 731 -16.14 -17.36 -5.24
C ILE A 731 -15.56 -16.02 -4.80
N VAL A 732 -14.44 -15.65 -5.40
CA VAL A 732 -13.77 -14.39 -5.05
C VAL A 732 -13.84 -13.39 -6.20
N LEU A 733 -14.45 -12.25 -5.94
CA LEU A 733 -14.58 -11.20 -6.95
C LEU A 733 -13.55 -10.10 -6.72
N THR A 734 -12.72 -9.84 -7.73
CA THR A 734 -11.70 -8.82 -7.64
C THR A 734 -11.86 -7.74 -8.71
N SER A 735 -11.78 -6.48 -8.30
CA SER A 735 -11.86 -5.36 -9.23
C SER A 735 -10.87 -4.26 -8.88
N CYS A 736 -10.89 -3.18 -9.66
CA CYS A 736 -10.01 -2.04 -9.42
C CYS A 736 -10.69 -1.01 -8.52
N LYS A 737 -9.90 -0.35 -7.69
CA LYS A 737 -10.41 0.70 -6.82
C LYS A 737 -10.73 1.95 -7.65
N GLN A 738 -10.08 2.05 -8.81
CA GLN A 738 -10.33 3.12 -9.76
C GLN A 738 -11.16 2.59 -10.93
N LEU A 739 -12.37 3.12 -11.09
CA LEU A 739 -13.31 2.62 -12.08
C LEU A 739 -12.86 2.83 -13.52
N SER A 740 -11.82 3.62 -13.72
CA SER A 740 -11.29 3.88 -15.05
C SER A 740 -10.46 2.70 -15.55
N GLU A 741 -10.12 1.79 -14.63
CA GLU A 741 -9.25 0.66 -14.94
C GLU A 741 -10.00 -0.67 -15.02
N THR A 742 -9.56 -1.53 -15.93
CA THR A 742 -10.09 -2.88 -16.05
C THR A 742 -9.31 -3.81 -15.10
N PRO A 743 -9.90 -4.96 -14.73
CA PRO A 743 -9.24 -5.92 -13.83
C PRO A 743 -7.84 -6.37 -14.26
N LEU A 744 -7.43 -6.03 -15.48
CA LEU A 744 -6.12 -6.41 -15.97
C LEU A 744 -5.10 -5.29 -15.76
N GLU A 745 -5.57 -4.16 -15.21
CA GLU A 745 -4.71 -3.00 -15.04
C GLU A 745 -5.00 -2.24 -13.73
N CYS A 746 -5.34 -2.99 -12.68
CA CYS A 746 -5.64 -2.39 -11.39
C CYS A 746 -4.39 -1.80 -10.75
N SER A 747 -4.52 -0.61 -10.18
CA SER A 747 -3.45 -0.02 -9.39
C SER A 747 -3.60 -0.51 -7.95
N ALA A 748 -4.85 -0.58 -7.50
CA ALA A 748 -5.18 -1.15 -6.21
C ALA A 748 -6.37 -2.09 -6.39
N LEU A 749 -6.51 -3.06 -5.50
CA LEU A 749 -7.56 -4.08 -5.65
C LEU A 749 -8.83 -3.80 -4.88
N GLU A 750 -9.91 -4.43 -5.31
CA GLU A 750 -11.21 -4.35 -4.66
C GLU A 750 -11.77 -5.76 -4.56
N SER A 751 -11.49 -6.43 -3.46
CA SER A 751 -11.87 -7.83 -3.29
C SER A 751 -13.16 -8.02 -2.52
N SER A 752 -13.86 -9.10 -2.83
CA SER A 752 -15.05 -9.52 -2.10
C SER A 752 -15.24 -11.01 -2.30
N ALA A 753 -15.15 -11.77 -1.22
CA ALA A 753 -15.25 -13.23 -1.30
C ALA A 753 -16.55 -13.74 -0.72
N TYR A 754 -16.97 -14.91 -1.18
CA TYR A 754 -18.18 -15.54 -0.68
C TYR A 754 -17.95 -17.04 -0.49
N ILE A 755 -18.50 -17.59 0.59
CA ILE A 755 -18.49 -19.03 0.78
C ILE A 755 -19.93 -19.54 0.90
N LEU A 756 -20.47 -19.98 -0.23
CA LEU A 756 -21.87 -20.38 -0.33
C LEU A 756 -22.09 -21.83 0.08
N PRO A 757 -23.04 -22.07 0.99
CA PRO A 757 -23.36 -23.43 1.45
C PRO A 757 -24.00 -24.29 0.37
N HIS A 758 -23.49 -25.51 0.19
CA HIS A 758 -24.03 -26.41 -0.81
C HIS A 758 -25.10 -27.31 -0.19
N ARG A 759 -26.35 -26.90 -0.29
CA ARG A 759 -27.46 -27.61 0.34
C ARG A 759 -28.35 -28.30 -0.69
N PRO A 760 -28.89 -29.49 -0.35
CA PRO A 760 -29.80 -30.22 -1.23
C PRO A 760 -31.14 -29.50 -1.41
N ASP A 761 -31.46 -28.58 -0.50
CA ASP A 761 -32.69 -27.82 -0.61
C ASP A 761 -32.46 -26.35 -0.22
N ASN A 762 -33.48 -25.53 -0.40
CA ASN A 762 -33.39 -24.11 -0.07
C ASN A 762 -34.28 -23.70 1.09
N ILE A 763 -34.22 -24.48 2.16
CA ILE A 763 -35.03 -24.21 3.37
C ILE A 763 -34.51 -22.98 4.09
N GLU A 764 -33.20 -22.76 4.00
CA GLU A 764 -32.56 -21.63 4.66
C GLU A 764 -33.09 -20.32 4.10
N SER A 765 -33.44 -20.33 2.82
CA SER A 765 -33.81 -19.12 2.09
C SER A 765 -35.30 -18.80 2.14
N CYS A 766 -36.14 -19.80 2.44
CA CYS A 766 -37.59 -19.64 2.38
C CYS A 766 -38.08 -19.14 1.01
N THR A 767 -37.82 -19.98 0.02
CA THR A 767 -38.07 -19.78 -1.42
C THR A 767 -39.57 -19.59 -1.65
N HIS A 768 -40.35 -20.19 -0.75
CA HIS A 768 -41.81 -20.20 -0.76
C HIS A 768 -42.36 -18.78 -0.88
N GLY A 769 -43.02 -18.55 -2.01
CA GLY A 769 -43.54 -17.25 -2.43
C GLY A 769 -42.92 -16.99 -3.79
N LYS A 770 -41.87 -17.76 -4.10
CA LYS A 770 -41.17 -17.73 -5.40
C LYS A 770 -40.54 -16.42 -5.90
N ARG A 771 -40.00 -15.61 -5.00
CA ARG A 771 -39.32 -14.40 -5.43
C ARG A 771 -37.83 -14.70 -5.56
N GLU A 772 -37.42 -15.26 -6.70
CA GLU A 772 -36.04 -15.73 -6.89
C GLU A 772 -34.97 -14.64 -6.79
N SER A 773 -35.27 -13.47 -7.33
CA SER A 773 -34.31 -12.36 -7.33
C SER A 773 -34.05 -11.77 -5.95
N SER A 774 -34.89 -12.13 -4.99
CA SER A 774 -34.80 -11.58 -3.64
C SER A 774 -33.95 -12.44 -2.72
N TRP A 775 -34.33 -13.71 -2.57
CA TRP A 775 -33.69 -14.59 -1.60
C TRP A 775 -32.25 -14.96 -1.94
N VAL A 776 -31.91 -14.95 -3.23
CA VAL A 776 -30.54 -15.28 -3.64
C VAL A 776 -29.51 -14.23 -3.20
N GLU A 777 -29.78 -12.96 -3.51
CA GLU A 777 -28.87 -11.88 -3.12
C GLU A 777 -28.73 -11.79 -1.60
N GLU A 778 -29.80 -12.10 -0.89
CA GLU A 778 -29.79 -12.09 0.57
C GLU A 778 -28.95 -13.24 1.12
N LEU A 779 -28.86 -14.32 0.35
CA LEU A 779 -28.05 -15.46 0.75
C LEU A 779 -26.58 -15.18 0.49
N LEU A 780 -26.29 -14.54 -0.64
CA LEU A 780 -24.92 -14.14 -0.99
C LEU A 780 -24.34 -13.19 0.05
N THR A 781 -25.08 -12.14 0.36
CA THR A 781 -24.62 -11.11 1.29
C THR A 781 -24.42 -11.71 2.69
N LEU A 782 -25.28 -12.66 3.05
CA LEU A 782 -25.22 -13.30 4.36
C LEU A 782 -23.99 -14.20 4.51
N HIS A 783 -23.60 -14.86 3.43
CA HIS A 783 -22.48 -15.79 3.47
C HIS A 783 -21.22 -15.19 2.85
N ARG A 784 -21.11 -13.86 2.91
CA ARG A 784 -19.89 -13.18 2.52
C ARG A 784 -18.78 -13.57 3.50
N ALA A 785 -17.55 -13.58 3.03
CA ALA A 785 -16.44 -13.99 3.88
C ALA A 785 -15.15 -13.27 3.50
N ARG A 786 -14.18 -13.29 4.42
CA ARG A 786 -12.86 -12.75 4.14
C ARG A 786 -12.20 -13.64 3.09
N VAL A 787 -11.29 -13.07 2.32
CA VAL A 787 -10.51 -13.85 1.37
C VAL A 787 -9.63 -14.83 2.15
N THR A 788 -9.22 -14.40 3.34
CA THR A 788 -8.46 -15.25 4.25
C THR A 788 -9.28 -16.47 4.66
N ASP A 789 -10.57 -16.27 4.88
CA ASP A 789 -11.47 -17.36 5.23
C ASP A 789 -11.49 -18.41 4.13
N VAL A 790 -11.53 -17.95 2.88
CA VAL A 790 -11.49 -18.83 1.73
C VAL A 790 -10.15 -19.55 1.64
N GLU A 791 -9.08 -18.81 1.92
CA GLU A 791 -7.72 -19.37 1.89
C GLU A 791 -7.58 -20.48 2.91
N LEU A 792 -8.08 -20.24 4.12
CA LEU A 792 -7.95 -21.17 5.22
C LEU A 792 -8.73 -22.46 4.99
N ILE A 793 -9.85 -22.35 4.30
CA ILE A 793 -10.75 -23.48 4.11
C ILE A 793 -10.48 -24.26 2.82
N THR A 794 -9.69 -23.68 1.93
CA THR A 794 -9.37 -24.34 0.65
C THR A 794 -7.89 -24.67 0.52
N GLY A 795 -7.06 -24.04 1.35
CA GLY A 795 -5.63 -24.24 1.28
C GLY A 795 -5.01 -23.61 0.06
N LEU A 796 -5.53 -22.45 -0.33
CA LEU A 796 -5.02 -21.72 -1.48
C LEU A 796 -4.55 -20.34 -1.03
N SER A 797 -3.64 -19.73 -1.80
CA SER A 797 -3.14 -18.41 -1.48
C SER A 797 -3.27 -17.47 -2.68
N PHE A 798 -3.98 -16.35 -2.49
CA PHE A 798 -4.25 -15.45 -3.60
C PHE A 798 -3.36 -14.20 -3.60
N TYR A 799 -3.26 -13.57 -4.77
CA TYR A 799 -2.61 -12.27 -4.92
C TYR A 799 -1.12 -12.24 -4.56
N GLN A 800 -0.41 -13.35 -4.75
CA GLN A 800 1.00 -13.39 -4.34
C GLN A 800 1.92 -12.60 -5.25
N ASP A 801 1.54 -12.44 -6.51
CA ASP A 801 2.33 -11.68 -7.47
C ASP A 801 1.88 -10.23 -7.56
N ARG A 802 0.95 -9.85 -6.70
CA ARG A 802 0.42 -8.48 -6.69
C ARG A 802 1.48 -7.50 -6.20
N GLN A 803 1.45 -6.28 -6.74
CA GLN A 803 2.49 -5.30 -6.47
C GLN A 803 2.54 -4.81 -5.02
N GLU A 804 1.39 -4.77 -4.36
CA GLU A 804 1.34 -4.33 -2.97
C GLU A 804 2.11 -5.29 -2.07
N SER A 805 2.56 -4.80 -0.92
CA SER A 805 3.34 -5.63 0.00
C SER A 805 2.46 -6.68 0.67
N VAL A 806 3.11 -7.63 1.33
CA VAL A 806 2.42 -8.71 2.03
C VAL A 806 1.47 -8.15 3.07
N SER A 807 1.96 -7.18 3.85
CA SER A 807 1.16 -6.55 4.89
C SER A 807 -0.08 -5.88 4.31
N GLU A 808 0.06 -5.27 3.14
CA GLU A 808 -1.07 -4.64 2.47
C GLU A 808 -2.04 -5.72 2.01
N LEU A 809 -1.50 -6.81 1.47
CA LEU A 809 -2.32 -7.90 0.97
C LEU A 809 -3.04 -8.62 2.09
N LEU A 810 -2.41 -8.66 3.28
CA LEU A 810 -3.07 -9.23 4.44
C LEU A 810 -4.25 -8.36 4.83
N ARG A 811 -4.06 -7.04 4.77
CA ARG A 811 -5.13 -6.09 5.04
C ARG A 811 -6.31 -6.30 4.10
N LEU A 812 -6.01 -6.54 2.83
CA LEU A 812 -7.03 -6.72 1.81
C LEU A 812 -7.82 -8.02 1.99
N LYS A 813 -7.12 -9.09 2.34
CA LYS A 813 -7.73 -10.41 2.42
C LYS A 813 -8.51 -10.66 3.72
N THR A 814 -8.20 -9.88 4.75
CA THR A 814 -8.88 -10.02 6.04
C THR A 814 -10.06 -9.06 6.19
N HIS A 815 -10.46 -8.43 5.11
CA HIS A 815 -11.49 -7.38 5.14
C HIS A 815 -12.91 -7.90 4.98
N LEU A 816 -13.84 -7.29 5.71
CA LEU A 816 -15.26 -7.55 5.54
C LEU A 816 -16.09 -6.28 5.64
N PRO A 817 -17.12 -6.14 4.78
CA PRO A 817 -18.04 -5.01 4.78
C PRO A 817 -19.04 -5.09 5.93
N ILE A 818 -19.40 -3.94 6.49
CA ILE A 818 -20.37 -3.87 7.59
C ILE A 818 -21.81 -3.75 7.08
N PHE A 819 -22.69 -4.60 7.60
CA PHE A 819 -24.11 -4.53 7.25
C PHE A 819 -24.76 -3.28 7.83
N SER A 820 -25.50 -2.57 6.99
CA SER A 820 -26.20 -1.34 7.39
C SER A 820 -25.25 -0.30 7.97
N LYS B 88 10.93 -27.93 -26.74
CA LYS B 88 10.22 -26.65 -26.68
C LYS B 88 11.15 -25.52 -26.22
N SER B 89 11.16 -24.42 -26.96
CA SER B 89 12.00 -23.28 -26.60
C SER B 89 11.45 -22.59 -25.36
N TRP B 90 12.27 -21.73 -24.75
CA TRP B 90 11.87 -21.02 -23.53
C TRP B 90 10.69 -20.09 -23.81
N VAL B 91 10.71 -19.46 -24.98
CA VAL B 91 9.68 -18.53 -25.40
C VAL B 91 8.36 -19.27 -25.67
N GLU B 92 8.50 -20.55 -26.01
CA GLU B 92 7.34 -21.39 -26.31
C GLU B 92 6.64 -21.85 -25.04
N GLU B 93 7.35 -21.84 -23.93
CA GLU B 93 6.79 -22.23 -22.65
C GLU B 93 5.95 -21.10 -22.05
N THR B 94 4.97 -21.47 -21.22
CA THR B 94 4.10 -20.48 -20.58
C THR B 94 4.75 -19.89 -19.34
N CYS B 95 4.04 -19.02 -18.65
CA CYS B 95 4.58 -18.42 -17.44
C CYS B 95 4.61 -19.47 -16.33
N GLU B 96 5.69 -19.49 -15.56
CA GLU B 96 5.79 -20.38 -14.42
C GLU B 96 6.28 -19.64 -13.17
N SER B 97 5.53 -19.77 -12.07
CA SER B 97 5.87 -19.07 -10.84
C SER B 97 7.13 -19.63 -10.19
N ILE B 98 8.12 -18.77 -10.01
CA ILE B 98 9.38 -19.14 -9.37
C ILE B 98 9.44 -18.57 -7.96
N ASP B 99 8.65 -19.15 -7.06
CA ASP B 99 8.60 -18.70 -5.67
C ASP B 99 9.92 -18.99 -4.96
N THR B 100 10.49 -20.15 -5.26
CA THR B 100 11.79 -20.55 -4.71
C THR B 100 12.74 -20.83 -5.86
N PRO B 101 13.93 -20.21 -5.84
CA PRO B 101 14.91 -20.37 -6.91
C PRO B 101 15.36 -21.82 -7.10
N GLU B 102 15.22 -22.33 -8.33
CA GLU B 102 15.67 -23.67 -8.66
C GLU B 102 17.06 -23.58 -9.28
N CYS B 103 18.06 -23.58 -8.41
CA CYS B 103 19.46 -23.43 -8.78
C CYS B 103 20.20 -24.77 -8.77
N PRO B 104 21.10 -24.98 -9.74
CA PRO B 104 21.95 -26.18 -9.79
C PRO B 104 22.83 -26.28 -8.54
N ALA B 105 23.42 -27.46 -8.34
CA ALA B 105 24.29 -27.72 -7.19
C ALA B 105 25.53 -26.83 -7.12
N GLU B 106 26.00 -26.36 -8.28
CA GLU B 106 27.22 -25.54 -8.34
C GLU B 106 26.90 -24.07 -8.12
N PHE B 107 25.60 -23.79 -7.99
CA PHE B 107 25.11 -22.44 -7.73
C PHE B 107 24.51 -22.31 -6.32
N GLU B 108 24.96 -21.31 -5.56
CA GLU B 108 24.46 -21.10 -4.20
C GLU B 108 23.35 -20.06 -4.16
N SER B 109 23.43 -19.08 -5.05
CA SER B 109 22.41 -18.03 -5.12
C SER B 109 22.29 -17.52 -6.54
N PRO B 110 21.07 -17.14 -6.96
CA PRO B 110 20.86 -16.66 -8.32
C PRO B 110 21.68 -15.43 -8.66
N PRO B 111 22.45 -15.49 -9.75
CA PRO B 111 23.22 -14.33 -10.24
C PRO B 111 22.30 -13.25 -10.78
N THR B 112 22.85 -12.08 -11.05
CA THR B 112 22.05 -10.97 -11.59
C THR B 112 22.65 -10.44 -12.88
N LEU B 113 21.89 -10.56 -13.96
CA LEU B 113 22.34 -10.07 -15.27
C LEU B 113 21.63 -8.77 -15.63
N LEU B 114 22.41 -7.76 -15.99
CA LEU B 114 21.87 -6.49 -16.43
C LEU B 114 21.98 -6.37 -17.95
N PHE B 115 20.87 -6.61 -18.63
CA PHE B 115 20.85 -6.61 -20.09
C PHE B 115 20.34 -5.26 -20.60
N SER B 116 21.19 -4.55 -21.35
CA SER B 116 20.81 -3.24 -21.88
C SER B 116 20.63 -3.25 -23.40
N LEU B 117 19.58 -2.59 -23.85
CA LEU B 117 19.31 -2.41 -25.28
C LEU B 117 19.24 -0.92 -25.58
N ASP B 118 20.34 -0.36 -26.07
CA ASP B 118 20.44 1.08 -26.26
C ASP B 118 19.36 1.63 -27.20
N GLY B 119 18.75 2.73 -26.77
CA GLY B 119 17.76 3.44 -27.57
C GLY B 119 16.41 2.76 -27.63
N PHE B 120 16.13 1.88 -26.68
CA PHE B 120 14.84 1.19 -26.66
C PHE B 120 13.83 2.06 -25.92
N ARG B 121 13.16 2.94 -26.65
CA ARG B 121 12.14 3.81 -26.08
C ARG B 121 10.96 2.97 -25.62
N ALA B 122 10.32 3.40 -24.53
CA ALA B 122 9.25 2.65 -23.89
C ALA B 122 8.06 2.43 -24.82
N GLU B 123 7.83 3.37 -25.74
CA GLU B 123 6.72 3.26 -26.68
C GLU B 123 6.86 2.05 -27.61
N TYR B 124 8.09 1.59 -27.79
CA TYR B 124 8.36 0.44 -28.65
C TYR B 124 7.60 -0.80 -28.19
N LEU B 125 7.71 -1.13 -26.91
CA LEU B 125 7.04 -2.29 -26.36
C LEU B 125 5.54 -2.05 -26.26
N HIS B 126 5.15 -0.79 -26.08
CA HIS B 126 3.73 -0.43 -26.03
C HIS B 126 3.07 -0.75 -27.38
N THR B 127 3.74 -0.36 -28.47
CA THR B 127 3.14 -0.49 -29.79
C THR B 127 3.50 -1.81 -30.47
N TRP B 128 4.78 -2.17 -30.45
CA TRP B 128 5.26 -3.36 -31.15
C TRP B 128 5.45 -4.57 -30.24
N GLY B 129 4.57 -4.72 -29.27
CA GLY B 129 4.63 -5.84 -28.34
C GLY B 129 4.33 -7.17 -29.02
N GLY B 130 3.44 -7.13 -30.00
CA GLY B 130 3.02 -8.31 -30.72
C GLY B 130 4.07 -8.85 -31.68
N LEU B 131 5.09 -8.03 -31.94
CA LEU B 131 6.17 -8.42 -32.83
C LEU B 131 7.36 -8.89 -32.01
N LEU B 132 7.26 -8.74 -30.70
CA LEU B 132 8.34 -9.13 -29.79
C LEU B 132 7.82 -10.15 -28.78
N PRO B 133 7.77 -11.43 -29.19
CA PRO B 133 7.20 -12.51 -28.38
C PRO B 133 8.03 -12.84 -27.14
N VAL B 134 9.36 -12.73 -27.25
CA VAL B 134 10.24 -13.04 -26.14
C VAL B 134 10.16 -12.00 -25.03
N ILE B 135 10.31 -10.73 -25.40
CA ILE B 135 10.27 -9.61 -24.47
C ILE B 135 8.91 -9.51 -23.79
N SER B 136 7.84 -9.78 -24.55
CA SER B 136 6.48 -9.72 -24.02
C SER B 136 6.27 -10.77 -22.94
N LYS B 137 6.90 -11.93 -23.09
CA LYS B 137 6.78 -12.99 -22.09
C LYS B 137 7.50 -12.56 -20.82
N LEU B 138 8.64 -11.89 -20.99
CA LEU B 138 9.38 -11.33 -19.87
C LEU B 138 8.51 -10.31 -19.15
N LYS B 139 7.69 -9.60 -19.92
CA LYS B 139 6.74 -8.63 -19.35
C LYS B 139 5.66 -9.34 -18.56
N ASN B 140 5.07 -10.36 -19.18
CA ASN B 140 3.94 -11.08 -18.61
C ASN B 140 4.27 -11.99 -17.43
N CYS B 141 5.53 -12.40 -17.32
CA CYS B 141 5.95 -13.29 -16.24
C CYS B 141 6.89 -12.60 -15.26
N GLY B 142 7.09 -11.29 -15.44
CA GLY B 142 7.99 -10.55 -14.59
C GLY B 142 7.42 -9.24 -14.10
N THR B 143 8.30 -8.37 -13.61
CA THR B 143 7.90 -7.06 -13.14
C THR B 143 8.17 -6.00 -14.20
N TYR B 144 7.10 -5.35 -14.67
CA TYR B 144 7.21 -4.41 -15.77
C TYR B 144 6.72 -3.01 -15.38
N THR B 145 7.24 -2.00 -16.07
CA THR B 145 6.78 -0.63 -15.88
C THR B 145 6.63 0.01 -17.25
N LYS B 146 5.44 0.57 -17.51
CA LYS B 146 5.15 1.24 -18.77
C LYS B 146 6.25 2.21 -19.18
N ASN B 147 6.70 3.02 -18.23
CA ASN B 147 7.73 4.01 -18.49
C ASN B 147 8.75 4.09 -17.36
N MSE B 148 10.03 4.05 -17.72
CA MSE B 148 11.09 4.26 -16.74
C MSE B 148 11.79 5.58 -17.03
O MSE B 148 12.44 5.72 -18.07
CB MSE B 148 12.10 3.12 -16.78
CG MSE B 148 13.14 3.21 -15.68
SE MSE B 148 14.68 2.08 -16.04
CE MSE B 148 15.29 1.86 -14.21
N ARG B 149 11.67 6.53 -16.13
CA ARG B 149 12.22 7.86 -16.33
C ARG B 149 13.74 7.86 -16.20
N PRO B 150 14.43 8.29 -17.26
CA PRO B 150 15.90 8.35 -17.31
C PRO B 150 16.42 9.68 -16.77
N MSE B 151 17.72 9.90 -16.89
CA MSE B 151 18.33 11.14 -16.41
C MSE B 151 18.54 12.16 -17.53
O MSE B 151 18.40 11.87 -18.71
CB MSE B 151 19.64 10.86 -15.69
CG MSE B 151 19.48 10.11 -14.37
SE MSE B 151 18.04 10.83 -13.26
CE MSE B 151 18.55 12.71 -13.26
N TYR B 152 18.88 13.39 -17.12
CA TYR B 152 19.13 14.47 -18.06
C TYR B 152 20.62 14.76 -18.14
N PRO B 153 21.16 14.94 -19.36
CA PRO B 153 20.44 14.79 -20.64
C PRO B 153 20.22 13.33 -20.99
N THR B 154 19.30 13.04 -21.92
CA THR B 154 18.97 11.67 -22.26
C THR B 154 19.99 11.12 -23.25
N LYS B 155 21.17 10.82 -22.72
CA LYS B 155 22.28 10.30 -23.51
C LYS B 155 22.76 8.94 -22.96
N THR B 156 23.48 8.18 -23.77
CA THR B 156 23.90 6.83 -23.40
C THR B 156 24.78 6.75 -22.14
N PHE B 157 25.97 7.36 -22.22
CA PHE B 157 26.94 7.31 -21.14
C PHE B 157 26.46 7.85 -19.78
N PRO B 158 25.82 9.04 -19.75
CA PRO B 158 25.36 9.54 -18.45
C PRO B 158 24.34 8.60 -17.81
N ASN B 159 23.38 8.14 -18.60
CA ASN B 159 22.33 7.26 -18.08
C ASN B 159 22.85 5.88 -17.71
N HIS B 160 23.66 5.28 -18.59
CA HIS B 160 24.25 3.98 -18.32
C HIS B 160 25.10 3.99 -17.05
N TYR B 161 25.73 5.14 -16.78
CA TYR B 161 26.58 5.25 -15.60
C TYR B 161 25.74 5.61 -14.37
N SER B 162 24.62 6.27 -14.58
CA SER B 162 23.71 6.59 -13.49
C SER B 162 22.97 5.34 -13.02
N ILE B 163 22.74 4.40 -13.93
CA ILE B 163 22.10 3.13 -13.60
C ILE B 163 22.94 2.35 -12.61
N VAL B 164 24.23 2.22 -12.90
CA VAL B 164 25.12 1.40 -12.08
C VAL B 164 25.70 2.15 -10.88
N THR B 165 25.38 3.44 -10.78
CA THR B 165 25.85 4.23 -9.64
C THR B 165 24.71 4.78 -8.78
N GLY B 166 23.53 4.90 -9.38
CA GLY B 166 22.38 5.45 -8.68
C GLY B 166 22.56 6.92 -8.36
N LEU B 167 23.45 7.57 -9.10
CA LEU B 167 23.77 8.97 -8.87
C LEU B 167 23.28 9.86 -10.01
N TYR B 168 23.01 11.12 -9.71
CA TYR B 168 22.71 12.10 -10.72
C TYR B 168 23.97 12.35 -11.54
N PRO B 169 23.82 12.61 -12.85
CA PRO B 169 24.95 12.89 -13.74
C PRO B 169 25.81 14.05 -13.23
N GLU B 170 25.19 14.99 -12.54
CA GLU B 170 25.90 16.15 -11.99
C GLU B 170 26.86 15.72 -10.87
N SER B 171 26.72 14.49 -10.40
CA SER B 171 27.50 14.01 -9.27
C SER B 171 28.48 12.90 -9.62
N HIS B 172 28.19 12.13 -10.68
CA HIS B 172 29.08 11.04 -11.06
C HIS B 172 30.08 11.42 -12.14
N GLY B 173 30.00 12.67 -12.62
CA GLY B 173 31.01 13.19 -13.52
C GLY B 173 30.72 13.09 -15.00
N ILE B 174 29.98 12.06 -15.40
CA ILE B 174 29.67 11.86 -16.82
C ILE B 174 28.42 12.64 -17.22
N ILE B 175 28.63 13.89 -17.60
CA ILE B 175 27.54 14.81 -17.92
C ILE B 175 26.92 14.50 -19.28
N ASP B 176 27.77 14.23 -20.27
CA ASP B 176 27.30 13.95 -21.61
C ASP B 176 28.27 12.99 -22.30
N ASN B 177 27.88 12.48 -23.46
CA ASN B 177 28.78 11.67 -24.28
C ASN B 177 29.99 12.49 -24.69
N LYS B 178 29.76 13.76 -25.02
CA LYS B 178 30.83 14.69 -25.34
C LYS B 178 30.76 15.88 -24.39
N MSE B 179 31.83 16.07 -23.62
CA MSE B 179 31.86 17.13 -22.61
C MSE B 179 33.29 17.62 -22.39
O MSE B 179 34.26 17.05 -22.92
CB MSE B 179 31.28 16.62 -21.30
CG MSE B 179 31.77 15.24 -20.91
SE MSE B 179 31.69 14.91 -19.00
CE MSE B 179 32.36 13.08 -19.00
N TYR B 180 33.43 18.66 -21.58
CA TYR B 180 34.73 19.28 -21.36
C TYR B 180 34.91 19.72 -19.91
N ASP B 181 36.09 19.50 -19.36
CA ASP B 181 36.41 19.89 -17.98
C ASP B 181 37.35 21.10 -18.00
N PRO B 182 36.88 22.24 -17.47
CA PRO B 182 37.63 23.50 -17.42
C PRO B 182 38.87 23.43 -16.55
N LYS B 183 38.76 22.79 -15.39
CA LYS B 183 39.88 22.73 -14.46
C LYS B 183 41.01 21.86 -15.00
N MSE B 184 40.63 20.73 -15.61
CA MSE B 184 41.60 19.78 -16.15
C MSE B 184 42.11 20.22 -17.52
O MSE B 184 43.14 19.72 -17.99
CB MSE B 184 40.97 18.39 -16.26
CG MSE B 184 40.67 17.73 -14.93
SE MSE B 184 39.87 15.97 -15.16
CE MSE B 184 41.11 15.25 -16.47
N ASN B 185 41.39 21.13 -18.16
CA ASN B 185 41.69 21.57 -19.52
C ASN B 185 41.75 20.39 -20.50
N ALA B 186 40.73 19.54 -20.45
CA ALA B 186 40.68 18.36 -21.31
C ALA B 186 39.24 18.05 -21.74
N SER B 187 39.08 17.58 -22.97
CA SER B 187 37.76 17.24 -23.49
C SER B 187 37.46 15.75 -23.37
N PHE B 188 36.18 15.40 -23.53
CA PHE B 188 35.75 14.02 -23.43
C PHE B 188 34.94 13.57 -24.65
N SER B 189 35.18 12.34 -25.09
CA SER B 189 34.45 11.77 -26.21
C SER B 189 34.51 10.25 -26.14
N LEU B 190 33.54 9.59 -26.76
CA LEU B 190 33.51 8.13 -26.78
C LEU B 190 34.64 7.57 -27.62
N LYS B 191 34.89 8.20 -28.76
CA LYS B 191 36.01 7.83 -29.60
C LYS B 191 37.20 8.73 -29.32
N SER B 192 37.78 8.54 -28.14
CA SER B 192 38.90 9.36 -27.69
C SER B 192 39.71 8.61 -26.64
N LYS B 193 40.96 9.02 -26.45
CA LYS B 193 41.84 8.40 -25.48
C LYS B 193 41.50 8.87 -24.07
N GLU B 194 40.84 10.02 -23.98
CA GLU B 194 40.44 10.60 -22.70
C GLU B 194 39.31 9.83 -22.02
N LYS B 195 38.62 9.00 -22.80
CA LYS B 195 37.55 8.16 -22.28
C LYS B 195 38.07 7.25 -21.18
N PHE B 196 39.28 6.74 -21.38
CA PHE B 196 39.88 5.78 -20.46
C PHE B 196 40.58 6.46 -19.29
N ASN B 197 40.35 7.75 -19.12
CA ASN B 197 40.93 8.50 -17.99
C ASN B 197 40.04 8.39 -16.75
N PRO B 198 40.57 7.79 -15.68
CA PRO B 198 39.81 7.55 -14.44
C PRO B 198 39.40 8.82 -13.71
N LEU B 199 39.91 9.97 -14.13
CA LEU B 199 39.59 11.24 -13.48
C LEU B 199 38.21 11.77 -13.88
N TRP B 200 37.61 11.16 -14.89
CA TRP B 200 36.29 11.57 -15.35
C TRP B 200 35.21 10.90 -14.52
N TYR B 201 35.40 9.61 -14.26
CA TYR B 201 34.41 8.79 -13.58
C TYR B 201 34.43 8.97 -12.06
N LYS B 202 33.39 9.59 -11.52
CA LYS B 202 33.24 9.77 -10.09
C LYS B 202 32.27 8.75 -9.52
N GLY B 203 32.00 8.84 -8.22
CA GLY B 203 31.08 7.93 -7.57
C GLY B 203 31.63 6.53 -7.44
N GLN B 204 30.73 5.56 -7.30
CA GLN B 204 31.12 4.16 -7.15
C GLN B 204 30.12 3.23 -7.83
N PRO B 205 30.51 2.68 -8.99
CA PRO B 205 29.66 1.74 -9.73
C PRO B 205 29.49 0.42 -8.98
N ILE B 206 28.50 -0.36 -9.39
CA ILE B 206 28.12 -1.58 -8.67
C ILE B 206 29.24 -2.64 -8.60
N TRP B 207 30.03 -2.76 -9.67
CA TRP B 207 31.10 -3.75 -9.69
C TRP B 207 32.23 -3.41 -8.72
N VAL B 208 32.41 -2.12 -8.46
CA VAL B 208 33.38 -1.68 -7.46
C VAL B 208 32.83 -1.99 -6.07
N THR B 209 31.55 -1.76 -5.88
CA THR B 209 30.88 -2.08 -4.62
C THR B 209 30.95 -3.57 -4.33
N ALA B 210 30.68 -4.38 -5.36
CA ALA B 210 30.73 -5.83 -5.22
C ALA B 210 32.14 -6.30 -4.91
N ASN B 211 33.13 -5.62 -5.49
CA ASN B 211 34.53 -5.97 -5.30
C ASN B 211 34.99 -5.73 -3.87
N HIS B 212 34.52 -4.64 -3.27
CA HIS B 212 34.88 -4.29 -1.91
C HIS B 212 34.24 -5.27 -0.93
N GLN B 213 33.17 -5.93 -1.37
CA GLN B 213 32.46 -6.88 -0.52
C GLN B 213 32.59 -8.32 -1.04
N GLU B 214 33.69 -8.57 -1.75
CA GLU B 214 34.04 -9.92 -2.21
C GLU B 214 32.99 -10.59 -3.10
N VAL B 215 32.55 -9.88 -4.12
CA VAL B 215 31.61 -10.45 -5.09
C VAL B 215 32.14 -10.26 -6.51
N LYS B 216 32.36 -11.37 -7.20
CA LYS B 216 32.91 -11.33 -8.56
C LYS B 216 31.91 -10.78 -9.56
N SER B 217 32.43 -10.11 -10.60
CA SER B 217 31.60 -9.48 -11.61
C SER B 217 32.19 -9.61 -13.01
N GLY B 218 31.35 -10.02 -13.95
CA GLY B 218 31.77 -10.18 -15.33
C GLY B 218 30.93 -9.30 -16.23
N THR B 219 31.54 -8.24 -16.74
CA THR B 219 30.80 -7.25 -17.54
C THR B 219 31.14 -7.39 -19.03
N TYR B 220 30.27 -6.85 -19.87
CA TYR B 220 30.50 -6.89 -21.30
C TYR B 220 30.00 -5.60 -21.97
N PHE B 221 30.93 -4.71 -22.29
CA PHE B 221 30.62 -3.47 -23.00
C PHE B 221 29.71 -2.52 -22.23
N TRP B 222 29.99 -2.29 -20.96
CA TRP B 222 29.23 -1.29 -20.21
C TRP B 222 30.07 -0.03 -20.00
N PRO B 223 29.47 1.15 -20.23
CA PRO B 223 30.20 2.41 -20.07
C PRO B 223 30.82 2.56 -18.68
N GLY B 224 32.14 2.60 -18.63
CA GLY B 224 32.86 2.74 -17.38
C GLY B 224 33.50 1.45 -16.90
N SER B 225 33.23 0.36 -17.62
CA SER B 225 33.79 -0.94 -17.26
C SER B 225 35.22 -1.16 -17.77
N ASP B 226 35.54 -0.58 -18.91
CA ASP B 226 36.88 -0.68 -19.49
C ASP B 226 37.87 0.11 -18.63
N VAL B 227 37.41 1.25 -18.15
CA VAL B 227 38.22 2.14 -17.31
C VAL B 227 38.19 1.68 -15.86
N GLU B 228 39.32 1.88 -15.16
CA GLU B 228 39.41 1.53 -13.76
C GLU B 228 39.01 2.67 -12.85
N ILE B 229 38.02 2.42 -11.99
CA ILE B 229 37.58 3.42 -11.03
C ILE B 229 38.10 3.01 -9.67
N ASP B 230 38.77 3.93 -8.99
CA ASP B 230 39.40 3.66 -7.68
C ASP B 230 40.36 2.48 -7.79
N GLY B 231 40.98 2.33 -8.96
CA GLY B 231 41.93 1.26 -9.20
C GLY B 231 41.26 -0.11 -9.22
N ILE B 232 39.96 -0.13 -9.45
CA ILE B 232 39.22 -1.38 -9.45
C ILE B 232 38.61 -1.65 -10.82
N LEU B 233 38.75 -2.89 -11.28
CA LEU B 233 38.15 -3.33 -12.53
C LEU B 233 37.33 -4.59 -12.29
N PRO B 234 36.23 -4.75 -13.05
CA PRO B 234 35.41 -5.97 -12.95
C PRO B 234 36.27 -7.20 -13.27
N ASP B 235 36.01 -8.29 -12.58
CA ASP B 235 36.83 -9.51 -12.68
C ASP B 235 36.95 -10.03 -14.11
N ILE B 236 35.91 -9.81 -14.91
CA ILE B 236 35.96 -10.12 -16.34
C ILE B 236 35.37 -8.94 -17.09
N TYR B 237 36.19 -8.26 -17.90
CA TYR B 237 35.73 -7.10 -18.63
C TYR B 237 36.18 -7.17 -20.09
N LYS B 238 35.63 -6.27 -20.90
CA LYS B 238 35.99 -6.21 -22.31
C LYS B 238 35.99 -4.76 -22.78
N VAL B 239 37.14 -4.29 -23.24
CA VAL B 239 37.25 -2.95 -23.79
C VAL B 239 36.30 -2.85 -24.98
N TYR B 240 35.55 -1.76 -25.04
CA TYR B 240 34.44 -1.65 -25.99
C TYR B 240 34.84 -1.81 -27.46
N ASN B 241 34.15 -2.71 -28.14
CA ASN B 241 34.34 -2.94 -29.57
C ASN B 241 32.98 -3.19 -30.19
N GLY B 242 32.44 -2.15 -30.82
CA GLY B 242 31.11 -2.22 -31.40
C GLY B 242 31.00 -3.14 -32.60
N SER B 243 32.14 -3.63 -33.07
CA SER B 243 32.19 -4.50 -34.24
C SER B 243 31.87 -5.94 -33.86
N VAL B 244 31.95 -6.26 -32.57
CA VAL B 244 31.68 -7.60 -32.09
C VAL B 244 30.22 -7.96 -32.31
N PRO B 245 29.97 -9.06 -33.04
CA PRO B 245 28.60 -9.51 -33.35
C PRO B 245 27.83 -9.82 -32.08
N PHE B 246 26.53 -9.52 -32.08
CA PHE B 246 25.70 -9.68 -30.89
C PHE B 246 25.65 -11.11 -30.37
N GLU B 247 25.52 -12.07 -31.29
CA GLU B 247 25.42 -13.48 -30.91
C GLU B 247 26.63 -13.92 -30.11
N GLU B 248 27.78 -13.30 -30.41
CA GLU B 248 29.02 -13.64 -29.73
C GLU B 248 29.06 -13.06 -28.32
N ARG B 249 28.35 -11.96 -28.11
CA ARG B 249 28.31 -11.33 -26.79
C ARG B 249 27.51 -12.19 -25.82
N ILE B 250 26.41 -12.76 -26.30
CA ILE B 250 25.56 -13.60 -25.48
C ILE B 250 26.27 -14.89 -25.09
N LEU B 251 26.90 -15.53 -26.07
CA LEU B 251 27.62 -16.78 -25.83
C LEU B 251 28.78 -16.60 -24.86
N ALA B 252 29.40 -15.42 -24.91
CA ALA B 252 30.52 -15.12 -24.02
C ALA B 252 30.07 -15.16 -22.56
N VAL B 253 28.90 -14.59 -22.29
CA VAL B 253 28.35 -14.59 -20.94
C VAL B 253 27.88 -15.97 -20.49
N LEU B 254 27.26 -16.71 -21.42
CA LEU B 254 26.81 -18.07 -21.12
C LEU B 254 27.97 -19.00 -20.77
N GLU B 255 29.13 -18.75 -21.38
CA GLU B 255 30.33 -19.54 -21.10
C GLU B 255 30.89 -19.21 -19.72
N TRP B 256 30.74 -17.95 -19.31
CA TRP B 256 31.23 -17.54 -18.00
C TRP B 256 30.38 -18.17 -16.90
N LEU B 257 29.11 -18.41 -17.20
CA LEU B 257 28.20 -19.05 -16.26
C LEU B 257 28.61 -20.49 -15.95
N GLN B 258 29.52 -21.03 -16.75
CA GLN B 258 29.95 -22.42 -16.61
C GLN B 258 31.28 -22.51 -15.88
N LEU B 259 31.85 -21.35 -15.57
CA LEU B 259 33.11 -21.29 -14.84
C LEU B 259 32.95 -21.89 -13.45
N PRO B 260 34.04 -22.43 -12.89
CA PRO B 260 34.03 -23.00 -11.53
C PRO B 260 33.47 -22.03 -10.49
N SER B 261 32.90 -22.57 -9.43
CA SER B 261 32.21 -21.79 -8.39
C SER B 261 33.09 -20.70 -7.76
N HIS B 262 34.40 -20.89 -7.81
CA HIS B 262 35.34 -19.95 -7.21
C HIS B 262 35.77 -18.88 -8.21
N GLU B 263 35.63 -19.17 -9.49
CA GLU B 263 36.06 -18.26 -10.55
C GLU B 263 34.89 -17.74 -11.37
N ARG B 264 33.67 -17.96 -10.88
CA ARG B 264 32.47 -17.52 -11.59
C ARG B 264 31.91 -16.21 -11.07
N PRO B 265 31.72 -15.23 -11.95
CA PRO B 265 31.16 -13.93 -11.55
C PRO B 265 29.72 -14.07 -11.07
N HIS B 266 29.27 -13.16 -10.21
CA HIS B 266 27.91 -13.23 -9.67
C HIS B 266 27.04 -12.11 -10.26
N PHE B 267 27.69 -11.10 -10.84
CA PHE B 267 27.00 -9.99 -11.48
C PHE B 267 27.43 -9.88 -12.93
N TYR B 268 26.45 -9.69 -13.81
CA TYR B 268 26.72 -9.68 -15.25
C TYR B 268 26.07 -8.50 -15.95
N THR B 269 26.71 -8.02 -17.02
CA THR B 269 26.13 -6.97 -17.84
C THR B 269 26.14 -7.37 -19.32
N LEU B 270 25.19 -6.84 -20.07
CA LEU B 270 25.11 -7.06 -21.50
C LEU B 270 24.66 -5.78 -22.20
N TYR B 271 25.33 -5.44 -23.31
CA TYR B 271 24.98 -4.22 -24.03
C TYR B 271 24.87 -4.45 -25.53
N LEU B 272 23.81 -3.89 -26.12
CA LEU B 272 23.60 -3.95 -27.55
C LEU B 272 23.35 -2.54 -28.07
N GLU B 273 23.90 -2.23 -29.25
CA GLU B 273 23.75 -0.90 -29.83
C GLU B 273 22.37 -0.67 -30.46
N GLU B 274 21.61 -1.75 -30.59
CA GLU B 274 20.26 -1.68 -31.15
C GLU B 274 19.22 -1.57 -30.05
N PRO B 275 18.07 -0.91 -30.33
CA PRO B 275 17.70 -0.27 -31.59
C PRO B 275 18.08 1.21 -31.69
N ASP B 276 19.14 1.61 -31.02
CA ASP B 276 19.60 3.00 -31.08
C ASP B 276 20.14 3.32 -32.47
N SER B 277 20.92 2.41 -33.03
CA SER B 277 21.54 2.59 -34.34
C SER B 277 20.49 2.77 -35.45
N SER B 278 19.51 1.86 -35.48
CA SER B 278 18.46 1.94 -36.48
C SER B 278 17.53 3.13 -36.20
N GLY B 279 17.46 3.52 -34.93
CA GLY B 279 16.63 4.64 -34.53
C GLY B 279 17.15 5.96 -35.04
N HIS B 280 18.47 6.12 -34.99
CA HIS B 280 19.11 7.35 -35.46
C HIS B 280 19.02 7.48 -36.98
N SER B 281 19.40 6.42 -37.68
CA SER B 281 19.58 6.47 -39.12
C SER B 281 18.28 6.46 -39.92
N HIS B 282 17.20 5.99 -39.31
CA HIS B 282 15.94 5.85 -40.03
C HIS B 282 14.72 6.40 -39.32
N GLY B 283 14.87 6.69 -38.02
CA GLY B 283 13.79 7.27 -37.24
C GLY B 283 13.06 6.25 -36.38
N PRO B 284 12.40 6.74 -35.32
CA PRO B 284 11.66 5.93 -34.35
C PRO B 284 10.53 5.11 -34.97
N VAL B 285 9.89 5.64 -35.99
CA VAL B 285 8.82 4.92 -36.68
C VAL B 285 9.20 4.38 -38.05
N SER B 286 10.45 3.92 -38.18
CA SER B 286 10.93 3.41 -39.44
C SER B 286 10.64 1.92 -39.61
N SER B 287 10.91 1.40 -40.80
CA SER B 287 10.74 -0.02 -41.07
C SER B 287 11.93 -0.81 -40.53
N GLU B 288 13.06 -0.11 -40.42
CA GLU B 288 14.33 -0.70 -40.00
C GLU B 288 14.39 -0.97 -38.49
N VAL B 289 13.69 -0.15 -37.71
CA VAL B 289 13.67 -0.35 -36.26
C VAL B 289 12.83 -1.57 -35.89
N ILE B 290 11.77 -1.85 -36.64
CA ILE B 290 10.98 -3.05 -36.41
C ILE B 290 11.85 -4.28 -36.66
N LYS B 291 12.60 -4.25 -37.75
CA LYS B 291 13.54 -5.34 -38.05
C LYS B 291 14.62 -5.39 -36.98
N ALA B 292 14.98 -4.23 -36.45
CA ALA B 292 15.96 -4.14 -35.38
C ALA B 292 15.36 -4.67 -34.07
N LEU B 293 14.13 -4.30 -33.80
CA LEU B 293 13.43 -4.76 -32.60
C LEU B 293 13.27 -6.28 -32.61
N GLN B 294 12.91 -6.83 -33.77
CA GLN B 294 12.77 -8.28 -33.91
C GLN B 294 14.12 -8.97 -33.77
N LYS B 295 15.17 -8.32 -34.27
CA LYS B 295 16.52 -8.86 -34.17
C LYS B 295 16.99 -8.90 -32.71
N VAL B 296 16.73 -7.82 -31.99
CA VAL B 296 17.12 -7.73 -30.58
C VAL B 296 16.27 -8.69 -29.75
N ASP B 297 15.02 -8.91 -30.16
CA ASP B 297 14.11 -9.81 -29.46
C ASP B 297 14.53 -11.28 -29.51
N ARG B 298 15.00 -11.74 -30.66
CA ARG B 298 15.43 -13.14 -30.81
C ARG B 298 16.71 -13.39 -30.01
N LEU B 299 17.52 -12.34 -29.90
CA LEU B 299 18.78 -12.43 -29.18
C LEU B 299 18.60 -12.64 -27.69
N VAL B 300 17.54 -12.04 -27.13
CA VAL B 300 17.20 -12.24 -25.74
C VAL B 300 16.65 -13.66 -25.59
N GLY B 301 15.90 -14.10 -26.59
CA GLY B 301 15.35 -15.44 -26.62
C GLY B 301 16.47 -16.47 -26.68
N MSE B 302 17.52 -16.15 -27.42
CA MSE B 302 18.68 -17.02 -27.52
C MSE B 302 19.42 -17.08 -26.19
O MSE B 302 20.00 -18.10 -25.82
CB MSE B 302 19.62 -16.54 -28.63
CG MSE B 302 20.78 -17.47 -28.91
SE MSE B 302 21.81 -16.92 -30.48
CE MSE B 302 20.37 -16.89 -31.79
N LEU B 303 19.38 -15.97 -25.45
CA LEU B 303 19.94 -15.91 -24.11
C LEU B 303 19.14 -16.81 -23.17
N MSE B 304 17.83 -16.68 -23.22
CA MSE B 304 16.93 -17.46 -22.36
C MSE B 304 17.02 -18.95 -22.66
O MSE B 304 17.03 -19.77 -21.74
CB MSE B 304 15.50 -16.96 -22.48
CG MSE B 304 15.28 -15.53 -22.03
SE MSE B 304 15.95 -15.19 -20.22
CE MSE B 304 14.96 -16.58 -19.27
N ASP B 305 17.06 -19.29 -23.94
CA ASP B 305 17.19 -20.68 -24.35
C ASP B 305 18.51 -21.28 -23.88
N GLY B 306 19.55 -20.45 -23.88
CA GLY B 306 20.86 -20.85 -23.41
C GLY B 306 20.87 -21.08 -21.90
N LEU B 307 20.11 -20.25 -21.20
CA LEU B 307 19.95 -20.37 -19.75
C LEU B 307 19.17 -21.63 -19.41
N LYS B 308 18.22 -21.98 -20.27
CA LYS B 308 17.39 -23.16 -20.06
C LYS B 308 18.20 -24.43 -20.24
N ASP B 309 19.09 -24.42 -21.23
CA ASP B 309 19.95 -25.58 -21.49
C ASP B 309 21.01 -25.74 -20.40
N LEU B 310 21.23 -24.69 -19.63
CA LEU B 310 22.16 -24.74 -18.51
C LEU B 310 21.44 -24.96 -17.19
N GLY B 311 20.11 -25.03 -17.27
CA GLY B 311 19.29 -25.22 -16.07
C GLY B 311 19.32 -24.02 -15.14
N LEU B 312 19.33 -22.82 -15.72
CA LEU B 312 19.43 -21.61 -14.92
C LEU B 312 18.29 -20.64 -15.21
N ASP B 313 17.31 -21.08 -15.99
CA ASP B 313 16.18 -20.24 -16.37
C ASP B 313 15.33 -19.88 -15.15
N LYS B 314 15.45 -20.68 -14.09
CA LYS B 314 14.79 -20.40 -12.83
C LYS B 314 15.81 -20.17 -11.72
N CYS B 315 16.99 -19.69 -12.11
CA CYS B 315 18.05 -19.45 -11.16
C CYS B 315 18.80 -18.16 -11.51
N LEU B 316 18.16 -17.30 -12.31
CA LEU B 316 18.81 -16.05 -12.70
C LEU B 316 17.85 -14.86 -12.59
N ASN B 317 18.35 -13.77 -12.02
CA ASN B 317 17.61 -12.51 -12.00
C ASN B 317 18.00 -11.64 -13.19
N LEU B 318 17.05 -11.42 -14.09
CA LEU B 318 17.30 -10.62 -15.29
C LEU B 318 16.68 -9.24 -15.22
N ILE B 319 17.48 -8.23 -15.55
CA ILE B 319 16.98 -6.86 -15.64
C ILE B 319 17.20 -6.33 -17.05
N LEU B 320 16.14 -6.39 -17.86
CA LEU B 320 16.20 -5.90 -19.23
C LEU B 320 15.89 -4.41 -19.26
N ILE B 321 16.92 -3.60 -19.47
CA ILE B 321 16.81 -2.15 -19.32
C ILE B 321 17.28 -1.41 -20.56
N SER B 322 17.02 -0.11 -20.62
CA SER B 322 17.57 0.75 -21.65
C SER B 322 17.99 2.10 -21.08
N ASP B 323 18.79 2.85 -21.83
CA ASP B 323 19.35 4.11 -21.37
C ASP B 323 18.44 5.31 -21.60
N HIS B 324 17.76 5.32 -22.74
CA HIS B 324 16.93 6.46 -23.11
C HIS B 324 15.93 6.09 -24.20
N GLY B 325 15.24 7.11 -24.72
CA GLY B 325 14.27 6.91 -25.78
C GLY B 325 14.78 7.40 -27.12
N MSE B 326 13.86 7.74 -28.01
CA MSE B 326 14.21 8.19 -29.35
C MSE B 326 13.13 9.11 -29.93
O MSE B 326 11.95 8.83 -29.83
CB MSE B 326 14.42 6.99 -30.28
CG MSE B 326 14.95 7.36 -31.66
SE MSE B 326 16.79 8.01 -31.61
CE MSE B 326 17.67 6.35 -31.11
N GLU B 327 13.57 10.22 -30.52
CA GLU B 327 12.65 11.18 -31.11
C GLU B 327 13.02 11.51 -32.54
N GLN B 328 12.01 11.73 -33.38
CA GLN B 328 12.23 12.05 -34.79
C GLN B 328 12.63 13.50 -35.01
N GLY B 329 13.86 13.70 -35.47
CA GLY B 329 14.37 15.03 -35.75
C GLY B 329 13.91 15.52 -37.11
N SER B 330 13.96 16.84 -37.30
CA SER B 330 13.53 17.46 -38.55
C SER B 330 14.43 18.63 -38.93
N CYS B 331 14.58 18.85 -40.24
CA CYS B 331 15.35 19.98 -40.73
C CYS B 331 14.62 21.29 -40.43
N LYS B 332 13.29 21.22 -40.48
CA LYS B 332 12.44 22.38 -40.22
C LYS B 332 12.41 22.74 -38.74
N LYS B 333 12.66 21.76 -37.88
CA LYS B 333 12.64 21.97 -36.44
C LYS B 333 14.06 22.00 -35.87
N TYR B 334 14.84 23.00 -36.27
CA TYR B 334 16.21 23.13 -35.78
C TYR B 334 16.55 24.60 -35.49
N VAL B 335 17.30 24.84 -34.43
CA VAL B 335 17.65 26.19 -34.02
C VAL B 335 19.13 26.50 -34.22
N TYR B 336 19.41 27.59 -34.93
CA TYR B 336 20.78 28.02 -35.17
C TYR B 336 21.08 29.34 -34.49
N LEU B 337 22.06 29.34 -33.59
CA LEU B 337 22.40 30.52 -32.80
C LEU B 337 22.92 31.68 -33.64
N ASN B 338 23.49 31.36 -34.80
CA ASN B 338 24.09 32.40 -35.64
C ASN B 338 23.08 33.44 -36.12
N LYS B 339 21.83 33.03 -36.25
CA LYS B 339 20.78 33.95 -36.69
C LYS B 339 20.56 35.06 -35.67
N TYR B 340 20.93 34.80 -34.43
CA TYR B 340 20.77 35.76 -33.35
C TYR B 340 22.09 36.35 -32.86
N LEU B 341 23.19 35.63 -33.11
CA LEU B 341 24.50 36.05 -32.62
C LEU B 341 25.42 36.47 -33.77
N GLY B 342 25.27 35.79 -34.90
CA GLY B 342 26.11 36.01 -36.07
C GLY B 342 27.18 34.94 -36.12
N ASP B 343 27.88 34.86 -37.25
CA ASP B 343 28.94 33.87 -37.41
C ASP B 343 30.14 34.16 -36.50
N VAL B 344 29.93 34.04 -35.20
CA VAL B 344 30.99 34.31 -34.23
C VAL B 344 31.81 33.05 -33.97
N ASN B 345 33.06 33.24 -33.55
CA ASN B 345 33.95 32.11 -33.30
C ASN B 345 34.55 32.17 -31.89
N ASN B 346 34.02 33.06 -31.06
CA ASN B 346 34.51 33.20 -29.69
C ASN B 346 33.80 32.25 -28.73
N VAL B 347 32.79 31.56 -29.23
CA VAL B 347 32.01 30.64 -28.41
C VAL B 347 31.91 29.25 -29.04
N LYS B 348 31.88 28.24 -28.19
CA LYS B 348 31.72 26.85 -28.64
C LYS B 348 30.40 26.29 -28.14
N VAL B 349 29.66 25.64 -29.04
CA VAL B 349 28.34 25.11 -28.70
C VAL B 349 28.27 23.60 -28.88
N VAL B 350 27.99 22.89 -27.80
CA VAL B 350 27.78 21.45 -27.86
C VAL B 350 26.36 21.17 -28.35
N TYR B 351 26.24 20.85 -29.63
CA TYR B 351 24.94 20.74 -30.28
C TYR B 351 24.07 19.63 -29.70
N GLY B 352 22.77 19.71 -29.96
CA GLY B 352 21.81 18.74 -29.45
C GLY B 352 20.62 19.42 -28.82
N PRO B 353 19.67 18.61 -28.33
CA PRO B 353 18.49 19.14 -27.64
C PRO B 353 18.84 19.63 -26.24
N ALA B 354 20.02 19.27 -25.76
CA ALA B 354 20.50 19.76 -24.47
C ALA B 354 21.81 20.51 -24.65
N ALA B 355 21.73 21.67 -25.28
CA ALA B 355 22.92 22.44 -25.65
C ALA B 355 23.56 23.18 -24.48
N ARG B 356 24.88 23.27 -24.50
CA ARG B 356 25.62 24.04 -23.51
C ARG B 356 26.61 24.95 -24.22
N LEU B 357 27.00 26.05 -23.58
CA LEU B 357 27.86 27.02 -24.25
C LEU B 357 29.07 27.42 -23.42
N ARG B 358 30.24 27.36 -24.05
CA ARG B 358 31.49 27.80 -23.44
C ARG B 358 32.28 28.64 -24.44
N PRO B 359 33.10 29.58 -23.95
CA PRO B 359 33.92 30.39 -24.85
C PRO B 359 35.02 29.54 -25.48
N THR B 360 35.54 29.98 -26.62
CA THR B 360 36.61 29.26 -27.31
C THR B 360 37.92 29.32 -26.53
N ASP B 361 38.25 30.51 -26.02
CA ASP B 361 39.44 30.71 -25.21
C ASP B 361 39.25 30.15 -23.81
N VAL B 362 39.63 28.89 -23.61
CA VAL B 362 39.36 28.18 -22.37
C VAL B 362 40.65 27.51 -21.86
N PRO B 363 40.92 27.59 -20.55
CA PRO B 363 40.14 28.20 -19.46
C PRO B 363 40.49 29.66 -19.21
N GLU B 364 41.02 30.35 -20.22
CA GLU B 364 41.38 31.75 -20.08
C GLU B 364 40.14 32.59 -19.79
N THR B 365 39.05 32.31 -20.49
CA THR B 365 37.83 33.09 -20.32
C THR B 365 36.63 32.24 -19.91
N TYR B 366 36.88 31.12 -19.25
CA TYR B 366 35.79 30.24 -18.84
C TYR B 366 34.89 30.88 -17.78
N TYR B 367 35.49 31.67 -16.89
CA TYR B 367 34.73 32.33 -15.83
C TYR B 367 34.62 33.84 -16.02
N SER B 368 35.61 34.44 -16.68
CA SER B 368 35.61 35.88 -16.90
C SER B 368 34.48 36.30 -17.84
N PHE B 369 34.15 35.40 -18.77
CA PHE B 369 33.06 35.65 -19.72
C PHE B 369 31.73 35.71 -18.98
N ASN B 370 30.99 36.80 -19.19
CA ASN B 370 29.66 36.93 -18.60
C ASN B 370 28.55 36.33 -19.46
N TYR B 371 28.01 35.21 -19.01
CA TYR B 371 26.98 34.50 -19.76
C TYR B 371 25.65 35.21 -19.62
N GLU B 372 25.48 35.94 -18.51
CA GLU B 372 24.23 36.61 -18.20
C GLU B 372 23.81 37.56 -19.32
N ALA B 373 24.77 38.27 -19.88
CA ALA B 373 24.49 39.20 -20.96
C ALA B 373 24.07 38.46 -22.23
N LEU B 374 24.78 37.38 -22.54
CA LEU B 374 24.47 36.57 -23.72
C LEU B 374 23.12 35.89 -23.60
N ALA B 375 22.81 35.43 -22.39
CA ALA B 375 21.54 34.76 -22.12
C ALA B 375 20.37 35.72 -22.29
N LYS B 376 20.54 36.95 -21.81
CA LYS B 376 19.51 37.95 -21.93
C LYS B 376 19.39 38.40 -23.38
N ASN B 377 20.50 38.27 -24.12
CA ASN B 377 20.53 38.67 -25.52
C ASN B 377 19.94 37.58 -26.43
N LEU B 378 19.73 36.40 -25.86
CA LEU B 378 19.19 35.28 -26.63
C LEU B 378 17.75 34.92 -26.23
N SER B 379 17.27 35.55 -25.16
CA SER B 379 15.95 35.26 -24.63
C SER B 379 14.87 36.11 -25.27
N CYS B 380 13.73 35.49 -25.57
CA CYS B 380 12.56 36.17 -26.12
C CYS B 380 12.85 36.87 -27.44
N ARG B 381 13.41 36.14 -28.39
CA ARG B 381 13.74 36.71 -29.69
C ARG B 381 12.69 36.35 -30.74
N GLU B 382 11.92 35.30 -30.46
CA GLU B 382 10.89 34.82 -31.37
C GLU B 382 9.50 34.88 -30.77
N PRO B 383 8.47 35.01 -31.62
CA PRO B 383 7.08 35.05 -31.15
C PRO B 383 6.71 33.76 -30.41
N ASN B 384 7.08 32.63 -31.00
CA ASN B 384 6.89 31.34 -30.34
C ASN B 384 8.20 30.56 -30.30
N GLN B 385 9.15 31.07 -29.51
CA GLN B 385 10.50 30.52 -29.45
C GLN B 385 10.52 29.09 -28.92
N HIS B 386 11.26 28.23 -29.58
CA HIS B 386 11.29 26.81 -29.21
C HIS B 386 12.52 26.43 -28.38
N PHE B 387 13.30 27.44 -27.99
CA PHE B 387 14.43 27.23 -27.09
C PHE B 387 14.49 28.33 -26.04
N ARG B 388 15.25 28.09 -24.97
CA ARG B 388 15.34 29.06 -23.88
C ARG B 388 16.70 29.04 -23.21
N PRO B 389 17.34 30.22 -23.12
CA PRO B 389 18.64 30.35 -22.45
C PRO B 389 18.48 30.19 -20.94
N TYR B 390 19.25 29.29 -20.35
CA TYR B 390 19.21 29.07 -18.91
C TYR B 390 20.58 29.08 -18.30
N LEU B 391 20.82 29.96 -17.32
CA LEU B 391 21.99 29.78 -16.48
C LEU B 391 21.74 28.49 -15.73
N LYS B 392 22.78 27.71 -15.47
CA LYS B 392 22.60 26.37 -14.90
C LYS B 392 21.85 26.35 -13.54
N PRO B 393 22.03 27.36 -12.67
CA PRO B 393 21.21 27.25 -11.46
C PRO B 393 19.75 27.65 -11.68
N PHE B 394 19.45 28.33 -12.78
CA PHE B 394 18.08 28.78 -13.04
C PHE B 394 17.28 27.69 -13.74
N LEU B 395 17.96 26.59 -14.05
CA LEU B 395 17.32 25.40 -14.60
C LEU B 395 16.36 24.78 -13.58
N PRO B 396 15.31 24.11 -14.07
CA PRO B 396 14.39 23.37 -13.18
C PRO B 396 15.13 22.37 -12.29
N LYS B 397 14.84 22.40 -10.99
CA LYS B 397 15.57 21.59 -10.02
C LYS B 397 15.38 20.10 -10.25
N ARG B 398 14.27 19.72 -10.87
CA ARG B 398 13.95 18.32 -11.11
C ARG B 398 14.98 17.66 -12.01
N LEU B 399 15.64 18.46 -12.83
CA LEU B 399 16.65 17.95 -13.75
C LEU B 399 17.95 17.63 -13.01
N HIS B 400 18.19 18.36 -11.92
CA HIS B 400 19.41 18.17 -11.12
C HIS B 400 20.68 18.30 -11.95
N PHE B 401 20.84 19.42 -12.65
CA PHE B 401 21.87 19.52 -13.68
C PHE B 401 22.59 20.85 -13.56
N ALA B 402 23.19 21.08 -12.38
CA ALA B 402 23.85 22.34 -12.09
C ALA B 402 25.20 22.15 -11.38
N LYS B 403 25.22 21.31 -10.35
CA LYS B 403 26.40 21.24 -9.49
C LYS B 403 27.50 20.35 -10.05
N SER B 404 28.05 20.78 -11.18
CA SER B 404 29.24 20.15 -11.75
C SER B 404 30.09 21.22 -12.43
N ASP B 405 31.41 21.04 -12.41
CA ASP B 405 32.32 21.97 -13.08
C ASP B 405 32.17 21.81 -14.59
N ARG B 406 31.90 20.59 -15.02
CA ARG B 406 31.86 20.25 -16.43
C ARG B 406 30.61 20.80 -17.11
N ILE B 407 29.55 21.04 -16.34
CA ILE B 407 28.35 21.63 -16.92
C ILE B 407 28.64 23.10 -17.18
N GLU B 408 28.40 23.55 -18.41
CA GLU B 408 28.61 24.93 -18.78
C GLU B 408 27.62 25.84 -18.04
N PRO B 409 28.08 27.02 -17.63
CA PRO B 409 27.23 27.98 -16.91
C PRO B 409 26.05 28.45 -17.74
N LEU B 410 26.08 28.20 -19.04
CA LEU B 410 24.95 28.52 -19.90
C LEU B 410 24.44 27.28 -20.62
N THR B 411 23.19 26.93 -20.36
CA THR B 411 22.56 25.78 -21.00
C THR B 411 21.33 26.23 -21.79
N PHE B 412 20.75 25.30 -22.56
CA PHE B 412 19.57 25.61 -23.35
C PHE B 412 18.50 24.54 -23.18
N TYR B 413 17.28 24.99 -22.84
CA TYR B 413 16.14 24.09 -22.77
C TYR B 413 15.32 24.22 -24.05
N LEU B 414 15.07 23.09 -24.70
CA LEU B 414 14.36 23.09 -25.98
C LEU B 414 13.04 22.35 -25.96
N ASP B 415 12.12 22.79 -26.80
CA ASP B 415 10.83 22.13 -26.97
C ASP B 415 11.06 20.74 -27.57
N PRO B 416 10.09 19.83 -27.39
CA PRO B 416 10.21 18.48 -27.96
C PRO B 416 10.40 18.49 -29.48
N GLN B 417 11.19 17.54 -29.98
CA GLN B 417 11.49 17.41 -31.41
C GLN B 417 12.35 18.56 -31.95
N TRP B 418 13.03 19.27 -31.06
CA TRP B 418 13.85 20.41 -31.47
C TRP B 418 15.28 20.27 -30.96
N GLN B 419 16.25 20.59 -31.82
CA GLN B 419 17.65 20.57 -31.45
C GLN B 419 18.27 21.95 -31.69
N LEU B 420 19.40 22.20 -31.04
CA LEU B 420 20.08 23.48 -31.17
C LEU B 420 21.55 23.32 -31.53
N ALA B 421 22.04 24.20 -32.38
CA ALA B 421 23.45 24.19 -32.80
C ALA B 421 23.90 25.61 -33.14
N LEU B 422 25.21 25.81 -33.22
CA LEU B 422 25.77 27.10 -33.57
C LEU B 422 25.59 27.36 -35.06
N ASN B 423 26.18 26.50 -35.88
CA ASN B 423 26.07 26.61 -37.33
C ASN B 423 25.54 25.32 -37.94
N PRO B 424 24.82 25.42 -39.07
CA PRO B 424 24.25 24.26 -39.77
C PRO B 424 25.29 23.24 -40.24
N SER B 425 26.58 23.57 -40.14
CA SER B 425 27.63 22.66 -40.56
C SER B 425 28.05 21.76 -39.41
N TYR B 429 23.49 15.49 -38.91
CA TYR B 429 22.31 15.55 -39.77
C TYR B 429 21.11 16.09 -38.98
N CYS B 430 20.17 16.70 -39.70
CA CYS B 430 19.03 17.39 -39.07
C CYS B 430 17.78 16.53 -38.99
N GLY B 431 17.59 15.65 -39.96
CA GLY B 431 16.39 14.84 -40.06
C GLY B 431 16.58 13.40 -39.62
N SER B 432 17.43 13.19 -38.63
CA SER B 432 17.66 11.85 -38.09
C SER B 432 17.06 11.70 -36.70
N GLY B 433 16.87 10.46 -36.26
CA GLY B 433 16.37 10.20 -34.94
C GLY B 433 17.37 10.66 -33.89
N PHE B 434 16.90 11.41 -32.91
CA PHE B 434 17.79 11.92 -31.88
C PHE B 434 17.22 11.69 -30.48
N HIS B 435 18.02 12.03 -29.47
CA HIS B 435 17.60 11.96 -28.08
C HIS B 435 18.48 12.90 -27.26
N GLY B 436 18.08 13.15 -26.02
CA GLY B 436 18.78 14.08 -25.16
C GLY B 436 17.85 15.13 -24.62
N SER B 437 16.59 15.08 -25.06
CA SER B 437 15.56 15.99 -24.61
C SER B 437 15.21 15.79 -23.15
N ASP B 438 14.29 16.62 -22.65
CA ASP B 438 13.82 16.56 -21.26
C ASP B 438 13.39 15.15 -20.87
N ASN B 439 13.84 14.70 -19.70
CA ASN B 439 13.57 13.33 -19.26
C ASN B 439 12.12 13.07 -18.85
N LEU B 440 11.29 14.11 -18.92
CA LEU B 440 9.87 13.96 -18.66
C LEU B 440 9.05 13.87 -19.95
N PHE B 441 9.73 13.98 -21.08
CA PHE B 441 9.05 13.86 -22.37
C PHE B 441 8.66 12.41 -22.61
N SER B 442 7.54 12.22 -23.31
CA SER B 442 6.97 10.90 -23.53
C SER B 442 7.90 9.92 -24.25
N ASN B 443 8.57 10.40 -25.30
CA ASN B 443 9.44 9.54 -26.11
C ASN B 443 10.85 9.40 -25.58
N MSE B 444 11.16 10.08 -24.47
CA MSE B 444 12.46 9.94 -23.84
C MSE B 444 12.46 8.84 -22.79
O MSE B 444 13.50 8.52 -22.21
CB MSE B 444 12.90 11.27 -23.21
CG MSE B 444 13.28 12.35 -24.22
SE MSE B 444 14.84 11.89 -25.32
CE MSE B 444 13.93 11.11 -26.86
N GLN B 445 11.28 8.26 -22.57
CA GLN B 445 11.12 7.20 -21.57
C GLN B 445 11.82 5.91 -21.96
N ALA B 446 12.36 5.22 -20.95
CA ALA B 446 13.16 4.01 -21.18
C ALA B 446 12.42 2.73 -20.81
N LEU B 447 13.11 1.59 -20.99
CA LEU B 447 12.53 0.28 -20.75
C LEU B 447 13.01 -0.33 -19.44
N PHE B 448 12.13 -1.07 -18.77
CA PHE B 448 12.51 -1.86 -17.61
C PHE B 448 11.66 -3.11 -17.45
N ILE B 449 12.32 -4.26 -17.46
CA ILE B 449 11.65 -5.53 -17.17
C ILE B 449 12.50 -6.37 -16.23
N GLY B 450 11.94 -6.69 -15.06
CA GLY B 450 12.61 -7.52 -14.09
C GLY B 450 12.04 -8.93 -14.08
N TYR B 451 12.87 -9.91 -14.42
CA TYR B 451 12.43 -11.29 -14.44
C TYR B 451 13.37 -12.18 -13.63
N GLY B 452 12.81 -13.20 -13.00
CA GLY B 452 13.58 -14.12 -12.19
C GLY B 452 12.84 -14.52 -10.93
N PRO B 453 13.49 -15.32 -10.07
CA PRO B 453 12.90 -15.76 -8.80
C PRO B 453 12.67 -14.61 -7.84
N ALA B 454 13.48 -13.56 -7.95
CA ALA B 454 13.39 -12.43 -7.04
C ALA B 454 12.30 -11.44 -7.43
N PHE B 455 11.87 -11.48 -8.69
CA PHE B 455 10.86 -10.56 -9.18
C PHE B 455 9.48 -11.21 -9.24
N LYS B 456 8.44 -10.40 -8.99
CA LYS B 456 7.08 -10.87 -9.06
C LYS B 456 6.73 -11.22 -10.50
N HIS B 457 5.65 -11.98 -10.69
CA HIS B 457 5.27 -12.44 -12.02
C HIS B 457 4.02 -11.75 -12.55
N GLY B 458 4.19 -10.96 -13.60
CA GLY B 458 3.08 -10.25 -14.21
C GLY B 458 2.64 -9.04 -13.42
N ALA B 459 3.59 -8.44 -12.71
CA ALA B 459 3.29 -7.25 -11.91
C ALA B 459 3.72 -6.00 -12.65
N GLU B 460 2.77 -5.08 -12.85
CA GLU B 460 3.08 -3.81 -13.50
C GLU B 460 3.02 -2.68 -12.48
N VAL B 461 4.16 -2.02 -12.28
CA VAL B 461 4.27 -0.97 -11.29
C VAL B 461 4.30 0.41 -11.94
N ASP B 462 4.21 1.45 -11.11
CA ASP B 462 4.23 2.82 -11.60
C ASP B 462 5.64 3.23 -11.99
N SER B 463 5.75 4.37 -12.68
CA SER B 463 7.03 4.83 -13.20
C SER B 463 8.03 5.15 -12.09
N PHE B 464 9.31 4.94 -12.38
CA PHE B 464 10.37 5.28 -11.43
C PHE B 464 11.67 5.67 -12.14
N GLU B 465 12.53 6.39 -11.43
CA GLU B 465 13.80 6.86 -11.99
C GLU B 465 14.82 5.73 -12.05
N ASN B 466 15.80 5.87 -12.93
CA ASN B 466 16.81 4.82 -13.09
C ASN B 466 17.85 4.79 -11.98
N ILE B 467 17.92 5.85 -11.19
CA ILE B 467 18.85 5.92 -10.08
C ILE B 467 18.40 5.07 -8.90
N GLU B 468 17.15 4.59 -8.96
CA GLU B 468 16.60 3.76 -7.90
C GLU B 468 17.04 2.31 -8.06
N VAL B 469 17.43 1.95 -9.28
CA VAL B 469 17.82 0.58 -9.62
C VAL B 469 19.11 0.14 -8.95
N TYR B 470 20.02 1.08 -8.72
CA TYR B 470 21.30 0.79 -8.06
C TYR B 470 21.10 0.07 -6.74
N ASN B 471 20.24 0.61 -5.88
CA ASN B 471 19.94 -0.01 -4.60
C ASN B 471 19.27 -1.37 -4.79
N LEU B 472 18.46 -1.49 -5.83
CA LEU B 472 17.77 -2.75 -6.13
C LEU B 472 18.79 -3.85 -6.42
N MSE B 473 19.81 -3.53 -7.23
CA MSE B 473 20.83 -4.50 -7.60
C MSE B 473 21.73 -4.85 -6.42
O MSE B 473 22.29 -5.95 -6.37
CB MSE B 473 21.66 -3.97 -8.79
CG MSE B 473 20.88 -3.90 -10.09
SE MSE B 473 21.99 -3.44 -11.64
CE MSE B 473 22.53 -1.64 -11.10
N CYS B 474 21.87 -3.93 -5.48
CA CYS B 474 22.61 -4.20 -4.25
C CYS B 474 21.86 -5.22 -3.41
N ASP B 475 20.54 -5.12 -3.41
CA ASP B 475 19.70 -6.05 -2.66
C ASP B 475 19.69 -7.43 -3.31
N LEU B 476 19.86 -7.45 -4.63
CA LEU B 476 19.87 -8.71 -5.38
C LEU B 476 21.21 -9.43 -5.26
N LEU B 477 22.26 -8.67 -4.94
CA LEU B 477 23.60 -9.23 -4.82
C LEU B 477 24.04 -9.30 -3.36
N GLY B 478 23.17 -8.86 -2.47
CA GLY B 478 23.48 -8.86 -1.05
C GLY B 478 24.62 -7.91 -0.73
N LEU B 479 24.52 -6.68 -1.25
CA LEU B 479 25.58 -5.70 -1.07
C LEU B 479 25.08 -4.50 -0.28
N ILE B 480 25.97 -3.92 0.53
CA ILE B 480 25.68 -2.67 1.20
C ILE B 480 25.90 -1.55 0.19
N PRO B 481 24.81 -0.84 -0.18
CA PRO B 481 24.89 0.18 -1.24
C PRO B 481 25.75 1.37 -0.85
N ALA B 482 26.48 1.91 -1.82
CA ALA B 482 27.23 3.14 -1.65
C ALA B 482 26.25 4.29 -1.56
N PRO B 483 26.66 5.42 -0.94
CA PRO B 483 25.79 6.59 -0.85
C PRO B 483 25.33 7.08 -2.22
N ASN B 484 24.05 6.88 -2.53
CA ASN B 484 23.51 7.31 -3.81
C ASN B 484 22.33 8.28 -3.67
N ASN B 485 21.69 8.59 -4.80
CA ASN B 485 20.59 9.55 -4.82
C ASN B 485 19.22 8.87 -4.82
N GLY B 486 19.21 7.54 -4.85
CA GLY B 486 17.97 6.80 -4.85
C GLY B 486 17.44 6.55 -3.46
N SER B 487 16.11 6.66 -3.31
CA SER B 487 15.46 6.38 -2.04
C SER B 487 15.44 4.88 -1.79
N HIS B 488 16.31 4.42 -0.90
CA HIS B 488 16.49 2.99 -0.67
C HIS B 488 15.23 2.34 -0.11
N GLY B 489 14.70 1.37 -0.86
CA GLY B 489 13.51 0.65 -0.42
C GLY B 489 12.27 1.02 -1.21
N SER B 490 12.40 2.01 -2.08
CA SER B 490 11.26 2.50 -2.86
C SER B 490 10.83 1.52 -3.95
N LEU B 491 11.70 0.58 -4.30
CA LEU B 491 11.38 -0.41 -5.33
C LEU B 491 11.06 -1.77 -4.73
N ASN B 492 10.74 -1.79 -3.43
CA ASN B 492 10.42 -3.03 -2.73
C ASN B 492 9.20 -3.75 -3.31
N HIS B 493 8.33 -2.99 -3.97
CA HIS B 493 7.10 -3.55 -4.53
C HIS B 493 7.37 -4.42 -5.75
N LEU B 494 8.60 -4.39 -6.24
CA LEU B 494 9.00 -5.21 -7.38
C LEU B 494 9.39 -6.61 -6.95
N LEU B 495 9.87 -6.72 -5.71
CA LEU B 495 10.44 -7.96 -5.20
C LEU B 495 9.43 -8.84 -4.46
N LYS B 496 9.62 -10.15 -4.54
CA LYS B 496 8.81 -11.09 -3.76
C LYS B 496 9.13 -10.93 -2.27
N LYS B 497 10.40 -11.05 -1.94
CA LYS B 497 10.86 -10.90 -0.55
C LYS B 497 11.85 -9.75 -0.45
N PRO B 498 11.37 -8.55 -0.06
CA PRO B 498 12.21 -7.38 0.11
C PRO B 498 13.34 -7.60 1.11
N ILE B 499 14.53 -7.10 0.79
CA ILE B 499 15.69 -7.28 1.65
C ILE B 499 15.80 -6.14 2.67
N TYR B 500 15.63 -4.92 2.20
CA TYR B 500 15.74 -3.74 3.04
C TYR B 500 14.38 -3.12 3.37
N ASN B 501 14.12 -2.92 4.65
CA ASN B 501 12.90 -2.28 5.10
C ASN B 501 13.17 -0.85 5.56
N PRO B 502 12.82 0.14 4.73
CA PRO B 502 13.15 1.54 4.97
C PRO B 502 12.40 2.13 6.16
N SER B 503 12.93 3.22 6.70
CA SER B 503 12.31 3.93 7.81
C SER B 503 12.28 5.42 7.52
N HIS B 504 11.43 6.15 8.25
CA HIS B 504 11.36 7.60 8.11
C HIS B 504 12.58 8.24 8.75
N PRO B 505 13.07 9.34 8.15
CA PRO B 505 14.22 10.06 8.70
C PRO B 505 13.89 10.70 10.04
N LYS B 506 14.75 10.47 11.03
CA LYS B 506 14.54 11.04 12.35
C LYS B 506 14.63 12.56 12.32
N GLU B 507 13.92 13.21 13.24
CA GLU B 507 13.90 14.67 13.29
C GLU B 507 15.13 15.18 14.04
N GLU B 508 16.00 15.88 13.32
CA GLU B 508 17.24 16.38 13.90
C GLU B 508 17.08 17.79 14.45
N GLY B 509 15.97 18.45 14.11
CA GLY B 509 15.73 19.81 14.53
C GLY B 509 15.46 19.91 16.02
N PHE B 510 15.94 20.99 16.63
CA PHE B 510 15.69 21.23 18.05
C PHE B 510 14.35 21.93 18.21
N LEU B 511 13.29 21.13 18.38
CA LEU B 511 11.93 21.65 18.42
C LEU B 511 11.60 22.32 19.75
N SER B 512 11.32 23.62 19.69
CA SER B 512 10.96 24.40 20.87
C SER B 512 9.61 25.10 20.67
N GLN B 513 9.13 25.77 21.72
CA GLN B 513 7.84 26.44 21.67
C GLN B 513 7.98 27.95 21.84
N CYS B 514 7.12 28.71 21.16
CA CYS B 514 7.18 30.17 21.20
C CYS B 514 5.93 30.78 21.81
N PRO B 515 5.98 31.13 23.11
CA PRO B 515 4.83 31.78 23.73
C PRO B 515 4.85 33.30 23.57
N ILE B 516 3.82 33.94 24.09
CA ILE B 516 3.72 35.39 24.07
C ILE B 516 4.75 35.87 25.05
N LYS B 517 5.74 36.59 24.56
CA LYS B 517 6.85 36.97 25.41
C LYS B 517 7.17 38.45 25.29
N SER B 518 6.73 39.11 24.22
CA SER B 518 7.12 40.51 24.00
C SER B 518 5.93 41.45 23.92
N THR B 519 6.23 42.73 23.69
CA THR B 519 5.21 43.76 23.60
C THR B 519 5.17 44.44 22.25
N SER B 520 3.96 44.62 21.72
CA SER B 520 3.75 45.12 20.37
C SER B 520 4.17 46.58 20.21
N ASN B 521 5.04 46.81 19.24
CA ASN B 521 5.46 48.15 18.87
C ASN B 521 4.76 48.55 17.58
N ASP B 522 4.88 49.80 17.18
CA ASP B 522 4.17 50.29 16.00
C ASP B 522 4.84 49.86 14.70
N LEU B 523 4.06 49.19 13.85
CA LEU B 523 4.55 48.71 12.56
C LEU B 523 4.38 49.79 11.49
N GLY B 524 3.50 50.75 11.77
CA GLY B 524 3.23 51.86 10.86
C GLY B 524 2.55 51.46 9.58
N CYS B 525 1.42 50.76 9.71
CA CYS B 525 0.66 50.29 8.56
C CYS B 525 -0.81 50.74 8.58
N THR B 526 -1.35 51.02 7.40
CA THR B 526 -2.76 51.40 7.29
C THR B 526 -3.64 50.21 6.90
N CYS B 527 -4.61 49.90 7.74
CA CYS B 527 -5.51 48.77 7.53
C CYS B 527 -6.97 49.20 7.38
N ASP B 528 -7.54 48.95 6.20
CA ASP B 528 -8.92 49.30 5.93
C ASP B 528 -9.88 48.28 6.55
N PRO B 529 -10.95 48.78 7.19
CA PRO B 529 -11.98 47.94 7.83
C PRO B 529 -12.66 47.00 6.84
N ASP B 547 -8.85 22.46 20.07
CA ASP B 547 -7.46 22.84 19.79
C ASP B 547 -6.71 21.67 19.16
N ASP B 548 -7.01 20.47 19.64
CA ASP B 548 -6.40 19.26 19.10
C ASP B 548 -6.99 18.98 17.72
N ASP B 549 -8.22 19.47 17.55
CA ASP B 549 -8.99 19.34 16.33
C ASP B 549 -8.46 20.23 15.22
N ILE B 550 -8.02 21.43 15.59
CA ILE B 550 -7.55 22.40 14.61
C ILE B 550 -6.14 22.05 14.14
N TYR B 551 -5.43 21.24 14.93
CA TYR B 551 -4.10 20.79 14.55
C TYR B 551 -4.20 19.77 13.43
N HIS B 552 -4.94 18.69 13.68
CA HIS B 552 -5.12 17.61 12.71
C HIS B 552 -5.76 18.11 11.42
N MSE B 553 -6.50 19.22 11.52
CA MSE B 553 -7.20 19.77 10.36
C MSE B 553 -6.23 20.47 9.41
O MSE B 553 -6.45 20.51 8.20
CB MSE B 553 -8.26 20.75 10.84
CG MSE B 553 -9.48 20.84 9.94
SE MSE B 553 -11.03 21.56 10.89
CE MSE B 553 -11.20 20.20 12.28
N THR B 554 -5.13 20.99 9.96
CA THR B 554 -4.14 21.71 9.17
C THR B 554 -3.05 20.76 8.66
N VAL B 555 -2.71 19.76 9.46
CA VAL B 555 -1.76 18.73 9.06
C VAL B 555 -2.34 17.32 9.21
N PRO B 556 -3.27 16.95 8.30
CA PRO B 556 -4.00 15.69 8.41
C PRO B 556 -3.13 14.47 8.11
N TYR B 557 -1.95 14.70 7.55
CA TYR B 557 -1.05 13.61 7.20
C TYR B 557 0.16 13.63 8.12
N GLY B 558 0.14 14.54 9.10
CA GLY B 558 1.24 14.71 10.01
C GLY B 558 2.04 15.96 9.67
N ARG B 559 2.53 16.64 10.70
CA ARG B 559 3.35 17.83 10.50
C ARG B 559 4.65 17.46 9.82
N PRO B 560 5.20 18.37 9.00
CA PRO B 560 6.51 18.17 8.39
C PRO B 560 7.60 18.03 9.46
N ARG B 561 8.47 17.04 9.32
CA ARG B 561 9.55 16.84 10.27
C ARG B 561 10.79 17.63 9.84
N ILE B 562 11.50 18.18 10.82
CA ILE B 562 12.67 19.01 10.56
C ILE B 562 13.95 18.18 10.46
N LEU B 563 14.50 18.04 9.26
CA LEU B 563 15.71 17.25 9.07
C LEU B 563 16.98 18.10 9.24
N LEU B 564 16.80 19.39 9.49
CA LEU B 564 17.94 20.29 9.67
C LEU B 564 18.58 20.02 11.03
N LYS B 565 19.91 19.93 11.05
CA LYS B 565 20.65 19.65 12.29
C LYS B 565 21.68 20.73 12.55
N GLN B 566 21.51 21.47 13.64
CA GLN B 566 20.35 21.33 14.51
C GLN B 566 19.57 22.63 14.62
N HIS B 567 18.73 22.89 13.62
CA HIS B 567 18.01 24.14 13.52
C HIS B 567 16.97 24.29 14.64
N ARG B 568 16.76 25.53 15.10
CA ARG B 568 15.77 25.81 16.14
C ARG B 568 14.44 26.21 15.51
N VAL B 569 13.42 25.38 15.72
CA VAL B 569 12.11 25.60 15.12
C VAL B 569 10.99 25.63 16.14
N CYS B 570 10.10 26.61 16.02
CA CYS B 570 8.91 26.70 16.85
C CYS B 570 7.66 26.37 16.04
N LEU B 571 6.68 25.78 16.69
CA LEU B 571 5.41 25.45 16.05
C LEU B 571 4.34 26.46 16.42
N LEU B 572 3.98 27.31 15.47
CA LEU B 572 2.97 28.34 15.70
C LEU B 572 1.63 27.90 15.15
N GLN B 573 0.68 27.64 16.05
CA GLN B 573 -0.62 27.12 15.66
C GLN B 573 -1.65 28.21 15.44
N GLN B 574 -2.35 28.14 14.31
CA GLN B 574 -3.45 29.05 14.03
C GLN B 574 -4.72 28.24 13.76
N GLN B 575 -5.81 28.93 13.43
CA GLN B 575 -7.09 28.27 13.21
C GLN B 575 -7.30 27.82 11.78
N GLN B 576 -6.47 28.31 10.86
CA GLN B 576 -6.61 27.96 9.45
C GLN B 576 -5.35 27.28 8.91
N PHE B 577 -4.22 27.52 9.57
CA PHE B 577 -2.97 26.96 9.11
C PHE B 577 -2.01 26.65 10.26
N LEU B 578 -1.03 25.79 10.00
CA LEU B 578 0.02 25.50 10.96
C LEU B 578 1.36 25.86 10.32
N THR B 579 2.17 26.64 11.03
CA THR B 579 3.43 27.10 10.47
C THR B 579 4.65 26.74 11.31
N GLY B 580 5.68 26.21 10.65
CA GLY B 580 6.95 25.92 11.28
C GLY B 580 7.87 27.13 11.18
N TYR B 581 8.07 27.83 12.29
CA TYR B 581 8.84 29.06 12.27
C TYR B 581 10.30 28.83 12.67
N SER B 582 11.20 29.52 11.97
CA SER B 582 12.64 29.42 12.22
C SER B 582 13.15 30.57 13.09
N LEU B 583 13.89 30.24 14.15
CA LEU B 583 14.46 31.25 15.03
C LEU B 583 15.79 31.77 14.48
N ASP B 584 16.46 30.94 13.68
CA ASP B 584 17.75 31.29 13.10
C ASP B 584 17.59 32.19 11.88
N LEU B 585 16.44 32.09 11.24
CA LEU B 585 16.16 32.86 10.03
C LEU B 585 15.10 33.93 10.26
N LEU B 586 14.41 33.84 11.39
CA LEU B 586 13.32 34.77 11.73
C LEU B 586 12.25 34.79 10.64
N MSE B 587 12.01 33.64 10.03
CA MSE B 587 11.00 33.50 8.98
C MSE B 587 10.49 32.06 8.95
O MSE B 587 11.22 31.14 9.28
CB MSE B 587 11.56 33.92 7.63
CG MSE B 587 12.73 33.08 7.14
SE MSE B 587 13.46 33.77 5.47
CE MSE B 587 13.99 35.54 6.08
N PRO B 588 9.23 31.88 8.54
CA PRO B 588 8.61 30.55 8.52
C PRO B 588 9.28 29.61 7.53
N LEU B 589 9.55 28.37 7.97
CA LEU B 589 10.13 27.35 7.10
C LEU B 589 9.04 26.72 6.25
N TRP B 590 7.88 26.49 6.86
CA TRP B 590 6.74 25.91 6.16
C TRP B 590 5.42 26.34 6.76
N ALA B 591 4.36 26.31 5.96
CA ALA B 591 3.02 26.62 6.41
C ALA B 591 2.02 25.66 5.78
N SER B 592 1.31 24.90 6.61
CA SER B 592 0.37 23.90 6.10
C SER B 592 -1.08 24.31 6.37
N TYR B 593 -1.92 24.14 5.36
CA TYR B 593 -3.34 24.46 5.48
C TYR B 593 -4.18 23.63 4.52
N THR B 594 -5.47 23.53 4.82
CA THR B 594 -6.40 22.77 4.01
C THR B 594 -7.42 23.65 3.30
N PHE B 595 -7.49 23.51 1.97
CA PHE B 595 -8.41 24.30 1.17
C PHE B 595 -9.48 23.34 0.64
N LEU B 596 -10.71 23.54 1.10
CA LEU B 596 -11.84 22.66 0.82
C LEU B 596 -12.47 22.91 -0.55
N SER B 597 -13.53 22.16 -0.86
CA SER B 597 -14.13 22.22 -2.20
C SER B 597 -14.69 23.60 -2.55
N ASN B 598 -15.41 24.24 -1.64
CA ASN B 598 -15.90 25.58 -1.91
C ASN B 598 -15.96 26.45 -0.65
N ASP B 599 -14.91 27.23 -0.42
CA ASP B 599 -14.85 28.13 0.72
C ASP B 599 -13.82 29.23 0.50
N ASN B 608 -1.04 46.18 2.77
CA ASN B 608 -0.10 47.01 3.53
C ASN B 608 -0.36 46.87 5.06
N CYS B 609 -1.24 45.93 5.40
CA CYS B 609 -1.55 45.72 6.79
C CYS B 609 -0.99 44.39 7.26
N LEU B 610 -0.54 44.41 8.50
CA LEU B 610 0.00 43.24 9.14
C LEU B 610 -0.16 43.35 10.66
N TYR B 611 -0.17 42.19 11.31
CA TYR B 611 -0.31 42.15 12.75
C TYR B 611 0.95 41.54 13.36
N GLN B 612 1.45 42.16 14.43
CA GLN B 612 2.68 41.68 15.04
C GLN B 612 2.40 40.40 15.82
N ASP B 613 3.13 39.35 15.48
CA ASP B 613 3.02 38.08 16.21
C ASP B 613 3.88 38.16 17.47
N LEU B 614 3.22 38.28 18.61
CA LEU B 614 3.89 38.47 19.89
C LEU B 614 4.64 37.23 20.35
N ARG B 615 4.49 36.12 19.61
CA ARG B 615 5.15 34.87 19.97
C ARG B 615 6.57 34.79 19.42
N ILE B 616 6.86 35.60 18.42
CA ILE B 616 8.19 35.64 17.80
C ILE B 616 8.85 36.98 18.09
N PRO B 617 10.19 37.00 18.19
CA PRO B 617 10.88 38.28 18.40
C PRO B 617 10.70 39.22 17.22
N LEU B 618 10.55 40.52 17.51
CA LEU B 618 10.30 41.51 16.47
C LEU B 618 11.59 41.81 15.70
N SER B 619 11.47 41.89 14.38
CA SER B 619 12.58 42.25 13.51
C SER B 619 12.22 43.47 12.68
N PRO B 620 13.21 44.32 12.37
CA PRO B 620 12.97 45.52 11.55
C PRO B 620 12.36 45.19 10.19
N VAL B 621 12.52 43.94 9.73
CA VAL B 621 11.95 43.55 8.46
C VAL B 621 10.50 43.08 8.62
N HIS B 622 10.01 43.15 9.85
CA HIS B 622 8.62 42.79 10.14
C HIS B 622 7.71 44.01 10.03
N LYS B 623 8.29 45.19 10.19
CA LYS B 623 7.51 46.42 10.12
C LYS B 623 7.17 46.76 8.67
N CYS B 624 5.95 47.23 8.45
CA CYS B 624 5.49 47.56 7.10
C CYS B 624 6.19 48.82 6.57
N SER B 625 6.68 49.64 7.48
CA SER B 625 7.40 50.87 7.13
C SER B 625 8.70 50.54 6.41
N TYR B 626 9.18 49.32 6.59
CA TYR B 626 10.40 48.87 5.95
C TYR B 626 10.18 48.72 4.45
N TYR B 627 8.96 48.40 4.04
CA TYR B 627 8.65 48.17 2.63
C TYR B 627 7.93 49.36 1.98
N LYS B 628 8.55 49.92 0.93
CA LYS B 628 7.96 51.03 0.21
C LYS B 628 7.33 50.55 -1.10
N LEU B 633 11.34 44.65 -4.43
CA LEU B 633 11.40 43.73 -3.32
C LEU B 633 10.29 44.05 -2.31
N SER B 634 9.48 43.04 -1.98
CA SER B 634 8.42 43.20 -1.00
C SER B 634 8.28 41.94 -0.13
N TYR B 635 7.14 41.81 0.53
CA TYR B 635 6.83 40.65 1.33
C TYR B 635 5.63 39.90 0.74
N GLY B 636 5.66 38.57 0.82
CA GLY B 636 4.54 37.76 0.38
C GLY B 636 4.03 36.88 1.50
N PHE B 637 2.82 36.36 1.35
CA PHE B 637 2.26 35.45 2.34
C PHE B 637 2.42 34.00 1.91
N LEU B 638 2.76 33.13 2.85
CA LEU B 638 2.80 31.69 2.58
C LEU B 638 1.40 31.10 2.54
N THR B 639 0.54 31.56 3.43
CA THR B 639 -0.85 31.14 3.46
C THR B 639 -1.71 32.29 2.95
N PRO B 640 -2.52 32.01 1.92
CA PRO B 640 -3.38 33.06 1.35
C PRO B 640 -4.34 33.63 2.39
N PRO B 641 -4.40 34.96 2.50
CA PRO B 641 -5.25 35.65 3.47
C PRO B 641 -6.71 35.64 3.05
N ARG B 642 -6.95 35.31 1.79
CA ARG B 642 -8.29 35.32 1.23
C ARG B 642 -9.06 34.05 1.58
N LEU B 643 -8.53 33.30 2.54
CA LEU B 643 -9.17 32.07 2.99
C LEU B 643 -10.37 32.36 3.87
N ASN B 644 -11.43 31.55 3.69
CA ASN B 644 -12.69 31.73 4.42
C ASN B 644 -13.22 33.15 4.45
N HIS B 649 -16.07 38.60 4.89
CA HIS B 649 -15.07 38.42 5.94
C HIS B 649 -13.71 38.07 5.36
N ILE B 650 -12.68 38.16 6.19
CA ILE B 650 -11.32 37.82 5.78
C ILE B 650 -10.47 37.37 6.97
N TYR B 651 -9.77 36.25 6.81
CA TYR B 651 -8.93 35.70 7.87
C TYR B 651 -7.79 36.65 8.19
N SER B 652 -7.73 37.10 9.44
CA SER B 652 -6.76 38.12 9.84
C SER B 652 -5.44 37.52 10.33
N GLU B 653 -5.48 36.30 10.83
CA GLU B 653 -4.27 35.65 11.34
C GLU B 653 -3.30 35.29 10.22
N ALA B 654 -3.78 35.33 8.98
CA ALA B 654 -2.92 35.12 7.82
C ALA B 654 -2.11 36.37 7.54
N LEU B 655 -2.51 37.47 8.17
CA LEU B 655 -1.80 38.75 8.05
C LEU B 655 -0.82 38.92 9.20
N LEU B 656 -0.52 37.83 9.89
CA LEU B 656 0.47 37.82 10.97
C LEU B 656 1.89 37.98 10.42
N THR B 657 2.76 38.57 11.23
CA THR B 657 4.15 38.79 10.85
C THR B 657 4.86 37.47 10.58
N SER B 658 4.39 36.39 11.22
CA SER B 658 5.06 35.10 11.12
C SER B 658 4.62 34.36 9.85
N ASN B 659 3.86 35.04 9.01
CA ASN B 659 3.37 34.43 7.77
C ASN B 659 3.88 35.16 6.53
N ILE B 660 4.88 36.04 6.71
CA ILE B 660 5.43 36.78 5.58
C ILE B 660 6.84 36.33 5.23
N VAL B 661 7.15 36.38 3.94
CA VAL B 661 8.48 36.06 3.43
C VAL B 661 8.88 37.10 2.38
N PRO B 662 10.18 37.42 2.30
CA PRO B 662 10.66 38.37 1.29
C PRO B 662 10.35 37.88 -0.13
N MSE B 663 9.80 38.76 -0.96
CA MSE B 663 9.36 38.37 -2.29
C MSE B 663 9.50 39.50 -3.30
O MSE B 663 9.25 40.67 -2.99
CB MSE B 663 7.92 37.88 -2.23
CG MSE B 663 7.37 37.33 -3.54
SE MSE B 663 5.66 36.43 -3.32
CE MSE B 663 6.25 34.94 -2.20
N TYR B 664 9.93 39.15 -4.51
CA TYR B 664 10.03 40.12 -5.60
C TYR B 664 8.65 40.45 -6.14
N GLN B 665 8.48 41.65 -6.67
CA GLN B 665 7.19 42.06 -7.21
C GLN B 665 6.81 41.27 -8.46
N SER B 666 7.81 40.87 -9.23
CA SER B 666 7.57 40.11 -10.45
C SER B 666 7.07 38.71 -10.11
N PHE B 667 7.55 38.17 -8.99
CA PHE B 667 7.14 36.84 -8.54
C PHE B 667 5.77 36.90 -7.88
N GLN B 668 5.42 38.06 -7.33
CA GLN B 668 4.12 38.25 -6.70
C GLN B 668 3.01 38.10 -7.72
N VAL B 669 3.36 38.34 -8.99
CA VAL B 669 2.43 38.15 -10.09
C VAL B 669 2.07 36.68 -10.23
N ILE B 670 3.07 35.83 -10.00
CA ILE B 670 2.90 34.38 -10.12
C ILE B 670 2.28 33.79 -8.87
N TRP B 671 2.67 34.32 -7.72
CA TRP B 671 2.25 33.77 -6.43
C TRP B 671 0.76 34.05 -6.19
N HIS B 672 0.30 35.20 -6.65
CA HIS B 672 -1.10 35.59 -6.49
C HIS B 672 -2.03 34.80 -7.41
N TYR B 673 -1.61 34.61 -8.67
CA TYR B 673 -2.40 33.85 -9.62
C TYR B 673 -2.49 32.39 -9.20
N LEU B 674 -1.47 31.93 -8.50
CA LEU B 674 -1.42 30.55 -8.01
C LEU B 674 -2.50 30.31 -6.97
N HIS B 675 -2.80 31.33 -6.18
CA HIS B 675 -3.74 31.21 -5.08
C HIS B 675 -5.13 31.74 -5.40
N ASP B 676 -5.19 32.80 -6.21
CA ASP B 676 -6.47 33.43 -6.54
C ASP B 676 -7.21 32.66 -7.63
N THR B 677 -6.46 32.00 -8.51
CA THR B 677 -7.03 31.30 -9.65
C THR B 677 -6.80 29.80 -9.59
N LEU B 678 -5.53 29.40 -9.60
CA LEU B 678 -5.16 27.99 -9.68
C LEU B 678 -5.60 27.18 -8.45
N LEU B 679 -5.34 27.71 -7.27
CA LEU B 679 -5.62 26.97 -6.03
C LEU B 679 -7.10 26.67 -5.87
N GLN B 680 -7.94 27.62 -6.28
CA GLN B 680 -9.39 27.45 -6.18
C GLN B 680 -9.92 26.46 -7.20
N ARG B 681 -9.33 26.43 -8.39
CA ARG B 681 -9.75 25.51 -9.43
C ARG B 681 -9.42 24.07 -9.08
N TYR B 682 -8.25 23.87 -8.47
CA TYR B 682 -7.79 22.54 -8.09
C TYR B 682 -8.63 21.94 -6.97
N ALA B 683 -9.24 22.79 -6.15
CA ALA B 683 -10.09 22.33 -5.06
C ALA B 683 -11.41 21.75 -5.57
N HIS B 684 -11.85 22.21 -6.73
CA HIS B 684 -13.08 21.71 -7.32
C HIS B 684 -12.78 20.40 -8.05
N GLU B 685 -11.65 20.38 -8.75
CA GLU B 685 -11.23 19.22 -9.53
C GLU B 685 -10.81 18.05 -8.65
N ARG B 686 -10.15 18.36 -7.53
CA ARG B 686 -9.61 17.33 -6.65
C ARG B 686 -10.39 17.22 -5.35
N ASN B 687 -11.57 17.83 -5.32
CA ASN B 687 -12.44 17.84 -4.15
C ASN B 687 -11.72 18.35 -2.90
N GLY B 688 -11.06 19.49 -3.03
CA GLY B 688 -10.30 20.07 -1.93
C GLY B 688 -8.83 19.69 -2.02
N ILE B 689 -7.97 20.56 -1.51
CA ILE B 689 -6.53 20.29 -1.50
C ILE B 689 -5.88 20.70 -0.19
N ASN B 690 -4.91 19.92 0.26
CA ASN B 690 -4.07 20.32 1.38
C ASN B 690 -2.77 20.93 0.86
N VAL B 691 -2.47 22.15 1.30
CA VAL B 691 -1.32 22.88 0.78
C VAL B 691 -0.24 23.10 1.83
N VAL B 692 1.00 22.82 1.45
CA VAL B 692 2.15 23.16 2.27
C VAL B 692 3.13 24.00 1.46
N SER B 693 3.42 25.20 1.95
CA SER B 693 4.30 26.12 1.23
C SER B 693 5.41 26.65 2.12
N GLY B 694 6.47 27.15 1.49
CA GLY B 694 7.58 27.74 2.23
C GLY B 694 8.71 28.19 1.32
N PRO B 695 9.67 28.94 1.88
CA PRO B 695 10.81 29.49 1.15
C PRO B 695 11.89 28.44 0.92
N VAL B 696 12.68 28.60 -0.14
CA VAL B 696 13.76 27.68 -0.45
C VAL B 696 15.08 28.42 -0.59
N PHE B 697 16.10 27.95 0.10
CA PHE B 697 17.42 28.58 0.06
C PHE B 697 18.49 27.60 -0.40
N ASP B 698 18.81 27.64 -1.69
CA ASP B 698 19.88 26.82 -2.24
C ASP B 698 20.77 27.65 -3.16
N PHE B 699 21.68 28.41 -2.55
CA PHE B 699 22.56 29.31 -3.30
C PHE B 699 23.68 28.56 -3.99
N ASP B 700 24.02 27.38 -3.47
CA ASP B 700 25.08 26.57 -4.04
C ASP B 700 24.57 25.62 -5.12
N TYR B 701 23.30 25.78 -5.47
CA TYR B 701 22.65 24.99 -6.53
C TYR B 701 23.01 23.50 -6.57
N ASP B 702 23.01 22.86 -5.41
CA ASP B 702 23.33 21.44 -5.33
C ASP B 702 22.06 20.61 -5.16
N GLY B 703 20.93 21.30 -4.99
CA GLY B 703 19.66 20.62 -4.84
C GLY B 703 19.34 20.30 -3.39
N ARG B 704 20.23 20.68 -2.50
CA ARG B 704 20.04 20.42 -1.07
C ARG B 704 20.05 21.72 -0.26
N TYR B 705 19.49 21.68 0.94
CA TYR B 705 19.40 22.88 1.76
C TYR B 705 20.77 23.37 2.20
N ASP B 706 20.91 24.69 2.32
CA ASP B 706 22.18 25.31 2.64
C ASP B 706 22.47 25.31 4.13
N SER B 707 23.75 25.25 4.49
CA SER B 707 24.16 25.32 5.88
C SER B 707 24.11 26.76 6.38
N LEU B 708 24.24 26.93 7.68
CA LEU B 708 24.18 28.26 8.30
C LEU B 708 25.33 29.13 7.82
N GLU B 709 26.46 28.49 7.52
CA GLU B 709 27.65 29.21 7.11
C GLU B 709 27.51 29.93 5.78
N ILE B 710 27.05 29.22 4.74
CA ILE B 710 26.89 29.84 3.43
C ILE B 710 25.62 30.70 3.37
N LEU B 711 24.66 30.41 4.24
CA LEU B 711 23.44 31.21 4.34
C LEU B 711 23.76 32.62 4.80
N LYS B 712 24.70 32.75 5.74
CA LYS B 712 25.09 34.06 6.26
C LYS B 712 25.92 34.81 5.23
N GLN B 713 26.56 34.06 4.33
CA GLN B 713 27.40 34.61 3.28
C GLN B 713 26.61 35.20 2.12
N ASN B 714 25.40 34.70 1.93
CA ASN B 714 24.55 35.13 0.82
C ASN B 714 23.44 36.08 1.25
N SER B 715 23.55 36.60 2.47
CA SER B 715 22.57 37.53 3.01
C SER B 715 22.84 38.96 2.55
N ARG B 716 22.06 39.40 1.57
CA ARG B 716 22.19 40.75 1.02
C ARG B 716 21.72 41.78 2.04
N VAL B 717 22.10 43.03 1.81
CA VAL B 717 21.65 44.14 2.64
C VAL B 717 20.84 45.18 1.90
N ILE B 718 19.63 45.48 2.40
CA ILE B 718 18.79 46.48 1.77
C ILE B 718 18.10 47.32 2.83
N ARG B 719 18.05 48.63 2.61
CA ARG B 719 17.42 49.59 3.51
C ARG B 719 18.03 49.54 4.92
N SER B 720 19.34 49.34 4.98
CA SER B 720 20.11 49.34 6.23
C SER B 720 19.83 48.12 7.10
N GLN B 721 19.21 47.10 6.53
CA GLN B 721 18.92 45.87 7.27
C GLN B 721 19.33 44.64 6.45
N GLU B 722 19.73 43.58 7.15
CA GLU B 722 20.15 42.34 6.51
C GLU B 722 18.96 41.45 6.15
N ILE B 723 18.89 41.03 4.89
CA ILE B 723 17.78 40.20 4.44
C ILE B 723 18.27 39.00 3.62
N LEU B 724 17.78 37.81 3.97
CA LEU B 724 18.03 36.59 3.20
C LEU B 724 16.85 36.30 2.26
N ILE B 725 17.06 36.49 0.96
CA ILE B 725 15.99 36.30 -0.01
C ILE B 725 16.03 34.90 -0.62
N PRO B 726 14.87 34.24 -0.69
CA PRO B 726 14.74 32.86 -1.17
C PRO B 726 15.10 32.71 -2.64
N THR B 727 15.79 31.62 -2.97
CA THR B 727 16.12 31.31 -4.35
C THR B 727 14.90 30.71 -5.03
N HIS B 728 14.12 29.96 -4.26
CA HIS B 728 12.89 29.35 -4.77
C HIS B 728 11.78 29.38 -3.72
N PHE B 729 10.58 28.99 -4.16
CA PHE B 729 9.45 28.77 -3.27
C PHE B 729 8.80 27.43 -3.59
N PHE B 730 8.68 26.58 -2.58
CA PHE B 730 8.05 25.28 -2.80
C PHE B 730 6.58 25.28 -2.41
N ILE B 731 5.81 24.42 -3.07
CA ILE B 731 4.41 24.23 -2.75
C ILE B 731 3.99 22.80 -3.07
N VAL B 732 3.48 22.09 -2.07
CA VAL B 732 3.07 20.71 -2.25
C VAL B 732 1.57 20.56 -2.13
N LEU B 733 0.95 20.07 -3.19
CA LEU B 733 -0.50 19.88 -3.21
C LEU B 733 -0.83 18.41 -2.98
N THR B 734 -1.61 18.14 -1.95
CA THR B 734 -2.00 16.77 -1.62
C THR B 734 -3.52 16.61 -1.65
N SER B 735 -4.00 15.57 -2.33
CA SER B 735 -5.42 15.29 -2.38
C SER B 735 -5.68 13.79 -2.28
N CYS B 736 -6.96 13.41 -2.36
CA CYS B 736 -7.33 12.01 -2.29
C CYS B 736 -7.38 11.40 -3.69
N LYS B 737 -7.02 10.12 -3.78
CA LYS B 737 -7.07 9.41 -5.04
C LYS B 737 -8.52 9.12 -5.40
N GLN B 738 -9.37 9.11 -4.37
CA GLN B 738 -10.80 8.93 -4.55
C GLN B 738 -11.50 10.28 -4.37
N LEU B 739 -12.13 10.76 -5.43
CA LEU B 739 -12.72 12.10 -5.44
C LEU B 739 -13.90 12.23 -4.47
N SER B 740 -14.36 11.11 -3.93
CA SER B 740 -15.47 11.12 -2.98
C SER B 740 -15.01 11.58 -1.60
N GLU B 741 -13.69 11.61 -1.41
CA GLU B 741 -13.12 11.94 -0.10
C GLU B 741 -12.50 13.32 -0.08
N THR B 742 -12.61 14.00 1.06
CA THR B 742 -11.95 15.28 1.27
C THR B 742 -10.55 15.01 1.79
N PRO B 743 -9.62 15.97 1.64
CA PRO B 743 -8.24 15.82 2.10
C PRO B 743 -8.09 15.41 3.57
N LEU B 744 -9.17 15.45 4.34
CA LEU B 744 -9.13 15.08 5.74
C LEU B 744 -9.49 13.61 5.97
N GLU B 745 -9.84 12.92 4.89
CA GLU B 745 -10.29 11.53 4.99
C GLU B 745 -9.80 10.69 3.82
N CYS B 746 -8.60 10.98 3.35
CA CYS B 746 -8.02 10.25 2.22
C CYS B 746 -7.69 8.81 2.59
N SER B 747 -8.03 7.88 1.70
CA SER B 747 -7.61 6.49 1.85
C SER B 747 -6.24 6.32 1.21
N ALA B 748 -6.05 6.98 0.08
CA ALA B 748 -4.75 7.04 -0.58
C ALA B 748 -4.47 8.48 -1.01
N LEU B 749 -3.19 8.82 -1.16
CA LEU B 749 -2.80 10.19 -1.44
C LEU B 749 -2.57 10.49 -2.93
N GLU B 750 -2.65 11.78 -3.27
CA GLU B 750 -2.38 12.26 -4.61
C GLU B 750 -1.51 13.51 -4.52
N SER B 751 -0.19 13.32 -4.57
CA SER B 751 0.73 14.43 -4.34
C SER B 751 1.23 15.06 -5.64
N SER B 752 1.53 16.35 -5.57
CA SER B 752 2.16 17.08 -6.67
C SER B 752 2.91 18.29 -6.12
N ALA B 753 4.22 18.29 -6.29
CA ALA B 753 5.06 19.36 -5.76
C ALA B 753 5.60 20.27 -6.86
N TYR B 754 5.93 21.49 -6.47
CA TYR B 754 6.51 22.46 -7.39
C TYR B 754 7.62 23.22 -6.67
N ILE B 755 8.71 23.48 -7.40
CA ILE B 755 9.77 24.33 -6.88
C ILE B 755 9.95 25.52 -7.82
N LEU B 756 9.29 26.62 -7.50
CA LEU B 756 9.25 27.79 -8.38
C LEU B 756 10.44 28.71 -8.16
N PRO B 757 11.14 29.05 -9.25
CA PRO B 757 12.30 29.95 -9.20
C PRO B 757 11.88 31.37 -8.81
N HIS B 758 12.60 31.95 -7.86
CA HIS B 758 12.33 33.30 -7.40
C HIS B 758 13.18 34.30 -8.16
N ARG B 759 12.61 34.87 -9.22
CA ARG B 759 13.35 35.78 -10.10
C ARG B 759 12.88 37.23 -9.94
N PRO B 760 13.82 38.18 -10.04
CA PRO B 760 13.50 39.61 -9.97
C PRO B 760 12.70 40.07 -11.19
N ASP B 761 12.76 39.29 -12.25
CA ASP B 761 12.02 39.59 -13.48
C ASP B 761 11.42 38.33 -14.11
N ASN B 762 10.63 38.52 -15.15
CA ASN B 762 10.00 37.39 -15.84
C ASN B 762 10.53 37.20 -17.25
N ILE B 763 11.85 37.22 -17.40
CA ILE B 763 12.48 37.04 -18.69
C ILE B 763 12.35 35.59 -19.17
N GLU B 764 12.32 34.67 -18.21
CA GLU B 764 12.22 33.24 -18.51
C GLU B 764 10.90 32.92 -19.20
N SER B 765 9.85 33.65 -18.85
CA SER B 765 8.51 33.33 -19.33
C SER B 765 8.16 34.02 -20.64
N CYS B 766 8.89 35.09 -20.95
CA CYS B 766 8.60 35.95 -22.10
C CYS B 766 7.16 36.42 -22.05
N THR B 767 6.78 37.15 -21.00
CA THR B 767 5.37 37.52 -20.88
C THR B 767 4.84 38.43 -21.98
N HIS B 768 5.67 39.32 -22.51
CA HIS B 768 5.22 40.21 -23.57
C HIS B 768 4.67 39.47 -24.79
N GLY B 769 3.37 39.50 -25.03
CA GLY B 769 2.86 38.74 -26.15
C GLY B 769 1.88 37.64 -25.83
N LYS B 770 1.84 37.25 -24.56
CA LYS B 770 0.94 36.20 -24.12
C LYS B 770 -0.09 36.60 -23.09
N ARG B 771 -0.94 35.64 -22.75
CA ARG B 771 -1.96 35.81 -21.73
C ARG B 771 -1.45 35.31 -20.39
N GLU B 772 -1.89 35.98 -19.33
CA GLU B 772 -1.41 35.70 -17.99
C GLU B 772 -1.74 34.27 -17.57
N SER B 773 -2.94 33.82 -17.95
CA SER B 773 -3.39 32.49 -17.59
C SER B 773 -2.60 31.40 -18.30
N SER B 774 -1.84 31.79 -19.31
CA SER B 774 -1.08 30.82 -20.10
C SER B 774 0.35 30.61 -19.60
N TRP B 775 1.14 31.68 -19.53
CA TRP B 775 2.57 31.55 -19.22
C TRP B 775 2.85 31.14 -17.77
N VAL B 776 1.94 31.48 -16.87
CA VAL B 776 2.09 31.15 -15.46
C VAL B 776 1.98 29.65 -15.26
N GLU B 777 0.91 29.07 -15.79
CA GLU B 777 0.67 27.64 -15.71
C GLU B 777 1.81 26.86 -16.37
N GLU B 778 2.38 27.44 -17.43
CA GLU B 778 3.50 26.81 -18.12
C GLU B 778 4.77 26.85 -17.28
N LEU B 779 4.87 27.85 -16.41
CA LEU B 779 6.02 27.97 -15.52
C LEU B 779 5.87 26.99 -14.36
N LEU B 780 4.64 26.86 -13.87
CA LEU B 780 4.33 25.92 -12.81
C LEU B 780 4.63 24.49 -13.28
N THR B 781 4.13 24.15 -14.46
CA THR B 781 4.27 22.81 -15.01
C THR B 781 5.74 22.47 -15.32
N LEU B 782 6.49 23.47 -15.75
CA LEU B 782 7.90 23.26 -16.10
C LEU B 782 8.72 22.99 -14.85
N HIS B 783 8.34 23.65 -13.76
CA HIS B 783 9.08 23.51 -12.50
C HIS B 783 8.38 22.61 -11.50
N ARG B 784 7.61 21.65 -12.01
CA ARG B 784 7.04 20.60 -11.18
C ARG B 784 8.21 19.76 -10.66
N ALA B 785 8.06 19.19 -9.47
CA ALA B 785 9.15 18.43 -8.87
C ALA B 785 8.64 17.29 -8.00
N ARG B 786 9.52 16.34 -7.72
CA ARG B 786 9.19 15.27 -6.79
C ARG B 786 9.05 15.86 -5.39
N VAL B 787 8.25 15.21 -4.55
CA VAL B 787 8.13 15.62 -3.16
C VAL B 787 9.47 15.39 -2.47
N THR B 788 10.19 14.38 -2.93
CA THR B 788 11.54 14.09 -2.43
C THR B 788 12.48 15.26 -2.73
N ASP B 789 12.32 15.85 -3.91
CA ASP B 789 13.12 17.01 -4.32
C ASP B 789 12.93 18.18 -3.37
N VAL B 790 11.68 18.41 -2.98
CA VAL B 790 11.37 19.47 -2.03
C VAL B 790 11.98 19.15 -0.67
N GLU B 791 11.88 17.88 -0.28
CA GLU B 791 12.43 17.42 0.98
C GLU B 791 13.94 17.63 1.03
N LEU B 792 14.60 17.24 -0.05
CA LEU B 792 16.06 17.30 -0.13
C LEU B 792 16.57 18.74 -0.09
N ILE B 793 15.78 19.65 -0.66
CA ILE B 793 16.20 21.04 -0.80
C ILE B 793 15.74 21.92 0.37
N THR B 794 14.83 21.40 1.19
CA THR B 794 14.34 22.15 2.34
C THR B 794 14.69 21.50 3.67
N GLY B 795 15.06 20.22 3.62
CA GLY B 795 15.40 19.48 4.82
C GLY B 795 14.16 19.20 5.66
N LEU B 796 13.06 18.93 4.98
CA LEU B 796 11.80 18.62 5.67
C LEU B 796 11.34 17.23 5.27
N SER B 797 10.50 16.62 6.11
CA SER B 797 9.98 15.29 5.82
C SER B 797 8.46 15.27 5.93
N PHE B 798 7.80 14.88 4.84
CA PHE B 798 6.35 14.90 4.79
C PHE B 798 5.71 13.52 4.96
N TYR B 799 4.43 13.52 5.33
CA TYR B 799 3.60 12.32 5.38
C TYR B 799 4.08 11.24 6.35
N GLN B 800 4.74 11.63 7.43
CA GLN B 800 5.29 10.63 8.36
C GLN B 800 4.23 9.93 9.20
N ASP B 801 3.11 10.60 9.46
CA ASP B 801 2.04 10.01 10.25
C ASP B 801 1.00 9.34 9.35
N ARG B 802 1.29 9.30 8.06
CA ARG B 802 0.41 8.72 7.06
C ARG B 802 0.35 7.20 7.24
N GLN B 803 -0.80 6.60 6.95
CA GLN B 803 -1.02 5.18 7.22
C GLN B 803 -0.17 4.24 6.37
N GLU B 804 0.17 4.64 5.15
CA GLU B 804 0.97 3.78 4.27
C GLU B 804 2.37 3.56 4.83
N SER B 805 3.00 2.47 4.42
CA SER B 805 4.34 2.14 4.89
C SER B 805 5.35 3.09 4.28
N VAL B 806 6.57 3.08 4.81
CA VAL B 806 7.64 3.94 4.32
C VAL B 806 7.91 3.70 2.84
N SER B 807 8.00 2.44 2.45
CA SER B 807 8.26 2.05 1.07
C SER B 807 7.17 2.58 0.13
N GLU B 808 5.92 2.53 0.58
CA GLU B 808 4.81 3.05 -0.21
C GLU B 808 4.91 4.57 -0.33
N LEU B 809 5.26 5.22 0.77
CA LEU B 809 5.38 6.68 0.80
C LEU B 809 6.56 7.20 -0.02
N LEU B 810 7.62 6.41 -0.10
CA LEU B 810 8.77 6.75 -0.95
C LEU B 810 8.33 6.73 -2.41
N ARG B 811 7.52 5.74 -2.75
CA ARG B 811 6.96 5.59 -4.08
C ARG B 811 6.14 6.83 -4.45
N LEU B 812 5.41 7.35 -3.46
CA LEU B 812 4.55 8.51 -3.66
C LEU B 812 5.39 9.76 -3.89
N LYS B 813 6.50 9.88 -3.15
CA LYS B 813 7.33 11.09 -3.19
C LYS B 813 8.25 11.16 -4.40
N THR B 814 8.52 10.03 -5.03
CA THR B 814 9.40 10.02 -6.19
C THR B 814 8.67 10.09 -7.52
N HIS B 815 7.38 10.42 -7.48
CA HIS B 815 6.56 10.40 -8.68
C HIS B 815 6.61 11.74 -9.41
N LEU B 816 6.62 11.67 -10.73
CA LEU B 816 6.50 12.84 -11.58
C LEU B 816 5.62 12.49 -12.78
N PRO B 817 4.73 13.41 -13.19
CA PRO B 817 3.90 13.15 -14.35
C PRO B 817 4.70 13.27 -15.65
N ILE B 818 4.38 12.42 -16.63
CA ILE B 818 5.08 12.46 -17.91
C ILE B 818 4.37 13.44 -18.83
N PHE B 819 5.14 14.34 -19.43
CA PHE B 819 4.60 15.30 -20.39
C PHE B 819 4.20 14.58 -21.67
N SER B 820 2.99 14.87 -22.13
CA SER B 820 2.45 14.27 -23.37
C SER B 820 2.43 12.75 -23.29
C1 NAG C . -7.34 -20.58 14.95
C2 NAG C . -7.61 -21.76 14.03
C3 NAG C . -7.53 -23.09 14.79
C4 NAG C . -6.32 -23.16 15.74
C5 NAG C . -6.05 -21.84 16.46
C6 NAG C . -4.70 -21.86 17.15
C7 NAG C . -9.03 -21.36 12.11
C8 NAG C . -10.42 -21.12 11.60
N2 NAG C . -8.91 -21.63 13.42
O3 NAG C . -7.48 -24.15 13.87
O4 NAG C . -6.58 -24.16 16.69
O5 NAG C . -6.09 -20.75 15.57
O6 NAG C . -3.67 -21.88 16.17
O7 NAG C . -8.07 -21.30 11.35
C1 NAG C . -5.75 -25.32 16.49
C2 NAG C . -5.60 -26.03 17.83
C3 NAG C . -4.86 -27.37 17.69
C4 NAG C . -5.35 -28.17 16.50
C5 NAG C . -5.44 -27.31 15.25
C6 NAG C . -6.01 -28.09 14.07
C7 NAG C . -5.57 -24.46 19.67
C8 NAG C . -4.75 -23.72 20.67
N2 NAG C . -4.91 -25.16 18.76
O3 NAG C . -5.04 -28.11 18.88
O4 NAG C . -4.45 -29.25 16.29
O5 NAG C . -6.27 -26.19 15.50
O6 NAG C . -7.32 -28.51 14.38
O7 NAG C . -6.80 -24.42 19.72
C1 BMA C . -5.11 -30.50 16.57
C2 BMA C . -4.45 -31.61 15.75
C3 BMA C . -5.16 -32.94 15.97
C4 BMA C . -5.38 -33.23 17.44
C5 BMA C . -5.94 -31.99 18.15
C6 BMA C . -6.16 -32.20 19.64
O2 BMA C . -3.10 -31.74 16.15
O3 BMA C . -4.41 -33.97 15.37
O4 BMA C . -6.30 -34.30 17.58
O5 BMA C . -5.10 -30.88 17.92
O6 BMA C . -4.95 -32.50 20.32
C1 MAN C . -5.15 -33.70 21.10
C2 MAN C . -3.80 -34.27 21.53
C3 MAN C . -3.50 -35.65 20.91
C4 MAN C . -4.69 -36.59 21.08
C5 MAN C . -6.05 -35.91 20.96
C6 MAN C . -6.79 -35.83 22.30
O2 MAN C . -3.76 -34.36 22.93
O3 MAN C . -2.40 -36.26 21.55
O4 MAN C . -4.60 -37.60 20.08
O5 MAN C . -5.91 -34.64 20.36
O6 MAN C . -7.82 -36.79 22.33
C1 MAN C . -1.15 -36.10 20.85
C2 MAN C . -0.40 -34.85 21.32
C3 MAN C . 0.13 -34.07 20.13
C4 MAN C . 0.83 -35.01 19.17
C5 MAN C . -0.11 -36.12 18.71
C6 MAN C . 0.56 -37.48 18.84
O2 MAN C . 0.67 -35.23 22.16
O3 MAN C . 1.05 -33.10 20.59
O4 MAN C . 1.30 -34.29 18.05
O5 MAN C . -1.32 -36.07 19.45
O6 MAN C . 1.81 -37.46 18.20
C1 MAN C . -4.58 -33.90 13.94
C2 MAN C . -5.08 -35.25 13.41
C3 MAN C . -3.99 -36.31 13.61
C4 MAN C . -2.67 -35.83 13.02
C5 MAN C . -2.33 -34.44 13.54
C6 MAN C . -1.05 -33.91 12.90
O2 MAN C . -5.40 -35.15 12.05
O3 MAN C . -4.38 -37.49 12.96
O4 MAN C . -1.64 -36.72 13.39
O5 MAN C . -3.39 -33.56 13.26
O6 MAN C . -0.67 -32.71 13.52
C1 NAG D . 23.29 12.65 -4.61
C2 NAG D . 23.28 13.98 -3.86
C3 NAG D . 24.69 14.49 -3.63
C4 NAG D . 25.66 13.41 -3.16
C5 NAG D . 25.44 12.07 -3.85
C6 NAG D . 26.19 10.96 -3.12
C7 NAG D . 21.34 15.39 -4.17
C8 NAG D . 20.57 16.30 -5.07
N2 NAG D . 22.51 14.95 -4.61
O3 NAG D . 24.66 15.54 -2.68
O4 NAG D . 26.97 13.88 -3.44
O5 NAG D . 24.08 11.73 -3.90
O6 NAG D . 25.70 10.88 -1.79
O7 NAG D . 20.87 15.07 -3.06
C1 NAG D . 27.72 14.07 -2.23
C2 NAG D . 29.20 13.86 -2.56
C3 NAG D . 30.10 14.11 -1.36
C4 NAG D . 29.75 15.46 -0.72
C5 NAG D . 28.25 15.53 -0.44
C6 NAG D . 27.88 16.87 0.18
C7 NAG D . 29.58 12.32 -4.38
C8 NAG D . 30.05 10.95 -4.79
N2 NAG D . 29.41 12.52 -3.08
O3 NAG D . 31.45 14.14 -1.78
O4 NAG D . 30.47 15.61 0.47
O5 NAG D . 27.52 15.33 -1.63
O6 NAG D . 28.29 17.91 -0.67
O7 NAG D . 29.36 13.18 -5.23
C1 NAG E . -25.05 -33.77 35.36
C2 NAG E . -25.01 -35.01 36.25
C3 NAG E . -26.22 -35.07 37.17
C4 NAG E . -26.47 -33.73 37.86
C5 NAG E . -26.43 -32.58 36.86
C6 NAG E . -26.55 -31.25 37.59
C7 NAG E . -23.87 -36.99 35.43
C8 NAG E . -23.81 -38.03 34.35
N2 NAG E . -24.95 -36.21 35.44
O3 NAG E . -26.02 -36.07 38.15
O4 NAG E . -27.72 -33.77 38.50
O5 NAG E . -25.24 -32.60 36.13
O6 NAG E . -25.42 -31.06 38.41
O7 NAG E . -22.96 -36.89 36.26
C1 NAG F . -15.85 -4.88 46.23
C2 NAG F . -15.70 -5.53 47.60
C3 NAG F . -16.14 -4.61 48.73
C4 NAG F . -15.55 -3.21 48.57
C5 NAG F . -15.78 -2.69 47.18
C6 NAG F . -15.11 -1.33 46.99
C7 NAG F . -15.90 -7.92 47.99
C8 NAG F . -16.67 -9.17 47.67
N2 NAG F . -16.46 -6.77 47.65
O3 NAG F . -15.72 -5.17 49.96
O4 NAG F . -16.15 -2.34 49.51
O5 NAG F . -15.26 -3.60 46.21
O6 NAG F . -13.73 -1.45 47.28
O7 NAG F . -14.80 -7.99 48.55
P AMP G . -21.98 -7.94 28.83
O1P AMP G . -21.80 -9.19 27.99
O2P AMP G . -21.62 -6.61 28.20
O3P AMP G . -23.41 -7.89 29.32
O5' AMP G . -21.22 -8.11 30.21
C5' AMP G . -21.29 -7.10 31.21
C4' AMP G . -21.44 -7.70 32.59
O4' AMP G . -20.30 -8.56 32.86
C3' AMP G . -21.49 -6.69 33.73
O3' AMP G . -22.49 -7.09 34.67
C2' AMP G . -20.11 -6.80 34.37
O2' AMP G . -20.06 -6.48 35.75
C1' AMP G . -19.78 -8.27 34.13
N9 AMP G . -18.34 -8.57 34.12
C8 AMP G . -17.39 -7.88 33.47
N7 AMP G . -16.16 -8.41 33.69
C5 AMP G . -16.32 -9.47 34.49
C6 AMP G . -15.43 -10.49 35.11
N6 AMP G . -14.09 -10.47 34.90
N1 AMP G . -16.00 -11.43 35.89
C2 AMP G . -17.33 -11.45 36.11
N3 AMP G . -18.19 -10.56 35.59
C4 AMP G . -17.76 -9.57 34.79
ZN ZN H . -19.81 -6.25 27.30
ZN ZN I . -23.49 -5.70 28.22
CA CA J . -11.37 -29.24 8.03
C1 NAG K . 44.48 23.82 -22.61
C2 NAG K . 45.87 24.46 -22.66
C3 NAG K . 46.24 24.86 -24.08
C4 NAG K . 45.99 23.72 -25.05
C5 NAG K . 44.57 23.21 -24.89
C6 NAG K . 44.29 22.06 -25.85
C7 NAG K . 46.58 25.58 -20.63
C8 NAG K . 46.50 26.82 -19.78
N2 NAG K . 45.91 25.61 -21.78
O3 NAG K . 47.61 25.24 -24.12
O4 NAG K . 46.19 24.17 -26.37
O5 NAG K . 44.36 22.78 -23.56
O6 NAG K . 45.21 21.01 -25.62
O7 NAG K . 47.22 24.61 -20.25
C1 NAG L . 36.38 -5.76 -32.88
C2 NAG L . 37.86 -5.90 -33.20
C3 NAG L . 38.12 -6.68 -34.48
C4 NAG L . 37.27 -7.93 -34.56
C5 NAG L . 35.82 -7.59 -34.28
C6 NAG L . 34.93 -8.83 -34.36
C7 NAG L . 39.32 -4.14 -32.38
C8 NAG L . 39.86 -2.76 -32.58
N2 NAG L . 38.46 -4.57 -33.30
O3 NAG L . 39.49 -7.01 -34.56
O4 NAG L . 37.40 -8.53 -35.83
O5 NAG L . 35.70 -7.00 -33.00
O6 NAG L . 35.39 -9.80 -33.44
O7 NAG L . 39.68 -4.82 -31.42
P AMP M . 23.87 7.31 -27.89
O1P AMP M . 23.99 8.42 -26.86
O2P AMP M . 22.63 6.46 -27.88
O3P AMP M . 24.07 7.90 -29.27
O5' AMP M . 25.16 6.39 -27.81
C5' AMP M . 25.30 5.26 -28.68
C4' AMP M . 26.69 5.19 -29.27
O4' AMP M . 27.65 4.96 -28.20
C3' AMP M . 26.90 4.07 -30.29
O3' AMP M . 27.69 4.56 -31.38
C2' AMP M . 27.70 3.03 -29.52
O2' AMP M . 28.55 2.22 -30.32
C1' AMP M . 28.51 3.90 -28.56
N9 AMP M . 28.93 3.21 -27.33
C8 AMP M . 28.15 2.40 -26.58
N7 AMP M . 28.83 1.92 -25.51
C5 AMP M . 30.09 2.40 -25.58
C6 AMP M . 31.31 2.28 -24.78
N6 AMP M . 31.35 1.52 -23.66
N1 AMP M . 32.42 2.95 -25.19
C2 AMP M . 32.39 3.72 -26.31
N3 AMP M . 31.31 3.87 -27.08
C4 AMP M . 30.14 3.25 -26.78
ZN ZN N . 21.99 5.49 -26.15
ZN ZN O . 21.66 7.20 -29.57
CA CA P . 22.71 23.59 -0.77
#